data_4JM1
# 
_entry.id   4JM1 
# 
_audit_conform.dict_name       mmcif_pdbx.dic 
_audit_conform.dict_version    5.399 
_audit_conform.dict_location   http://mmcif.pdb.org/dictionaries/ascii/mmcif_pdbx.dic 
# 
loop_
_database_2.database_id 
_database_2.database_code 
_database_2.pdbx_database_accession 
_database_2.pdbx_DOI 
PDB   4JM1         pdb_00004jm1 10.2210/pdb4jm1/pdb 
RCSB  RCSB078215   ?            ?                   
WWPDB D_1000078215 ?            ?                   
# 
loop_
_pdbx_audit_revision_history.ordinal 
_pdbx_audit_revision_history.data_content_type 
_pdbx_audit_revision_history.major_revision 
_pdbx_audit_revision_history.minor_revision 
_pdbx_audit_revision_history.revision_date 
1 'Structure model' 1 0 2013-04-03 
2 'Structure model' 1 1 2014-12-24 
3 'Structure model' 1 2 2017-11-15 
4 'Structure model' 1 3 2018-01-24 
5 'Structure model' 1 4 2023-02-01 
6 'Structure model' 1 5 2024-11-27 
# 
_pdbx_audit_revision_details.ordinal             1 
_pdbx_audit_revision_details.revision_ordinal    1 
_pdbx_audit_revision_details.data_content_type   'Structure model' 
_pdbx_audit_revision_details.provider            repository 
_pdbx_audit_revision_details.type                'Initial release' 
_pdbx_audit_revision_details.description         ? 
_pdbx_audit_revision_details.details             ? 
# 
loop_
_pdbx_audit_revision_group.ordinal 
_pdbx_audit_revision_group.revision_ordinal 
_pdbx_audit_revision_group.data_content_type 
_pdbx_audit_revision_group.group 
1 2 'Structure model' 'Structure summary'      
2 3 'Structure model' 'Refinement description' 
3 4 'Structure model' 'Database references'    
4 5 'Structure model' 'Database references'    
5 5 'Structure model' 'Derived calculations'   
6 6 'Structure model' 'Data collection'        
7 6 'Structure model' 'Structure summary'      
# 
loop_
_pdbx_audit_revision_category.ordinal 
_pdbx_audit_revision_category.revision_ordinal 
_pdbx_audit_revision_category.data_content_type 
_pdbx_audit_revision_category.category 
1  3 'Structure model' software                  
2  4 'Structure model' citation_author           
3  5 'Structure model' database_2                
4  5 'Structure model' struct_conn               
5  5 'Structure model' struct_ref_seq_dif        
6  5 'Structure model' struct_site               
7  6 'Structure model' chem_comp_atom            
8  6 'Structure model' chem_comp_bond            
9  6 'Structure model' pdbx_entry_details        
10 6 'Structure model' pdbx_modification_feature 
# 
loop_
_pdbx_audit_revision_item.ordinal 
_pdbx_audit_revision_item.revision_ordinal 
_pdbx_audit_revision_item.data_content_type 
_pdbx_audit_revision_item.item 
1  3 'Structure model' '_software.classification'                     
2  3 'Structure model' '_software.name'                               
3  4 'Structure model' '_citation_author.name'                        
4  5 'Structure model' '_database_2.pdbx_DOI'                         
5  5 'Structure model' '_database_2.pdbx_database_accession'          
6  5 'Structure model' '_struct_conn.pdbx_leaving_atom_flag'          
7  5 'Structure model' '_struct_ref_seq_dif.details'                  
8  5 'Structure model' '_struct_site.pdbx_auth_asym_id'               
9  5 'Structure model' '_struct_site.pdbx_auth_comp_id'               
10 5 'Structure model' '_struct_site.pdbx_auth_seq_id'                
11 6 'Structure model' '_pdbx_entry_details.has_protein_modification' 
# 
_pdbx_database_status.SG_entry                        Y 
_pdbx_database_status.entry_id                        4JM1 
_pdbx_database_status.deposit_site                    RCSB 
_pdbx_database_status.process_site                    RCSB 
_pdbx_database_status.recvd_initial_deposition_date   2013-03-13 
_pdbx_database_status.status_code                     REL 
_pdbx_database_status.status_code_sf                  REL 
_pdbx_database_status.status_code_mr                  ? 
_pdbx_database_status.status_code_cs                  ? 
_pdbx_database_status.methods_development_category    ? 
_pdbx_database_status.pdb_format_compatible           Y 
_pdbx_database_status.status_code_nmr_data            ? 
# 
_pdbx_database_related.db_name        TargetTrack 
_pdbx_database_related.db_id          JCSG-419124 
_pdbx_database_related.details        . 
_pdbx_database_related.content_type   unspecified 
# 
_audit_author.name           'Joint Center for Structural Genomics (JCSG)' 
_audit_author.pdbx_ordinal   1 
# 
_citation.id                        primary 
_citation.title                     
'Crystal structure of a hypothetical protein (BDI_0842) from Parabacteroides distasonis ATCC 8503 at 1.40 A resolution' 
_citation.journal_abbrev            'To be published' 
_citation.journal_volume            ? 
_citation.page_first                ? 
_citation.page_last                 ? 
_citation.year                      ? 
_citation.journal_id_ASTM           ? 
_citation.country                   ? 
_citation.journal_id_ISSN           ? 
_citation.journal_id_CSD            0353 
_citation.book_publisher            ? 
_citation.pdbx_database_id_PubMed   ? 
_citation.pdbx_database_id_DOI      ? 
# 
_citation_author.citation_id        primary 
_citation_author.name               'Joint Center for Structural Genomics (JCSG)' 
_citation_author.ordinal            1 
_citation_author.identifier_ORCID   ? 
# 
loop_
_entity.id 
_entity.type 
_entity.src_method 
_entity.pdbx_description 
_entity.formula_weight 
_entity.pdbx_number_of_molecules 
_entity.pdbx_ec 
_entity.pdbx_mutation 
_entity.pdbx_fragment 
_entity.details 
1 polymer     man 'hypothetical protein' 8948.997 1   ? ? ? ? 
2 non-polymer syn 1,2-ETHANEDIOL         62.068   2   ? ? ? ? 
3 water       nat water                  18.015   148 ? ? ? ? 
# 
_entity_poly.entity_id                      1 
_entity_poly.type                           'polypeptide(L)' 
_entity_poly.nstd_linkage                   no 
_entity_poly.nstd_monomer                   yes 
_entity_poly.pdbx_seq_one_letter_code       
;GADKYIDTITGFSCEKAAVTDNGFLVIAIDADSDSGYD(MSE)LASQFLEEAKKEGVSGLKGVLIVDIKNAKFEQGAVVG
KRIGKAYK
;
_entity_poly.pdbx_seq_one_letter_code_can   
;GADKYIDTITGFSCEKAAVTDNGFLVIAIDADSDSGYDMLASQFLEEAKKEGVSGLKGVLIVDIKNAKFEQGAVVGKRIG
KAYK
;
_entity_poly.pdbx_strand_id                 A 
_entity_poly.pdbx_target_identifier         JCSG-419124 
# 
loop_
_pdbx_entity_nonpoly.entity_id 
_pdbx_entity_nonpoly.name 
_pdbx_entity_nonpoly.comp_id 
2 1,2-ETHANEDIOL EDO 
3 water          HOH 
# 
loop_
_entity_poly_seq.entity_id 
_entity_poly_seq.num 
_entity_poly_seq.mon_id 
_entity_poly_seq.hetero 
1 1  GLY n 
1 2  ALA n 
1 3  ASP n 
1 4  LYS n 
1 5  TYR n 
1 6  ILE n 
1 7  ASP n 
1 8  THR n 
1 9  ILE n 
1 10 THR n 
1 11 GLY n 
1 12 PHE n 
1 13 SER n 
1 14 CYS n 
1 15 GLU n 
1 16 LYS n 
1 17 ALA n 
1 18 ALA n 
1 19 VAL n 
1 20 THR n 
1 21 ASP n 
1 22 ASN n 
1 23 GLY n 
1 24 PHE n 
1 25 LEU n 
1 26 VAL n 
1 27 ILE n 
1 28 ALA n 
1 29 ILE n 
1 30 ASP n 
1 31 ALA n 
1 32 ASP n 
1 33 SER n 
1 34 ASP n 
1 35 SER n 
1 36 GLY n 
1 37 TYR n 
1 38 ASP n 
1 39 MSE n 
1 40 LEU n 
1 41 ALA n 
1 42 SER n 
1 43 GLN n 
1 44 PHE n 
1 45 LEU n 
1 46 GLU n 
1 47 GLU n 
1 48 ALA n 
1 49 LYS n 
1 50 LYS n 
1 51 GLU n 
1 52 GLY n 
1 53 VAL n 
1 54 SER n 
1 55 GLY n 
1 56 LEU n 
1 57 LYS n 
1 58 GLY n 
1 59 VAL n 
1 60 LEU n 
1 61 ILE n 
1 62 VAL n 
1 63 ASP n 
1 64 ILE n 
1 65 LYS n 
1 66 ASN n 
1 67 ALA n 
1 68 LYS n 
1 69 PHE n 
1 70 GLU n 
1 71 GLN n 
1 72 GLY n 
1 73 ALA n 
1 74 VAL n 
1 75 VAL n 
1 76 GLY n 
1 77 LYS n 
1 78 ARG n 
1 79 ILE n 
1 80 GLY n 
1 81 LYS n 
1 82 ALA n 
1 83 TYR n 
1 84 LYS n 
# 
_entity_src_gen.entity_id                          1 
_entity_src_gen.pdbx_src_id                        1 
_entity_src_gen.pdbx_alt_source_flag               sample 
_entity_src_gen.pdbx_seq_type                      ? 
_entity_src_gen.pdbx_beg_seq_num                   ? 
_entity_src_gen.pdbx_end_seq_num                   ? 
_entity_src_gen.gene_src_common_name               ? 
_entity_src_gen.gene_src_genus                     ? 
_entity_src_gen.pdbx_gene_src_gene                 'BDI_0842, YP_001302234.1' 
_entity_src_gen.gene_src_species                   ? 
_entity_src_gen.gene_src_strain                    'ATCC 8503' 
_entity_src_gen.gene_src_tissue                    ? 
_entity_src_gen.gene_src_tissue_fraction           ? 
_entity_src_gen.gene_src_details                   ? 
_entity_src_gen.pdbx_gene_src_fragment             ? 
_entity_src_gen.pdbx_gene_src_scientific_name      'Parabacteroides distasonis' 
_entity_src_gen.pdbx_gene_src_ncbi_taxonomy_id     435591 
_entity_src_gen.pdbx_gene_src_variant              ? 
_entity_src_gen.pdbx_gene_src_cell_line            ? 
_entity_src_gen.pdbx_gene_src_atcc                 ? 
_entity_src_gen.pdbx_gene_src_organ                ? 
_entity_src_gen.pdbx_gene_src_organelle            ? 
_entity_src_gen.pdbx_gene_src_cell                 ? 
_entity_src_gen.pdbx_gene_src_cellular_location    ? 
_entity_src_gen.host_org_common_name               ? 
_entity_src_gen.pdbx_host_org_scientific_name      'Escherichia Coli' 
_entity_src_gen.pdbx_host_org_ncbi_taxonomy_id     562 
_entity_src_gen.host_org_genus                     ? 
_entity_src_gen.pdbx_host_org_gene                 ? 
_entity_src_gen.pdbx_host_org_organ                ? 
_entity_src_gen.host_org_species                   ? 
_entity_src_gen.pdbx_host_org_tissue               ? 
_entity_src_gen.pdbx_host_org_tissue_fraction      ? 
_entity_src_gen.pdbx_host_org_strain               PB1 
_entity_src_gen.pdbx_host_org_variant              ? 
_entity_src_gen.pdbx_host_org_cell_line            ? 
_entity_src_gen.pdbx_host_org_atcc                 ? 
_entity_src_gen.pdbx_host_org_culture_collection   ? 
_entity_src_gen.pdbx_host_org_cell                 ? 
_entity_src_gen.pdbx_host_org_organelle            ? 
_entity_src_gen.pdbx_host_org_cellular_location    ? 
_entity_src_gen.pdbx_host_org_vector_type          Plasmid 
_entity_src_gen.pdbx_host_org_vector               ? 
_entity_src_gen.host_org_details                   ? 
_entity_src_gen.expression_system_id               ? 
_entity_src_gen.plasmid_name                       SpeedET 
_entity_src_gen.plasmid_details                    ? 
_entity_src_gen.pdbx_description                   ? 
# 
loop_
_chem_comp.id 
_chem_comp.type 
_chem_comp.mon_nstd_flag 
_chem_comp.name 
_chem_comp.pdbx_synonyms 
_chem_comp.formula 
_chem_comp.formula_weight 
ALA 'L-peptide linking' y ALANINE          ?                 'C3 H7 N O2'     89.093  
ARG 'L-peptide linking' y ARGININE         ?                 'C6 H15 N4 O2 1' 175.209 
ASN 'L-peptide linking' y ASPARAGINE       ?                 'C4 H8 N2 O3'    132.118 
ASP 'L-peptide linking' y 'ASPARTIC ACID'  ?                 'C4 H7 N O4'     133.103 
CYS 'L-peptide linking' y CYSTEINE         ?                 'C3 H7 N O2 S'   121.158 
EDO non-polymer         . 1,2-ETHANEDIOL   'ETHYLENE GLYCOL' 'C2 H6 O2'       62.068  
GLN 'L-peptide linking' y GLUTAMINE        ?                 'C5 H10 N2 O3'   146.144 
GLU 'L-peptide linking' y 'GLUTAMIC ACID'  ?                 'C5 H9 N O4'     147.129 
GLY 'peptide linking'   y GLYCINE          ?                 'C2 H5 N O2'     75.067  
HOH non-polymer         . WATER            ?                 'H2 O'           18.015  
ILE 'L-peptide linking' y ISOLEUCINE       ?                 'C6 H13 N O2'    131.173 
LEU 'L-peptide linking' y LEUCINE          ?                 'C6 H13 N O2'    131.173 
LYS 'L-peptide linking' y LYSINE           ?                 'C6 H15 N2 O2 1' 147.195 
MSE 'L-peptide linking' n SELENOMETHIONINE ?                 'C5 H11 N O2 Se' 196.106 
PHE 'L-peptide linking' y PHENYLALANINE    ?                 'C9 H11 N O2'    165.189 
SER 'L-peptide linking' y SERINE           ?                 'C3 H7 N O3'     105.093 
THR 'L-peptide linking' y THREONINE        ?                 'C4 H9 N O3'     119.119 
TYR 'L-peptide linking' y TYROSINE         ?                 'C9 H11 N O3'    181.189 
VAL 'L-peptide linking' y VALINE           ?                 'C5 H11 N O2'    117.146 
# 
loop_
_pdbx_poly_seq_scheme.asym_id 
_pdbx_poly_seq_scheme.entity_id 
_pdbx_poly_seq_scheme.seq_id 
_pdbx_poly_seq_scheme.mon_id 
_pdbx_poly_seq_scheme.ndb_seq_num 
_pdbx_poly_seq_scheme.pdb_seq_num 
_pdbx_poly_seq_scheme.auth_seq_num 
_pdbx_poly_seq_scheme.pdb_mon_id 
_pdbx_poly_seq_scheme.auth_mon_id 
_pdbx_poly_seq_scheme.pdb_strand_id 
_pdbx_poly_seq_scheme.pdb_ins_code 
_pdbx_poly_seq_scheme.hetero 
A 1 1  GLY 1  0   0   GLY GLY A . n 
A 1 2  ALA 2  26  26  ALA ALA A . n 
A 1 3  ASP 3  27  27  ASP ASP A . n 
A 1 4  LYS 4  28  28  LYS LYS A . n 
A 1 5  TYR 5  29  29  TYR TYR A . n 
A 1 6  ILE 6  30  30  ILE ILE A . n 
A 1 7  ASP 7  31  31  ASP ASP A . n 
A 1 8  THR 8  32  32  THR THR A . n 
A 1 9  ILE 9  33  33  ILE ILE A . n 
A 1 10 THR 10 34  34  THR THR A . n 
A 1 11 GLY 11 35  35  GLY GLY A . n 
A 1 12 PHE 12 36  36  PHE PHE A . n 
A 1 13 SER 13 37  37  SER SER A . n 
A 1 14 CYS 14 38  38  CYS CYS A . n 
A 1 15 GLU 15 39  39  GLU GLU A . n 
A 1 16 LYS 16 40  40  LYS LYS A . n 
A 1 17 ALA 17 41  41  ALA ALA A . n 
A 1 18 ALA 18 42  42  ALA ALA A . n 
A 1 19 VAL 19 43  43  VAL VAL A . n 
A 1 20 THR 20 44  44  THR THR A . n 
A 1 21 ASP 21 45  45  ASP ASP A . n 
A 1 22 ASN 22 46  46  ASN ASN A . n 
A 1 23 GLY 23 47  47  GLY GLY A . n 
A 1 24 PHE 24 48  48  PHE PHE A . n 
A 1 25 LEU 25 49  49  LEU LEU A . n 
A 1 26 VAL 26 50  50  VAL VAL A . n 
A 1 27 ILE 27 51  51  ILE ILE A . n 
A 1 28 ALA 28 52  52  ALA ALA A . n 
A 1 29 ILE 29 53  53  ILE ILE A . n 
A 1 30 ASP 30 54  54  ASP ASP A . n 
A 1 31 ALA 31 55  55  ALA ALA A . n 
A 1 32 ASP 32 56  56  ASP ASP A . n 
A 1 33 SER 33 57  57  SER SER A . n 
A 1 34 ASP 34 58  58  ASP ASP A . n 
A 1 35 SER 35 59  59  SER SER A . n 
A 1 36 GLY 36 60  60  GLY GLY A . n 
A 1 37 TYR 37 61  61  TYR TYR A . n 
A 1 38 ASP 38 62  62  ASP ASP A . n 
A 1 39 MSE 39 63  63  MSE MSE A . n 
A 1 40 LEU 40 64  64  LEU LEU A . n 
A 1 41 ALA 41 65  65  ALA ALA A . n 
A 1 42 SER 42 66  66  SER SER A . n 
A 1 43 GLN 43 67  67  GLN GLN A . n 
A 1 44 PHE 44 68  68  PHE PHE A . n 
A 1 45 LEU 45 69  69  LEU LEU A . n 
A 1 46 GLU 46 70  70  GLU GLU A . n 
A 1 47 GLU 47 71  71  GLU GLU A . n 
A 1 48 ALA 48 72  72  ALA ALA A . n 
A 1 49 LYS 49 73  73  LYS LYS A . n 
A 1 50 LYS 50 74  74  LYS LYS A . n 
A 1 51 GLU 51 75  75  GLU GLU A . n 
A 1 52 GLY 52 76  76  GLY GLY A . n 
A 1 53 VAL 53 77  77  VAL VAL A . n 
A 1 54 SER 54 78  78  SER SER A . n 
A 1 55 GLY 55 79  79  GLY GLY A . n 
A 1 56 LEU 56 80  80  LEU LEU A . n 
A 1 57 LYS 57 81  81  LYS LYS A . n 
A 1 58 GLY 58 82  82  GLY GLY A . n 
A 1 59 VAL 59 83  83  VAL VAL A . n 
A 1 60 LEU 60 84  84  LEU LEU A . n 
A 1 61 ILE 61 85  85  ILE ILE A . n 
A 1 62 VAL 62 86  86  VAL VAL A . n 
A 1 63 ASP 63 87  87  ASP ASP A . n 
A 1 64 ILE 64 88  88  ILE ILE A . n 
A 1 65 LYS 65 89  89  LYS LYS A . n 
A 1 66 ASN 66 90  90  ASN ASN A . n 
A 1 67 ALA 67 91  91  ALA ALA A . n 
A 1 68 LYS 68 92  92  LYS LYS A . n 
A 1 69 PHE 69 93  93  PHE PHE A . n 
A 1 70 GLU 70 94  94  GLU GLU A . n 
A 1 71 GLN 71 95  95  GLN GLN A . n 
A 1 72 GLY 72 96  96  GLY GLY A . n 
A 1 73 ALA 73 97  97  ALA ALA A . n 
A 1 74 VAL 74 98  98  VAL VAL A . n 
A 1 75 VAL 75 99  99  VAL VAL A . n 
A 1 76 GLY 76 100 100 GLY GLY A . n 
A 1 77 LYS 77 101 101 LYS LYS A . n 
A 1 78 ARG 78 102 102 ARG ARG A . n 
A 1 79 ILE 79 103 103 ILE ILE A . n 
A 1 80 GLY 80 104 104 GLY GLY A . n 
A 1 81 LYS 81 105 105 LYS LYS A . n 
A 1 82 ALA 82 106 106 ALA ALA A . n 
A 1 83 TYR 83 107 107 TYR TYR A . n 
A 1 84 LYS 84 108 108 LYS LYS A . n 
# 
loop_
_pdbx_nonpoly_scheme.asym_id 
_pdbx_nonpoly_scheme.entity_id 
_pdbx_nonpoly_scheme.mon_id 
_pdbx_nonpoly_scheme.ndb_seq_num 
_pdbx_nonpoly_scheme.pdb_seq_num 
_pdbx_nonpoly_scheme.auth_seq_num 
_pdbx_nonpoly_scheme.pdb_mon_id 
_pdbx_nonpoly_scheme.auth_mon_id 
_pdbx_nonpoly_scheme.pdb_strand_id 
_pdbx_nonpoly_scheme.pdb_ins_code 
B 2 EDO 1   200 200 EDO EDO A . 
C 2 EDO 1   201 201 EDO EDO A . 
D 3 HOH 1   301 202 HOH HOH A . 
D 3 HOH 2   302 203 HOH HOH A . 
D 3 HOH 3   303 204 HOH HOH A . 
D 3 HOH 4   304 205 HOH HOH A . 
D 3 HOH 5   305 206 HOH HOH A . 
D 3 HOH 6   306 207 HOH HOH A . 
D 3 HOH 7   307 208 HOH HOH A . 
D 3 HOH 8   308 209 HOH HOH A . 
D 3 HOH 9   309 210 HOH HOH A . 
D 3 HOH 10  310 211 HOH HOH A . 
D 3 HOH 11  311 212 HOH HOH A . 
D 3 HOH 12  312 213 HOH HOH A . 
D 3 HOH 13  313 214 HOH HOH A . 
D 3 HOH 14  314 215 HOH HOH A . 
D 3 HOH 15  315 216 HOH HOH A . 
D 3 HOH 16  316 217 HOH HOH A . 
D 3 HOH 17  317 218 HOH HOH A . 
D 3 HOH 18  318 219 HOH HOH A . 
D 3 HOH 19  319 220 HOH HOH A . 
D 3 HOH 20  320 221 HOH HOH A . 
D 3 HOH 21  321 222 HOH HOH A . 
D 3 HOH 22  322 223 HOH HOH A . 
D 3 HOH 23  323 224 HOH HOH A . 
D 3 HOH 24  324 225 HOH HOH A . 
D 3 HOH 25  325 226 HOH HOH A . 
D 3 HOH 26  326 227 HOH HOH A . 
D 3 HOH 27  327 228 HOH HOH A . 
D 3 HOH 28  328 229 HOH HOH A . 
D 3 HOH 29  329 230 HOH HOH A . 
D 3 HOH 30  330 231 HOH HOH A . 
D 3 HOH 31  331 232 HOH HOH A . 
D 3 HOH 32  332 233 HOH HOH A . 
D 3 HOH 33  333 234 HOH HOH A . 
D 3 HOH 34  334 235 HOH HOH A . 
D 3 HOH 35  335 236 HOH HOH A . 
D 3 HOH 36  336 237 HOH HOH A . 
D 3 HOH 37  337 238 HOH HOH A . 
D 3 HOH 38  338 239 HOH HOH A . 
D 3 HOH 39  339 240 HOH HOH A . 
D 3 HOH 40  340 241 HOH HOH A . 
D 3 HOH 41  341 242 HOH HOH A . 
D 3 HOH 42  342 243 HOH HOH A . 
D 3 HOH 43  343 244 HOH HOH A . 
D 3 HOH 44  344 245 HOH HOH A . 
D 3 HOH 45  345 246 HOH HOH A . 
D 3 HOH 46  346 247 HOH HOH A . 
D 3 HOH 47  347 248 HOH HOH A . 
D 3 HOH 48  348 249 HOH HOH A . 
D 3 HOH 49  349 250 HOH HOH A . 
D 3 HOH 50  350 251 HOH HOH A . 
D 3 HOH 51  351 252 HOH HOH A . 
D 3 HOH 52  352 253 HOH HOH A . 
D 3 HOH 53  353 254 HOH HOH A . 
D 3 HOH 54  354 255 HOH HOH A . 
D 3 HOH 55  355 256 HOH HOH A . 
D 3 HOH 56  356 257 HOH HOH A . 
D 3 HOH 57  357 258 HOH HOH A . 
D 3 HOH 58  358 259 HOH HOH A . 
D 3 HOH 59  359 260 HOH HOH A . 
D 3 HOH 60  360 261 HOH HOH A . 
D 3 HOH 61  361 262 HOH HOH A . 
D 3 HOH 62  362 263 HOH HOH A . 
D 3 HOH 63  363 264 HOH HOH A . 
D 3 HOH 64  364 265 HOH HOH A . 
D 3 HOH 65  365 266 HOH HOH A . 
D 3 HOH 66  366 267 HOH HOH A . 
D 3 HOH 67  367 268 HOH HOH A . 
D 3 HOH 68  368 269 HOH HOH A . 
D 3 HOH 69  369 270 HOH HOH A . 
D 3 HOH 70  370 271 HOH HOH A . 
D 3 HOH 71  371 272 HOH HOH A . 
D 3 HOH 72  372 273 HOH HOH A . 
D 3 HOH 73  373 274 HOH HOH A . 
D 3 HOH 74  374 275 HOH HOH A . 
D 3 HOH 75  375 276 HOH HOH A . 
D 3 HOH 76  376 277 HOH HOH A . 
D 3 HOH 77  377 278 HOH HOH A . 
D 3 HOH 78  378 279 HOH HOH A . 
D 3 HOH 79  379 280 HOH HOH A . 
D 3 HOH 80  380 281 HOH HOH A . 
D 3 HOH 81  381 282 HOH HOH A . 
D 3 HOH 82  382 283 HOH HOH A . 
D 3 HOH 83  383 284 HOH HOH A . 
D 3 HOH 84  384 285 HOH HOH A . 
D 3 HOH 85  385 286 HOH HOH A . 
D 3 HOH 86  386 287 HOH HOH A . 
D 3 HOH 87  387 288 HOH HOH A . 
D 3 HOH 88  388 289 HOH HOH A . 
D 3 HOH 89  389 290 HOH HOH A . 
D 3 HOH 90  390 291 HOH HOH A . 
D 3 HOH 91  391 292 HOH HOH A . 
D 3 HOH 92  392 293 HOH HOH A . 
D 3 HOH 93  393 294 HOH HOH A . 
D 3 HOH 94  394 295 HOH HOH A . 
D 3 HOH 95  395 296 HOH HOH A . 
D 3 HOH 96  396 297 HOH HOH A . 
D 3 HOH 97  397 298 HOH HOH A . 
D 3 HOH 98  398 299 HOH HOH A . 
D 3 HOH 99  399 300 HOH HOH A . 
D 3 HOH 100 400 301 HOH HOH A . 
D 3 HOH 101 401 302 HOH HOH A . 
D 3 HOH 102 402 303 HOH HOH A . 
D 3 HOH 103 403 304 HOH HOH A . 
D 3 HOH 104 404 305 HOH HOH A . 
D 3 HOH 105 405 306 HOH HOH A . 
D 3 HOH 106 406 307 HOH HOH A . 
D 3 HOH 107 407 308 HOH HOH A . 
D 3 HOH 108 408 309 HOH HOH A . 
D 3 HOH 109 409 310 HOH HOH A . 
D 3 HOH 110 410 311 HOH HOH A . 
D 3 HOH 111 411 312 HOH HOH A . 
D 3 HOH 112 412 313 HOH HOH A . 
D 3 HOH 113 413 314 HOH HOH A . 
D 3 HOH 114 414 315 HOH HOH A . 
D 3 HOH 115 415 316 HOH HOH A . 
D 3 HOH 116 416 317 HOH HOH A . 
D 3 HOH 117 417 318 HOH HOH A . 
D 3 HOH 118 418 319 HOH HOH A . 
D 3 HOH 119 419 320 HOH HOH A . 
D 3 HOH 120 420 321 HOH HOH A . 
D 3 HOH 121 421 322 HOH HOH A . 
D 3 HOH 122 422 323 HOH HOH A . 
D 3 HOH 123 423 324 HOH HOH A . 
D 3 HOH 124 424 325 HOH HOH A . 
D 3 HOH 125 425 326 HOH HOH A . 
D 3 HOH 126 426 327 HOH HOH A . 
D 3 HOH 127 427 328 HOH HOH A . 
D 3 HOH 128 428 329 HOH HOH A . 
D 3 HOH 129 429 330 HOH HOH A . 
D 3 HOH 130 430 331 HOH HOH A . 
D 3 HOH 131 431 332 HOH HOH A . 
D 3 HOH 132 432 333 HOH HOH A . 
D 3 HOH 133 433 334 HOH HOH A . 
D 3 HOH 134 434 335 HOH HOH A . 
D 3 HOH 135 435 336 HOH HOH A . 
D 3 HOH 136 436 337 HOH HOH A . 
D 3 HOH 137 437 338 HOH HOH A . 
D 3 HOH 138 438 339 HOH HOH A . 
D 3 HOH 139 439 340 HOH HOH A . 
D 3 HOH 140 440 341 HOH HOH A . 
D 3 HOH 141 441 342 HOH HOH A . 
D 3 HOH 142 442 343 HOH HOH A . 
D 3 HOH 143 443 344 HOH HOH A . 
D 3 HOH 144 444 345 HOH HOH A . 
D 3 HOH 145 445 346 HOH HOH A . 
D 3 HOH 146 446 347 HOH HOH A . 
D 3 HOH 147 447 348 HOH HOH A . 
D 3 HOH 148 448 349 HOH HOH A . 
# 
loop_
_pdbx_unobs_or_zero_occ_atoms.id 
_pdbx_unobs_or_zero_occ_atoms.PDB_model_num 
_pdbx_unobs_or_zero_occ_atoms.polymer_flag 
_pdbx_unobs_or_zero_occ_atoms.occupancy_flag 
_pdbx_unobs_or_zero_occ_atoms.auth_asym_id 
_pdbx_unobs_or_zero_occ_atoms.auth_comp_id 
_pdbx_unobs_or_zero_occ_atoms.auth_seq_id 
_pdbx_unobs_or_zero_occ_atoms.PDB_ins_code 
_pdbx_unobs_or_zero_occ_atoms.auth_atom_id 
_pdbx_unobs_or_zero_occ_atoms.label_alt_id 
_pdbx_unobs_or_zero_occ_atoms.label_asym_id 
_pdbx_unobs_or_zero_occ_atoms.label_comp_id 
_pdbx_unobs_or_zero_occ_atoms.label_seq_id 
_pdbx_unobs_or_zero_occ_atoms.label_atom_id 
1 1 Y 1 A LYS 92 ? CD ? A LYS 68 CD 
2 1 Y 1 A LYS 92 ? CE ? A LYS 68 CE 
3 1 Y 1 A LYS 92 ? NZ ? A LYS 68 NZ 
# 
loop_
_software.pdbx_ordinal 
_software.name 
_software.version 
_software.date 
_software.type 
_software.contact_author 
_software.contact_author_email 
_software.classification 
_software.location 
_software.language 
_software.citation_id 
1 MolProbity  3beta29        ?               package 'D.C. & J.S. Richardson lab' molprobity@kinemage.biochem.duke.edu 
'model building'  http://kinemage.biochem.duke.edu/molprobity/                                ?          ? 
2 PDB_EXTRACT 3.10           'June 10, 2010' package PDB                          deposit@deposit.rcsb.org             
'data extraction' http://sw-tools.pdb.org/apps/PDB_EXTRACT/                                   C++        ? 
3 SHELX       .              ?               package 'George M. Sheldrick'        gsheldr@shelx.uni-ac.gwdg.de         phasing 
http://shelx.uni-ac.gwdg.de/SHELX/                                          Fortran_77 ? 
4 SHARP       .              ?               package 'Eric de La Fortelle'        sharp-develop@globalphasing.com      phasing 
http://www.globalphasing.com/sharp/                                         ?          ? 
5 XSCALE      'July 4, 2012' ?               package 'Wolfgang Kabsch'            ?                                    
'data scaling'    http://www.mpimf-heidelberg.mpg.de/~kabsch/xds/html_doc/xscale_program.html ?          ? 
6 REFMAC      5.5.0110       ?               program 'Garib N. Murshudov'         garib@ysbl.york.ac.uk                refinement 
http://www.ccp4.ac.uk/dist/html/refmac5.html                                Fortran_77 ? 
7 XDS         .              ?               ?       ?                            ?                                    
'data reduction'  ?                                                                           ?          ? 
8 SHELXD      .              ?               ?       ?                            ?                                    phasing ? ? 
? 
# 
_cell.entry_id           4JM1 
_cell.length_a           37.405 
_cell.length_b           45.673 
_cell.length_c           48.105 
_cell.angle_alpha        90.000 
_cell.angle_beta         90.000 
_cell.angle_gamma        90.000 
_cell.pdbx_unique_axis   ? 
_cell.Z_PDB              4 
_cell.length_a_esd       ? 
_cell.length_b_esd       ? 
_cell.length_c_esd       ? 
_cell.angle_alpha_esd    ? 
_cell.angle_beta_esd     ? 
_cell.angle_gamma_esd    ? 
# 
_symmetry.entry_id                         4JM1 
_symmetry.Int_Tables_number                19 
_symmetry.space_group_name_H-M             'P 21 21 21' 
_symmetry.pdbx_full_space_group_name_H-M   ? 
_symmetry.cell_setting                     ? 
_symmetry.space_group_name_Hall            ? 
# 
_exptl.crystals_number   1 
_exptl.method            'X-RAY DIFFRACTION' 
_exptl.entry_id          4JM1 
# 
_exptl_crystal.id                    1 
_exptl_crystal.density_Matthews      2.30 
_exptl_crystal.density_meas          ? 
_exptl_crystal.density_percent_sol   46.42 
_exptl_crystal.description           ? 
_exptl_crystal.F_000                 ? 
_exptl_crystal.preparation           ? 
# 
_exptl_crystal_grow.pdbx_details    
'8.0% ethylene glycol, 20.0% polyethylene glycol 10000, 0.1M HEPES pH 7.5, NANODROP, VAPOR DIFFUSION, SITTING DROP, temperature 277K' 
_exptl_crystal_grow.pdbx_pH_range   ? 
_exptl_crystal_grow.temp_details    ? 
_exptl_crystal_grow.temp            277 
_exptl_crystal_grow.method          'VAPOR DIFFUSION, SITTING DROP' 
_exptl_crystal_grow.crystal_id      1 
_exptl_crystal_grow.pH              7.5 
# 
_diffrn.id                     1 
_diffrn.ambient_temp           100 
_diffrn.ambient_temp_details   ? 
_diffrn.crystal_id             1 
# 
_diffrn_detector.diffrn_id              1 
_diffrn_detector.detector               PIXEL 
_diffrn_detector.details                
'Flat mirror (vertical focusing); single crystal Si(111) bent monochromator (horizontal focusing)' 
_diffrn_detector.type                   'DECTRIS PILATUS 6M' 
_diffrn_detector.pdbx_collection_date   2013-02-21 
# 
_diffrn_radiation.diffrn_id                        1 
_diffrn_radiation.pdbx_monochromatic_or_laue_m_l   M 
_diffrn_radiation.monochromator                    'single crystal Si(111) bent' 
_diffrn_radiation.pdbx_diffrn_protocol             MAD 
_diffrn_radiation.wavelength_id                    1 
_diffrn_radiation.pdbx_scattering_type             x-ray 
# 
loop_
_diffrn_radiation_wavelength.id 
_diffrn_radiation_wavelength.wavelength 
_diffrn_radiation_wavelength.wt 
1 0.97917 1.0 
2 0.88557 1.0 
3 0.97849 1.0 
# 
_diffrn_source.diffrn_id                   1 
_diffrn_source.source                      SYNCHROTRON 
_diffrn_source.pdbx_synchrotron_beamline   BL11-1 
_diffrn_source.type                        'SSRL BEAMLINE BL11-1' 
_diffrn_source.pdbx_wavelength_list        0.97917,0.88557,0.97849 
_diffrn_source.pdbx_wavelength             ? 
_diffrn_source.pdbx_synchrotron_site       SSRL 
# 
_reflns.pdbx_chi_squared             ? 
_reflns.pdbx_scaling_rejects         ? 
_reflns.limit_k_max                  ? 
_reflns.d_resolution_high            1.40 
_reflns.observed_criterion_F_min     ? 
_reflns.pdbx_netI_over_sigmaI        11.890 
_reflns.observed_criterion_F_max     ? 
_reflns.pdbx_Rmerge_I_obs            0.045 
_reflns.limit_l_max                  ? 
_reflns.limit_k_min                  ? 
_reflns.entry_id                     4JM1 
_reflns.B_iso_Wilson_estimate        13.784 
_reflns.percent_possible_obs         97.300 
_reflns.pdbx_Rsym_value              ? 
_reflns.observed_criterion_sigma_I   -3.000 
_reflns.observed_criterion_sigma_F   ? 
_reflns.limit_l_min                  ? 
_reflns.limit_h_min                  ? 
_reflns.R_free_details               ? 
_reflns.number_all                   ? 
_reflns.d_resolution_low             29.529 
_reflns.pdbx_redundancy              ? 
_reflns.number_obs                   16677 
_reflns.limit_h_max                  ? 
_reflns.pdbx_ordinal                 1 
_reflns.pdbx_diffrn_id               1 
# 
loop_
_reflns_shell.d_res_high 
_reflns_shell.d_res_low 
_reflns_shell.number_measured_obs 
_reflns_shell.number_measured_all 
_reflns_shell.number_unique_obs 
_reflns_shell.Rmerge_I_obs 
_reflns_shell.meanI_over_sigI_obs 
_reflns_shell.pdbx_Rsym_value 
_reflns_shell.pdbx_chi_squared 
_reflns_shell.pdbx_redundancy 
_reflns_shell.percent_possible_obs 
_reflns_shell.number_unique_all 
_reflns_shell.percent_possible_all 
_reflns_shell.pdbx_ordinal 
_reflns_shell.pdbx_diffrn_id 
1.400 1.450 6396 ? 3066 0.513 1.9  ? ? ? ? ? 97.700 1  1 
1.450 1.510 6653 ? 3167 0.342 2.9  ? ? ? ? ? 97.700 2  1 
1.510 1.580 6184 ? 3077 0.266 3.6  ? ? ? ? ? 97.300 3  1 
1.580 1.660 6351 ? 2983 0.184 5.0  ? ? ? ? ? 98.700 4  1 
1.660 1.760 6289 ? 2952 0.140 6.5  ? ? ? ? ? 98.200 5  1 
1.760 1.900 6453 ? 3167 0.095 8.9  ? ? ? ? ? 97.300 6  1 
1.900 2.090 6639 ? 3055 0.056 14.6 ? ? ? ? ? 97.800 7  1 
2.090 2.390 6273 ? 2994 0.039 19.4 ? ? ? ? ? 96.200 8  1 
2.390 3.010 6763 ? 3077 0.031 24.4 ? ? ? ? ? 97.700 9  1 
3.010 ?     6436 ? 3005 0.021 32.3 ? ? ? ? ? 94.900 10 1 
# 
_refine.ls_percent_reflns_R_free                 5.1000 
_refine.overall_SU_B                             1.8530 
_refine.pdbx_solvent_vdw_probe_radii             1.4000 
_refine.pdbx_R_Free_selection_details            RANDOM 
_refine.overall_FOM_free_R_set                   ? 
_refine.pdbx_data_cutoff_low_absF                ? 
_refine.entry_id                                 4JM1 
_refine.aniso_B[2][3]                            0.0000 
_refine.overall_SU_R_Cruickshank_DPI             ? 
_refine.overall_SU_ML                            0.0330 
_refine.pdbx_ls_sigma_I                          ? 
_refine.aniso_B[1][3]                            0.0000 
_refine.pdbx_stereochemistry_target_values       'MAXIMUM LIKELIHOOD WITH PHASES' 
_refine.aniso_B[3][3]                            -0.0400 
_refine.occupancy_max                            1.000 
_refine.ls_number_restraints                     ? 
_refine.aniso_B[1][1]                            0.5900 
_refine.pdbx_overall_ESU_R                       0.0580 
_refine.ls_R_factor_obs                          0.1309 
_refine.pdbx_ls_cross_valid_method               THROUGHOUT 
_refine.pdbx_solvent_ion_probe_radii             0.8000 
_refine.pdbx_starting_model                      ? 
_refine.ls_wR_factor_R_free                      ? 
_refine.ls_wR_factor_R_work                      ? 
_refine.pdbx_isotropic_thermal_model             ? 
_refine.pdbx_method_to_determine_struct          MAD 
_refine.solvent_model_param_ksol                 ? 
_refine.pdbx_solvent_shrinkage_radii             0.8000 
_refine.correlation_coeff_Fo_to_Fc               0.9790 
_refine.ls_number_reflns_R_free                  845 
_refine.correlation_coeff_Fo_to_Fc_free          0.9720 
_refine.pdbx_ls_sigma_F                          0.000 
_refine.ls_percent_reflns_obs                    99.1500 
_refine.ls_R_factor_R_work                       0.1289 
_refine.overall_SU_R_free                        ? 
_refine.ls_d_res_high                            1.4000 
_refine.pdbx_overall_ESU_R_Free                  0.0550 
_refine.B_iso_min                                9.140 
_refine.occupancy_min                            0.200 
_refine.B_iso_mean                               18.9160 
_refine.pdbx_stereochem_target_val_spec_case     ? 
_refine.ls_R_factor_all                          ? 
_refine.aniso_B[2][2]                            -0.5500 
_refine.B_iso_max                                55.440 
_refine.ls_d_res_low                             29.529 
_refine.pdbx_overall_phase_error                 ? 
_refine.solvent_model_details                    'BABINET MODEL WITH MASK' 
_refine.aniso_B[1][2]                            0.0000 
_refine.ls_R_factor_R_free                       0.1679 
_refine.ls_R_factor_R_free_error                 ? 
_refine.ls_number_reflns_obs                     16642 
_refine.overall_FOM_work_R_set                   ? 
_refine.ls_number_parameters                     ? 
_refine.details                                  
;1. HYDROGENS HAVE BEEN ADDED IN THE RIDING POSITIONS. 2. A MET-INHIBITION PROTOCOL WAS USED FOR SELENOMETHIONINE INCORPORATION DURING PROTEIN EXPRESSION. THE OCCUPANCY OF THE SE ATOMS IN THE MSE RESIDUES WAS REDUCED TO 0.75 FOR THE REDUCED SCATTERING POWER DUE TO PARTIAL S-MET INCORPORATION. 6. 1,2-ETHANEDIOL (EDO) MOLECULES FROM THE CRYSTALLIZATION SOLUTION ARE MODELED.
;
_refine.ls_number_reflns_all                     ? 
_refine.ls_redundancy_reflns_obs                 ? 
_refine.pdbx_data_cutoff_high_absF               ? 
_refine.solvent_model_param_bsol                 ? 
_refine.ls_R_factor_R_free_error_details         ? 
_refine.pdbx_data_cutoff_high_rms_absF           ? 
_refine.pdbx_diffrn_id                           1 
_refine.pdbx_refine_id                           'X-RAY DIFFRACTION' 
_refine.pdbx_TLS_residual_ADP_flag               ? 
_refine.pdbx_overall_SU_R_free_Cruickshank_DPI   ? 
_refine.pdbx_overall_SU_R_Blow_DPI               ? 
_refine.pdbx_overall_SU_R_free_Blow_DPI          ? 
# 
_refine_hist.pdbx_refine_id                   'X-RAY DIFFRACTION' 
_refine_hist.cycle_id                         LAST 
_refine_hist.pdbx_number_atoms_protein        622 
_refine_hist.pdbx_number_atoms_nucleic_acid   0 
_refine_hist.pdbx_number_atoms_ligand         8 
_refine_hist.number_atoms_solvent             148 
_refine_hist.number_atoms_total               778 
_refine_hist.d_res_high                       1.4000 
_refine_hist.d_res_low                        29.529 
# 
loop_
_refine_ls_restr.type 
_refine_ls_restr.number 
_refine_ls_restr.dev_ideal 
_refine_ls_restr.dev_ideal_target 
_refine_ls_restr.weight 
_refine_ls_restr.pdbx_restraint_function 
_refine_ls_restr.pdbx_refine_id 
r_bond_refined_d       688  0.013  0.022  ? ? 'X-RAY DIFFRACTION' 
r_bond_other_d         475  0.001  0.020  ? ? 'X-RAY DIFFRACTION' 
r_angle_refined_deg    928  1.416  1.981  ? ? 'X-RAY DIFFRACTION' 
r_angle_other_deg      1182 0.920  3.000  ? ? 'X-RAY DIFFRACTION' 
r_dihedral_angle_1_deg 97   5.056  5.000  ? ? 'X-RAY DIFFRACTION' 
r_dihedral_angle_2_deg 29   34.919 26.897 ? ? 'X-RAY DIFFRACTION' 
r_dihedral_angle_3_deg 133  10.302 15.000 ? ? 'X-RAY DIFFRACTION' 
r_dihedral_angle_4_deg 1    20.339 15.000 ? ? 'X-RAY DIFFRACTION' 
r_chiral_restr         104  0.084  0.200  ? ? 'X-RAY DIFFRACTION' 
r_gen_planes_refined   786  0.006  0.020  ? ? 'X-RAY DIFFRACTION' 
r_gen_planes_other     127  0.001  0.020  ? ? 'X-RAY DIFFRACTION' 
r_mcbond_it            437  2.359  3.000  ? ? 'X-RAY DIFFRACTION' 
r_mcbond_other         186  1.222  3.000  ? ? 'X-RAY DIFFRACTION' 
r_mcangle_it           700  3.512  5.000  ? ? 'X-RAY DIFFRACTION' 
r_scbond_it            251  4.591  8.000  ? ? 'X-RAY DIFFRACTION' 
r_scangle_it           221  6.728  11.000 ? ? 'X-RAY DIFFRACTION' 
r_rigid_bond_restr     1163 1.761  3.000  ? ? 'X-RAY DIFFRACTION' 
r_sphericity_free      151  6.497  3.000  ? ? 'X-RAY DIFFRACTION' 
r_sphericity_bonded    1151 3.202  3.000  ? ? 'X-RAY DIFFRACTION' 
# 
_refine_ls_shell.d_res_high                       1.4010 
_refine_ls_shell.d_res_low                        1.4370 
_refine_ls_shell.pdbx_total_number_of_bins_used   20 
_refine_ls_shell.percent_reflns_obs               99.1900 
_refine_ls_shell.number_reflns_R_work             1159 
_refine_ls_shell.R_factor_all                     ? 
_refine_ls_shell.R_factor_R_work                  0.1880 
_refine_ls_shell.R_factor_R_free                  0.2690 
_refine_ls_shell.percent_reflns_R_free            ? 
_refine_ls_shell.number_reflns_R_free             66 
_refine_ls_shell.R_factor_R_free_error            ? 
_refine_ls_shell.number_reflns_all                1225 
_refine_ls_shell.number_reflns_obs                ? 
_refine_ls_shell.redundancy_reflns_obs            ? 
_refine_ls_shell.pdbx_refine_id                   'X-RAY DIFFRACTION' 
# 
_struct.title                     
;Crystal structure of a protein with alpha-lytic protease prodomain-like fold (BDI_0842) from Parabacteroides distasonis ATCC 8503 at 1.40 A resolution
;
_struct.entry_id                  4JM1 
_struct.pdbx_model_type_details   ? 
_struct.pdbx_model_details        ? 
_struct.pdbx_CASP_flag            ? 
# 
_struct_keywords.pdbx_keywords   'Structural Genomics, Unknown Function' 
_struct_keywords.text            
;ORFan, new alpha/beta fold, Structural Genomics, Joint Center for Structural Genomics, JCSG, Protein Structure Initiative, PSI-BIOLOGY, UNKNOWN FUNCTION
;
_struct_keywords.entry_id        4JM1 
# 
loop_
_struct_asym.id 
_struct_asym.pdbx_blank_PDB_chainid_flag 
_struct_asym.pdbx_modified 
_struct_asym.entity_id 
_struct_asym.details 
A N N 1 ? 
B N N 2 ? 
C N N 2 ? 
D N N 3 ? 
# 
_struct_ref.id                         1 
_struct_ref.db_name                    UNP 
_struct_ref.db_code                    A6LA98_PARD8 
_struct_ref.pdbx_db_accession          A6LA98 
_struct_ref.entity_id                  1 
_struct_ref.pdbx_seq_one_letter_code   
;ADKYIDTITGFSCEKAAVTDNGFLVIAIDADSDSGYDMLASQFLEEAKKEGVSGLKGVLIVDIKNAKFEQGAVVGKRIGK
AYK
;
_struct_ref.pdbx_align_begin           26 
_struct_ref.pdbx_db_isoform            ? 
# 
_struct_ref_seq.align_id                      1 
_struct_ref_seq.ref_id                        1 
_struct_ref_seq.pdbx_PDB_id_code              4JM1 
_struct_ref_seq.pdbx_strand_id                A 
_struct_ref_seq.seq_align_beg                 2 
_struct_ref_seq.pdbx_seq_align_beg_ins_code   ? 
_struct_ref_seq.seq_align_end                 84 
_struct_ref_seq.pdbx_seq_align_end_ins_code   ? 
_struct_ref_seq.pdbx_db_accession             A6LA98 
_struct_ref_seq.db_align_beg                  26 
_struct_ref_seq.pdbx_db_align_beg_ins_code    ? 
_struct_ref_seq.db_align_end                  108 
_struct_ref_seq.pdbx_db_align_end_ins_code    ? 
_struct_ref_seq.pdbx_auth_seq_align_beg       26 
_struct_ref_seq.pdbx_auth_seq_align_end       108 
# 
_struct_ref_seq_dif.align_id                     1 
_struct_ref_seq_dif.pdbx_pdb_id_code             4JM1 
_struct_ref_seq_dif.mon_id                       GLY 
_struct_ref_seq_dif.pdbx_pdb_strand_id           A 
_struct_ref_seq_dif.seq_num                      1 
_struct_ref_seq_dif.pdbx_pdb_ins_code            ? 
_struct_ref_seq_dif.pdbx_seq_db_name             UNP 
_struct_ref_seq_dif.pdbx_seq_db_accession_code   A6LA98 
_struct_ref_seq_dif.db_mon_id                    ? 
_struct_ref_seq_dif.pdbx_seq_db_seq_num          ? 
_struct_ref_seq_dif.details                      'expression tag' 
_struct_ref_seq_dif.pdbx_auth_seq_num            0 
_struct_ref_seq_dif.pdbx_ordinal                 1 
# 
_pdbx_struct_assembly.id                   1 
_pdbx_struct_assembly.details              author_and_software_defined_assembly 
_pdbx_struct_assembly.method_details       PISA 
_pdbx_struct_assembly.oligomeric_details   monomeric 
_pdbx_struct_assembly.oligomeric_count     1 
# 
_pdbx_struct_assembly_gen.assembly_id       1 
_pdbx_struct_assembly_gen.oper_expression   1 
_pdbx_struct_assembly_gen.asym_id_list      A,B,C,D 
# 
_pdbx_struct_oper_list.id                   1 
_pdbx_struct_oper_list.type                 'identity operation' 
_pdbx_struct_oper_list.name                 1_555 
_pdbx_struct_oper_list.symmetry_operation   x,y,z 
_pdbx_struct_oper_list.matrix[1][1]         1.0000000000 
_pdbx_struct_oper_list.matrix[1][2]         0.0000000000 
_pdbx_struct_oper_list.matrix[1][3]         0.0000000000 
_pdbx_struct_oper_list.vector[1]            0.0000000000 
_pdbx_struct_oper_list.matrix[2][1]         0.0000000000 
_pdbx_struct_oper_list.matrix[2][2]         1.0000000000 
_pdbx_struct_oper_list.matrix[2][3]         0.0000000000 
_pdbx_struct_oper_list.vector[2]            0.0000000000 
_pdbx_struct_oper_list.matrix[3][1]         0.0000000000 
_pdbx_struct_oper_list.matrix[3][2]         0.0000000000 
_pdbx_struct_oper_list.matrix[3][3]         1.0000000000 
_pdbx_struct_oper_list.vector[3]            0.0000000000 
# 
_struct_biol.id        1 
_struct_biol.details   'CRYSTAL PACKING ANALYSIS SUGGESTS THE ASSIGNMENT OF A MONOMER AS THE SIGNIFICANT OLIGOMERIZATION STATE.' 
# 
loop_
_struct_conf.conf_type_id 
_struct_conf.id 
_struct_conf.pdbx_PDB_helix_id 
_struct_conf.beg_label_comp_id 
_struct_conf.beg_label_asym_id 
_struct_conf.beg_label_seq_id 
_struct_conf.pdbx_beg_PDB_ins_code 
_struct_conf.end_label_comp_id 
_struct_conf.end_label_asym_id 
_struct_conf.end_label_seq_id 
_struct_conf.pdbx_end_PDB_ins_code 
_struct_conf.beg_auth_comp_id 
_struct_conf.beg_auth_asym_id 
_struct_conf.beg_auth_seq_id 
_struct_conf.end_auth_comp_id 
_struct_conf.end_auth_asym_id 
_struct_conf.end_auth_seq_id 
_struct_conf.pdbx_PDB_helix_class 
_struct_conf.details 
_struct_conf.pdbx_PDB_helix_length 
HELX_P HELX_P1 1 ALA A 2  ? THR A 10 ? ALA A 26 THR A 34 1 ? 9  
HELX_P HELX_P2 2 TYR A 37 ? GLU A 51 ? TYR A 61 GLU A 75 1 ? 15 
# 
_struct_conf_type.id          HELX_P 
_struct_conf_type.criteria    ? 
_struct_conf_type.reference   ? 
# 
loop_
_struct_conn.id 
_struct_conn.conn_type_id 
_struct_conn.pdbx_leaving_atom_flag 
_struct_conn.pdbx_PDB_id 
_struct_conn.ptnr1_label_asym_id 
_struct_conn.ptnr1_label_comp_id 
_struct_conn.ptnr1_label_seq_id 
_struct_conn.ptnr1_label_atom_id 
_struct_conn.pdbx_ptnr1_label_alt_id 
_struct_conn.pdbx_ptnr1_PDB_ins_code 
_struct_conn.pdbx_ptnr1_standard_comp_id 
_struct_conn.ptnr1_symmetry 
_struct_conn.ptnr2_label_asym_id 
_struct_conn.ptnr2_label_comp_id 
_struct_conn.ptnr2_label_seq_id 
_struct_conn.ptnr2_label_atom_id 
_struct_conn.pdbx_ptnr2_label_alt_id 
_struct_conn.pdbx_ptnr2_PDB_ins_code 
_struct_conn.ptnr1_auth_asym_id 
_struct_conn.ptnr1_auth_comp_id 
_struct_conn.ptnr1_auth_seq_id 
_struct_conn.ptnr2_auth_asym_id 
_struct_conn.ptnr2_auth_comp_id 
_struct_conn.ptnr2_auth_seq_id 
_struct_conn.ptnr2_symmetry 
_struct_conn.pdbx_ptnr3_label_atom_id 
_struct_conn.pdbx_ptnr3_label_seq_id 
_struct_conn.pdbx_ptnr3_label_comp_id 
_struct_conn.pdbx_ptnr3_label_asym_id 
_struct_conn.pdbx_ptnr3_label_alt_id 
_struct_conn.pdbx_ptnr3_PDB_ins_code 
_struct_conn.details 
_struct_conn.pdbx_dist_value 
_struct_conn.pdbx_value_order 
_struct_conn.pdbx_role 
covale1 covale both ? A ASP 38 C ? ? ? 1_555 A MSE 39 N ? ? A ASP 62 A MSE 63 1_555 ? ? ? ? ? ? ? 1.334 ? ? 
covale2 covale both ? A MSE 39 C ? ? ? 1_555 A LEU 40 N ? ? A MSE 63 A LEU 64 1_555 ? ? ? ? ? ? ? 1.320 ? ? 
# 
_struct_conn_type.id          covale 
_struct_conn_type.criteria    ? 
_struct_conn_type.reference   ? 
# 
_pdbx_modification_feature.ordinal                            1 
_pdbx_modification_feature.label_comp_id                      MSE 
_pdbx_modification_feature.label_asym_id                      A 
_pdbx_modification_feature.label_seq_id                       39 
_pdbx_modification_feature.label_alt_id                       ? 
_pdbx_modification_feature.modified_residue_label_comp_id     . 
_pdbx_modification_feature.modified_residue_label_asym_id     . 
_pdbx_modification_feature.modified_residue_label_seq_id      . 
_pdbx_modification_feature.modified_residue_label_alt_id      . 
_pdbx_modification_feature.auth_comp_id                       MSE 
_pdbx_modification_feature.auth_asym_id                       A 
_pdbx_modification_feature.auth_seq_id                        63 
_pdbx_modification_feature.PDB_ins_code                       ? 
_pdbx_modification_feature.symmetry                           1_555 
_pdbx_modification_feature.modified_residue_auth_comp_id      . 
_pdbx_modification_feature.modified_residue_auth_asym_id      . 
_pdbx_modification_feature.modified_residue_auth_seq_id       . 
_pdbx_modification_feature.modified_residue_PDB_ins_code      . 
_pdbx_modification_feature.modified_residue_symmetry          . 
_pdbx_modification_feature.comp_id_linking_atom               . 
_pdbx_modification_feature.modified_residue_id_linking_atom   . 
_pdbx_modification_feature.modified_residue_id                MET 
_pdbx_modification_feature.ref_pcm_id                         1 
_pdbx_modification_feature.ref_comp_id                        MSE 
_pdbx_modification_feature.type                               Selenomethionine 
_pdbx_modification_feature.category                           'Named protein modification' 
# 
loop_
_struct_sheet.id 
_struct_sheet.type 
_struct_sheet.number_strands 
_struct_sheet.details 
A ? 4 ? 
B ? 2 ? 
# 
loop_
_struct_sheet_order.sheet_id 
_struct_sheet_order.range_id_1 
_struct_sheet_order.range_id_2 
_struct_sheet_order.offset 
_struct_sheet_order.sense 
A 1 2 ? anti-parallel 
A 2 3 ? parallel      
A 3 4 ? anti-parallel 
B 1 2 ? anti-parallel 
# 
loop_
_struct_sheet_range.sheet_id 
_struct_sheet_range.id 
_struct_sheet_range.beg_label_comp_id 
_struct_sheet_range.beg_label_asym_id 
_struct_sheet_range.beg_label_seq_id 
_struct_sheet_range.pdbx_beg_PDB_ins_code 
_struct_sheet_range.end_label_comp_id 
_struct_sheet_range.end_label_asym_id 
_struct_sheet_range.end_label_seq_id 
_struct_sheet_range.pdbx_end_PDB_ins_code 
_struct_sheet_range.beg_auth_comp_id 
_struct_sheet_range.beg_auth_asym_id 
_struct_sheet_range.beg_auth_seq_id 
_struct_sheet_range.end_auth_comp_id 
_struct_sheet_range.end_auth_asym_id 
_struct_sheet_range.end_auth_seq_id 
A 1 LYS A 16 ? VAL A 19 ? LYS A 40  VAL A 43  
A 2 PHE A 24 ? ILE A 29 ? PHE A 48  ILE A 53  
A 3 GLY A 58 ? ASP A 63 ? GLY A 82  ASP A 87  
A 4 ARG A 78 ? TYR A 83 ? ARG A 102 TYR A 107 
B 1 LYS A 68 ? GLU A 70 ? LYS A 92  GLU A 94  
B 2 ALA A 73 ? VAL A 75 ? ALA A 97  VAL A 99  
# 
loop_
_pdbx_struct_sheet_hbond.sheet_id 
_pdbx_struct_sheet_hbond.range_id_1 
_pdbx_struct_sheet_hbond.range_id_2 
_pdbx_struct_sheet_hbond.range_1_label_atom_id 
_pdbx_struct_sheet_hbond.range_1_label_comp_id 
_pdbx_struct_sheet_hbond.range_1_label_asym_id 
_pdbx_struct_sheet_hbond.range_1_label_seq_id 
_pdbx_struct_sheet_hbond.range_1_PDB_ins_code 
_pdbx_struct_sheet_hbond.range_1_auth_atom_id 
_pdbx_struct_sheet_hbond.range_1_auth_comp_id 
_pdbx_struct_sheet_hbond.range_1_auth_asym_id 
_pdbx_struct_sheet_hbond.range_1_auth_seq_id 
_pdbx_struct_sheet_hbond.range_2_label_atom_id 
_pdbx_struct_sheet_hbond.range_2_label_comp_id 
_pdbx_struct_sheet_hbond.range_2_label_asym_id 
_pdbx_struct_sheet_hbond.range_2_label_seq_id 
_pdbx_struct_sheet_hbond.range_2_PDB_ins_code 
_pdbx_struct_sheet_hbond.range_2_auth_atom_id 
_pdbx_struct_sheet_hbond.range_2_auth_comp_id 
_pdbx_struct_sheet_hbond.range_2_auth_asym_id 
_pdbx_struct_sheet_hbond.range_2_auth_seq_id 
A 1 2 N ALA A 18 ? N ALA A 42 O VAL A 26 ? O VAL A 50  
A 2 3 N ILE A 27 ? N ILE A 51 O LEU A 60 ? O LEU A 84  
A 3 4 N ILE A 61 ? N ILE A 85 O GLY A 80 ? O GLY A 104 
B 1 2 N GLU A 70 ? N GLU A 94 O ALA A 73 ? O ALA A 97  
# 
loop_
_struct_site.id 
_struct_site.pdbx_evidence_code 
_struct_site.pdbx_auth_asym_id 
_struct_site.pdbx_auth_comp_id 
_struct_site.pdbx_auth_seq_id 
_struct_site.pdbx_auth_ins_code 
_struct_site.pdbx_num_residues 
_struct_site.details 
AC1 Software A EDO 200 ? 5 'BINDING SITE FOR RESIDUE EDO A 200' 
AC2 Software A EDO 201 ? 4 'BINDING SITE FOR RESIDUE EDO A 201' 
# 
loop_
_struct_site_gen.id 
_struct_site_gen.site_id 
_struct_site_gen.pdbx_num_res 
_struct_site_gen.label_comp_id 
_struct_site_gen.label_asym_id 
_struct_site_gen.label_seq_id 
_struct_site_gen.pdbx_auth_ins_code 
_struct_site_gen.auth_comp_id 
_struct_site_gen.auth_asym_id 
_struct_site_gen.auth_seq_id 
_struct_site_gen.label_atom_id 
_struct_site_gen.label_alt_id 
_struct_site_gen.symmetry 
_struct_site_gen.details 
1 AC1 5 ILE A 9  ? ILE A 33  . ? 1_555 ? 
2 AC1 5 GLU A 47 ? GLU A 71  . ? 1_555 ? 
3 AC1 5 GLU A 51 ? GLU A 75  . ? 1_555 ? 
4 AC1 5 HOH D .  ? HOH A 324 . ? 1_555 ? 
5 AC1 5 HOH D .  ? HOH A 415 . ? 1_555 ? 
6 AC2 4 GLU A 47 ? GLU A 71  . ? 1_555 ? 
7 AC2 4 GLY A 52 ? GLY A 76  . ? 4_555 ? 
8 AC2 4 SER A 54 ? SER A 78  . ? 4_555 ? 
9 AC2 4 HOH D .  ? HOH A 386 . ? 4_555 ? 
# 
_pdbx_entry_details.compound_details           ? 
_pdbx_entry_details.sequence_details           
;THIS CONSTRUCT WAS EXPRESSED WITH A PURIFICATION TAG MGSDKIHHHHHHENLYFQG. THE TAG WAS REMOVED WITH TEV PROTEASE LEAVING ONLY A GLYCINE (0) FOLLOWED BY RESIDUES 26-108 OF THE TARGET SEQUENCE.
;
_pdbx_entry_details.entry_id                   4JM1 
_pdbx_entry_details.nonpolymer_details         ? 
_pdbx_entry_details.source_details             ? 
_pdbx_entry_details.has_ligand_of_interest     ? 
_pdbx_entry_details.has_protein_modification   Y 
# 
_pdbx_validate_close_contact.id               1 
_pdbx_validate_close_contact.PDB_model_num    1 
_pdbx_validate_close_contact.auth_atom_id_1   OD1 
_pdbx_validate_close_contact.auth_asym_id_1   A 
_pdbx_validate_close_contact.auth_comp_id_1   ASP 
_pdbx_validate_close_contact.auth_seq_id_1    27 
_pdbx_validate_close_contact.PDB_ins_code_1   ? 
_pdbx_validate_close_contact.label_alt_id_1   B 
_pdbx_validate_close_contact.auth_atom_id_2   O 
_pdbx_validate_close_contact.auth_asym_id_2   A 
_pdbx_validate_close_contact.auth_comp_id_2   HOH 
_pdbx_validate_close_contact.auth_seq_id_2    376 
_pdbx_validate_close_contact.PDB_ins_code_2   ? 
_pdbx_validate_close_contact.label_alt_id_2   ? 
_pdbx_validate_close_contact.dist             2.18 
# 
_pdbx_validate_torsion.id              1 
_pdbx_validate_torsion.PDB_model_num   1 
_pdbx_validate_torsion.auth_comp_id    PHE 
_pdbx_validate_torsion.auth_asym_id    A 
_pdbx_validate_torsion.auth_seq_id     36 
_pdbx_validate_torsion.PDB_ins_code    ? 
_pdbx_validate_torsion.label_alt_id    ? 
_pdbx_validate_torsion.phi             -109.90 
_pdbx_validate_torsion.psi             -60.72 
# 
_pdbx_SG_project.project_name          PSI:Biology 
_pdbx_SG_project.full_name_of_center   'Joint Center for Structural Genomics' 
_pdbx_SG_project.initial_of_center     JCSG 
_pdbx_SG_project.id                    1 
# 
_pdbx_struct_mod_residue.id               1 
_pdbx_struct_mod_residue.label_asym_id    A 
_pdbx_struct_mod_residue.label_comp_id    MSE 
_pdbx_struct_mod_residue.label_seq_id     39 
_pdbx_struct_mod_residue.auth_asym_id     A 
_pdbx_struct_mod_residue.auth_comp_id     MSE 
_pdbx_struct_mod_residue.auth_seq_id      63 
_pdbx_struct_mod_residue.PDB_ins_code     ? 
_pdbx_struct_mod_residue.parent_comp_id   MET 
_pdbx_struct_mod_residue.details          SELENOMETHIONINE 
# 
_phasing.method   MAD 
# 
loop_
_chem_comp_atom.comp_id 
_chem_comp_atom.atom_id 
_chem_comp_atom.type_symbol 
_chem_comp_atom.pdbx_aromatic_flag 
_chem_comp_atom.pdbx_stereo_config 
_chem_comp_atom.pdbx_ordinal 
ALA N    N  N N 1   
ALA CA   C  N S 2   
ALA C    C  N N 3   
ALA O    O  N N 4   
ALA CB   C  N N 5   
ALA OXT  O  N N 6   
ALA H    H  N N 7   
ALA H2   H  N N 8   
ALA HA   H  N N 9   
ALA HB1  H  N N 10  
ALA HB2  H  N N 11  
ALA HB3  H  N N 12  
ALA HXT  H  N N 13  
ARG N    N  N N 14  
ARG CA   C  N S 15  
ARG C    C  N N 16  
ARG O    O  N N 17  
ARG CB   C  N N 18  
ARG CG   C  N N 19  
ARG CD   C  N N 20  
ARG NE   N  N N 21  
ARG CZ   C  N N 22  
ARG NH1  N  N N 23  
ARG NH2  N  N N 24  
ARG OXT  O  N N 25  
ARG H    H  N N 26  
ARG H2   H  N N 27  
ARG HA   H  N N 28  
ARG HB2  H  N N 29  
ARG HB3  H  N N 30  
ARG HG2  H  N N 31  
ARG HG3  H  N N 32  
ARG HD2  H  N N 33  
ARG HD3  H  N N 34  
ARG HE   H  N N 35  
ARG HH11 H  N N 36  
ARG HH12 H  N N 37  
ARG HH21 H  N N 38  
ARG HH22 H  N N 39  
ARG HXT  H  N N 40  
ASN N    N  N N 41  
ASN CA   C  N S 42  
ASN C    C  N N 43  
ASN O    O  N N 44  
ASN CB   C  N N 45  
ASN CG   C  N N 46  
ASN OD1  O  N N 47  
ASN ND2  N  N N 48  
ASN OXT  O  N N 49  
ASN H    H  N N 50  
ASN H2   H  N N 51  
ASN HA   H  N N 52  
ASN HB2  H  N N 53  
ASN HB3  H  N N 54  
ASN HD21 H  N N 55  
ASN HD22 H  N N 56  
ASN HXT  H  N N 57  
ASP N    N  N N 58  
ASP CA   C  N S 59  
ASP C    C  N N 60  
ASP O    O  N N 61  
ASP CB   C  N N 62  
ASP CG   C  N N 63  
ASP OD1  O  N N 64  
ASP OD2  O  N N 65  
ASP OXT  O  N N 66  
ASP H    H  N N 67  
ASP H2   H  N N 68  
ASP HA   H  N N 69  
ASP HB2  H  N N 70  
ASP HB3  H  N N 71  
ASP HD2  H  N N 72  
ASP HXT  H  N N 73  
CYS N    N  N N 74  
CYS CA   C  N R 75  
CYS C    C  N N 76  
CYS O    O  N N 77  
CYS CB   C  N N 78  
CYS SG   S  N N 79  
CYS OXT  O  N N 80  
CYS H    H  N N 81  
CYS H2   H  N N 82  
CYS HA   H  N N 83  
CYS HB2  H  N N 84  
CYS HB3  H  N N 85  
CYS HG   H  N N 86  
CYS HXT  H  N N 87  
EDO C1   C  N N 88  
EDO O1   O  N N 89  
EDO C2   C  N N 90  
EDO O2   O  N N 91  
EDO H11  H  N N 92  
EDO H12  H  N N 93  
EDO HO1  H  N N 94  
EDO H21  H  N N 95  
EDO H22  H  N N 96  
EDO HO2  H  N N 97  
GLN N    N  N N 98  
GLN CA   C  N S 99  
GLN C    C  N N 100 
GLN O    O  N N 101 
GLN CB   C  N N 102 
GLN CG   C  N N 103 
GLN CD   C  N N 104 
GLN OE1  O  N N 105 
GLN NE2  N  N N 106 
GLN OXT  O  N N 107 
GLN H    H  N N 108 
GLN H2   H  N N 109 
GLN HA   H  N N 110 
GLN HB2  H  N N 111 
GLN HB3  H  N N 112 
GLN HG2  H  N N 113 
GLN HG3  H  N N 114 
GLN HE21 H  N N 115 
GLN HE22 H  N N 116 
GLN HXT  H  N N 117 
GLU N    N  N N 118 
GLU CA   C  N S 119 
GLU C    C  N N 120 
GLU O    O  N N 121 
GLU CB   C  N N 122 
GLU CG   C  N N 123 
GLU CD   C  N N 124 
GLU OE1  O  N N 125 
GLU OE2  O  N N 126 
GLU OXT  O  N N 127 
GLU H    H  N N 128 
GLU H2   H  N N 129 
GLU HA   H  N N 130 
GLU HB2  H  N N 131 
GLU HB3  H  N N 132 
GLU HG2  H  N N 133 
GLU HG3  H  N N 134 
GLU HE2  H  N N 135 
GLU HXT  H  N N 136 
GLY N    N  N N 137 
GLY CA   C  N N 138 
GLY C    C  N N 139 
GLY O    O  N N 140 
GLY OXT  O  N N 141 
GLY H    H  N N 142 
GLY H2   H  N N 143 
GLY HA2  H  N N 144 
GLY HA3  H  N N 145 
GLY HXT  H  N N 146 
HOH O    O  N N 147 
HOH H1   H  N N 148 
HOH H2   H  N N 149 
ILE N    N  N N 150 
ILE CA   C  N S 151 
ILE C    C  N N 152 
ILE O    O  N N 153 
ILE CB   C  N S 154 
ILE CG1  C  N N 155 
ILE CG2  C  N N 156 
ILE CD1  C  N N 157 
ILE OXT  O  N N 158 
ILE H    H  N N 159 
ILE H2   H  N N 160 
ILE HA   H  N N 161 
ILE HB   H  N N 162 
ILE HG12 H  N N 163 
ILE HG13 H  N N 164 
ILE HG21 H  N N 165 
ILE HG22 H  N N 166 
ILE HG23 H  N N 167 
ILE HD11 H  N N 168 
ILE HD12 H  N N 169 
ILE HD13 H  N N 170 
ILE HXT  H  N N 171 
LEU N    N  N N 172 
LEU CA   C  N S 173 
LEU C    C  N N 174 
LEU O    O  N N 175 
LEU CB   C  N N 176 
LEU CG   C  N N 177 
LEU CD1  C  N N 178 
LEU CD2  C  N N 179 
LEU OXT  O  N N 180 
LEU H    H  N N 181 
LEU H2   H  N N 182 
LEU HA   H  N N 183 
LEU HB2  H  N N 184 
LEU HB3  H  N N 185 
LEU HG   H  N N 186 
LEU HD11 H  N N 187 
LEU HD12 H  N N 188 
LEU HD13 H  N N 189 
LEU HD21 H  N N 190 
LEU HD22 H  N N 191 
LEU HD23 H  N N 192 
LEU HXT  H  N N 193 
LYS N    N  N N 194 
LYS CA   C  N S 195 
LYS C    C  N N 196 
LYS O    O  N N 197 
LYS CB   C  N N 198 
LYS CG   C  N N 199 
LYS CD   C  N N 200 
LYS CE   C  N N 201 
LYS NZ   N  N N 202 
LYS OXT  O  N N 203 
LYS H    H  N N 204 
LYS H2   H  N N 205 
LYS HA   H  N N 206 
LYS HB2  H  N N 207 
LYS HB3  H  N N 208 
LYS HG2  H  N N 209 
LYS HG3  H  N N 210 
LYS HD2  H  N N 211 
LYS HD3  H  N N 212 
LYS HE2  H  N N 213 
LYS HE3  H  N N 214 
LYS HZ1  H  N N 215 
LYS HZ2  H  N N 216 
LYS HZ3  H  N N 217 
LYS HXT  H  N N 218 
MSE N    N  N N 219 
MSE CA   C  N S 220 
MSE C    C  N N 221 
MSE O    O  N N 222 
MSE OXT  O  N N 223 
MSE CB   C  N N 224 
MSE CG   C  N N 225 
MSE SE   SE N N 226 
MSE CE   C  N N 227 
MSE H    H  N N 228 
MSE H2   H  N N 229 
MSE HA   H  N N 230 
MSE HXT  H  N N 231 
MSE HB2  H  N N 232 
MSE HB3  H  N N 233 
MSE HG2  H  N N 234 
MSE HG3  H  N N 235 
MSE HE1  H  N N 236 
MSE HE2  H  N N 237 
MSE HE3  H  N N 238 
PHE N    N  N N 239 
PHE CA   C  N S 240 
PHE C    C  N N 241 
PHE O    O  N N 242 
PHE CB   C  N N 243 
PHE CG   C  Y N 244 
PHE CD1  C  Y N 245 
PHE CD2  C  Y N 246 
PHE CE1  C  Y N 247 
PHE CE2  C  Y N 248 
PHE CZ   C  Y N 249 
PHE OXT  O  N N 250 
PHE H    H  N N 251 
PHE H2   H  N N 252 
PHE HA   H  N N 253 
PHE HB2  H  N N 254 
PHE HB3  H  N N 255 
PHE HD1  H  N N 256 
PHE HD2  H  N N 257 
PHE HE1  H  N N 258 
PHE HE2  H  N N 259 
PHE HZ   H  N N 260 
PHE HXT  H  N N 261 
SER N    N  N N 262 
SER CA   C  N S 263 
SER C    C  N N 264 
SER O    O  N N 265 
SER CB   C  N N 266 
SER OG   O  N N 267 
SER OXT  O  N N 268 
SER H    H  N N 269 
SER H2   H  N N 270 
SER HA   H  N N 271 
SER HB2  H  N N 272 
SER HB3  H  N N 273 
SER HG   H  N N 274 
SER HXT  H  N N 275 
THR N    N  N N 276 
THR CA   C  N S 277 
THR C    C  N N 278 
THR O    O  N N 279 
THR CB   C  N R 280 
THR OG1  O  N N 281 
THR CG2  C  N N 282 
THR OXT  O  N N 283 
THR H    H  N N 284 
THR H2   H  N N 285 
THR HA   H  N N 286 
THR HB   H  N N 287 
THR HG1  H  N N 288 
THR HG21 H  N N 289 
THR HG22 H  N N 290 
THR HG23 H  N N 291 
THR HXT  H  N N 292 
TYR N    N  N N 293 
TYR CA   C  N S 294 
TYR C    C  N N 295 
TYR O    O  N N 296 
TYR CB   C  N N 297 
TYR CG   C  Y N 298 
TYR CD1  C  Y N 299 
TYR CD2  C  Y N 300 
TYR CE1  C  Y N 301 
TYR CE2  C  Y N 302 
TYR CZ   C  Y N 303 
TYR OH   O  N N 304 
TYR OXT  O  N N 305 
TYR H    H  N N 306 
TYR H2   H  N N 307 
TYR HA   H  N N 308 
TYR HB2  H  N N 309 
TYR HB3  H  N N 310 
TYR HD1  H  N N 311 
TYR HD2  H  N N 312 
TYR HE1  H  N N 313 
TYR HE2  H  N N 314 
TYR HH   H  N N 315 
TYR HXT  H  N N 316 
VAL N    N  N N 317 
VAL CA   C  N S 318 
VAL C    C  N N 319 
VAL O    O  N N 320 
VAL CB   C  N N 321 
VAL CG1  C  N N 322 
VAL CG2  C  N N 323 
VAL OXT  O  N N 324 
VAL H    H  N N 325 
VAL H2   H  N N 326 
VAL HA   H  N N 327 
VAL HB   H  N N 328 
VAL HG11 H  N N 329 
VAL HG12 H  N N 330 
VAL HG13 H  N N 331 
VAL HG21 H  N N 332 
VAL HG22 H  N N 333 
VAL HG23 H  N N 334 
VAL HXT  H  N N 335 
# 
loop_
_chem_comp_bond.comp_id 
_chem_comp_bond.atom_id_1 
_chem_comp_bond.atom_id_2 
_chem_comp_bond.value_order 
_chem_comp_bond.pdbx_aromatic_flag 
_chem_comp_bond.pdbx_stereo_config 
_chem_comp_bond.pdbx_ordinal 
ALA N   CA   sing N N 1   
ALA N   H    sing N N 2   
ALA N   H2   sing N N 3   
ALA CA  C    sing N N 4   
ALA CA  CB   sing N N 5   
ALA CA  HA   sing N N 6   
ALA C   O    doub N N 7   
ALA C   OXT  sing N N 8   
ALA CB  HB1  sing N N 9   
ALA CB  HB2  sing N N 10  
ALA CB  HB3  sing N N 11  
ALA OXT HXT  sing N N 12  
ARG N   CA   sing N N 13  
ARG N   H    sing N N 14  
ARG N   H2   sing N N 15  
ARG CA  C    sing N N 16  
ARG CA  CB   sing N N 17  
ARG CA  HA   sing N N 18  
ARG C   O    doub N N 19  
ARG C   OXT  sing N N 20  
ARG CB  CG   sing N N 21  
ARG CB  HB2  sing N N 22  
ARG CB  HB3  sing N N 23  
ARG CG  CD   sing N N 24  
ARG CG  HG2  sing N N 25  
ARG CG  HG3  sing N N 26  
ARG CD  NE   sing N N 27  
ARG CD  HD2  sing N N 28  
ARG CD  HD3  sing N N 29  
ARG NE  CZ   sing N N 30  
ARG NE  HE   sing N N 31  
ARG CZ  NH1  sing N N 32  
ARG CZ  NH2  doub N N 33  
ARG NH1 HH11 sing N N 34  
ARG NH1 HH12 sing N N 35  
ARG NH2 HH21 sing N N 36  
ARG NH2 HH22 sing N N 37  
ARG OXT HXT  sing N N 38  
ASN N   CA   sing N N 39  
ASN N   H    sing N N 40  
ASN N   H2   sing N N 41  
ASN CA  C    sing N N 42  
ASN CA  CB   sing N N 43  
ASN CA  HA   sing N N 44  
ASN C   O    doub N N 45  
ASN C   OXT  sing N N 46  
ASN CB  CG   sing N N 47  
ASN CB  HB2  sing N N 48  
ASN CB  HB3  sing N N 49  
ASN CG  OD1  doub N N 50  
ASN CG  ND2  sing N N 51  
ASN ND2 HD21 sing N N 52  
ASN ND2 HD22 sing N N 53  
ASN OXT HXT  sing N N 54  
ASP N   CA   sing N N 55  
ASP N   H    sing N N 56  
ASP N   H2   sing N N 57  
ASP CA  C    sing N N 58  
ASP CA  CB   sing N N 59  
ASP CA  HA   sing N N 60  
ASP C   O    doub N N 61  
ASP C   OXT  sing N N 62  
ASP CB  CG   sing N N 63  
ASP CB  HB2  sing N N 64  
ASP CB  HB3  sing N N 65  
ASP CG  OD1  doub N N 66  
ASP CG  OD2  sing N N 67  
ASP OD2 HD2  sing N N 68  
ASP OXT HXT  sing N N 69  
CYS N   CA   sing N N 70  
CYS N   H    sing N N 71  
CYS N   H2   sing N N 72  
CYS CA  C    sing N N 73  
CYS CA  CB   sing N N 74  
CYS CA  HA   sing N N 75  
CYS C   O    doub N N 76  
CYS C   OXT  sing N N 77  
CYS CB  SG   sing N N 78  
CYS CB  HB2  sing N N 79  
CYS CB  HB3  sing N N 80  
CYS SG  HG   sing N N 81  
CYS OXT HXT  sing N N 82  
EDO C1  O1   sing N N 83  
EDO C1  C2   sing N N 84  
EDO C1  H11  sing N N 85  
EDO C1  H12  sing N N 86  
EDO O1  HO1  sing N N 87  
EDO C2  O2   sing N N 88  
EDO C2  H21  sing N N 89  
EDO C2  H22  sing N N 90  
EDO O2  HO2  sing N N 91  
GLN N   CA   sing N N 92  
GLN N   H    sing N N 93  
GLN N   H2   sing N N 94  
GLN CA  C    sing N N 95  
GLN CA  CB   sing N N 96  
GLN CA  HA   sing N N 97  
GLN C   O    doub N N 98  
GLN C   OXT  sing N N 99  
GLN CB  CG   sing N N 100 
GLN CB  HB2  sing N N 101 
GLN CB  HB3  sing N N 102 
GLN CG  CD   sing N N 103 
GLN CG  HG2  sing N N 104 
GLN CG  HG3  sing N N 105 
GLN CD  OE1  doub N N 106 
GLN CD  NE2  sing N N 107 
GLN NE2 HE21 sing N N 108 
GLN NE2 HE22 sing N N 109 
GLN OXT HXT  sing N N 110 
GLU N   CA   sing N N 111 
GLU N   H    sing N N 112 
GLU N   H2   sing N N 113 
GLU CA  C    sing N N 114 
GLU CA  CB   sing N N 115 
GLU CA  HA   sing N N 116 
GLU C   O    doub N N 117 
GLU C   OXT  sing N N 118 
GLU CB  CG   sing N N 119 
GLU CB  HB2  sing N N 120 
GLU CB  HB3  sing N N 121 
GLU CG  CD   sing N N 122 
GLU CG  HG2  sing N N 123 
GLU CG  HG3  sing N N 124 
GLU CD  OE1  doub N N 125 
GLU CD  OE2  sing N N 126 
GLU OE2 HE2  sing N N 127 
GLU OXT HXT  sing N N 128 
GLY N   CA   sing N N 129 
GLY N   H    sing N N 130 
GLY N   H2   sing N N 131 
GLY CA  C    sing N N 132 
GLY CA  HA2  sing N N 133 
GLY CA  HA3  sing N N 134 
GLY C   O    doub N N 135 
GLY C   OXT  sing N N 136 
GLY OXT HXT  sing N N 137 
HOH O   H1   sing N N 138 
HOH O   H2   sing N N 139 
ILE N   CA   sing N N 140 
ILE N   H    sing N N 141 
ILE N   H2   sing N N 142 
ILE CA  C    sing N N 143 
ILE CA  CB   sing N N 144 
ILE CA  HA   sing N N 145 
ILE C   O    doub N N 146 
ILE C   OXT  sing N N 147 
ILE CB  CG1  sing N N 148 
ILE CB  CG2  sing N N 149 
ILE CB  HB   sing N N 150 
ILE CG1 CD1  sing N N 151 
ILE CG1 HG12 sing N N 152 
ILE CG1 HG13 sing N N 153 
ILE CG2 HG21 sing N N 154 
ILE CG2 HG22 sing N N 155 
ILE CG2 HG23 sing N N 156 
ILE CD1 HD11 sing N N 157 
ILE CD1 HD12 sing N N 158 
ILE CD1 HD13 sing N N 159 
ILE OXT HXT  sing N N 160 
LEU N   CA   sing N N 161 
LEU N   H    sing N N 162 
LEU N   H2   sing N N 163 
LEU CA  C    sing N N 164 
LEU CA  CB   sing N N 165 
LEU CA  HA   sing N N 166 
LEU C   O    doub N N 167 
LEU C   OXT  sing N N 168 
LEU CB  CG   sing N N 169 
LEU CB  HB2  sing N N 170 
LEU CB  HB3  sing N N 171 
LEU CG  CD1  sing N N 172 
LEU CG  CD2  sing N N 173 
LEU CG  HG   sing N N 174 
LEU CD1 HD11 sing N N 175 
LEU CD1 HD12 sing N N 176 
LEU CD1 HD13 sing N N 177 
LEU CD2 HD21 sing N N 178 
LEU CD2 HD22 sing N N 179 
LEU CD2 HD23 sing N N 180 
LEU OXT HXT  sing N N 181 
LYS N   CA   sing N N 182 
LYS N   H    sing N N 183 
LYS N   H2   sing N N 184 
LYS CA  C    sing N N 185 
LYS CA  CB   sing N N 186 
LYS CA  HA   sing N N 187 
LYS C   O    doub N N 188 
LYS C   OXT  sing N N 189 
LYS CB  CG   sing N N 190 
LYS CB  HB2  sing N N 191 
LYS CB  HB3  sing N N 192 
LYS CG  CD   sing N N 193 
LYS CG  HG2  sing N N 194 
LYS CG  HG3  sing N N 195 
LYS CD  CE   sing N N 196 
LYS CD  HD2  sing N N 197 
LYS CD  HD3  sing N N 198 
LYS CE  NZ   sing N N 199 
LYS CE  HE2  sing N N 200 
LYS CE  HE3  sing N N 201 
LYS NZ  HZ1  sing N N 202 
LYS NZ  HZ2  sing N N 203 
LYS NZ  HZ3  sing N N 204 
LYS OXT HXT  sing N N 205 
MSE N   CA   sing N N 206 
MSE N   H    sing N N 207 
MSE N   H2   sing N N 208 
MSE CA  C    sing N N 209 
MSE CA  CB   sing N N 210 
MSE CA  HA   sing N N 211 
MSE C   O    doub N N 212 
MSE C   OXT  sing N N 213 
MSE OXT HXT  sing N N 214 
MSE CB  CG   sing N N 215 
MSE CB  HB2  sing N N 216 
MSE CB  HB3  sing N N 217 
MSE CG  SE   sing N N 218 
MSE CG  HG2  sing N N 219 
MSE CG  HG3  sing N N 220 
MSE SE  CE   sing N N 221 
MSE CE  HE1  sing N N 222 
MSE CE  HE2  sing N N 223 
MSE CE  HE3  sing N N 224 
PHE N   CA   sing N N 225 
PHE N   H    sing N N 226 
PHE N   H2   sing N N 227 
PHE CA  C    sing N N 228 
PHE CA  CB   sing N N 229 
PHE CA  HA   sing N N 230 
PHE C   O    doub N N 231 
PHE C   OXT  sing N N 232 
PHE CB  CG   sing N N 233 
PHE CB  HB2  sing N N 234 
PHE CB  HB3  sing N N 235 
PHE CG  CD1  doub Y N 236 
PHE CG  CD2  sing Y N 237 
PHE CD1 CE1  sing Y N 238 
PHE CD1 HD1  sing N N 239 
PHE CD2 CE2  doub Y N 240 
PHE CD2 HD2  sing N N 241 
PHE CE1 CZ   doub Y N 242 
PHE CE1 HE1  sing N N 243 
PHE CE2 CZ   sing Y N 244 
PHE CE2 HE2  sing N N 245 
PHE CZ  HZ   sing N N 246 
PHE OXT HXT  sing N N 247 
SER N   CA   sing N N 248 
SER N   H    sing N N 249 
SER N   H2   sing N N 250 
SER CA  C    sing N N 251 
SER CA  CB   sing N N 252 
SER CA  HA   sing N N 253 
SER C   O    doub N N 254 
SER C   OXT  sing N N 255 
SER CB  OG   sing N N 256 
SER CB  HB2  sing N N 257 
SER CB  HB3  sing N N 258 
SER OG  HG   sing N N 259 
SER OXT HXT  sing N N 260 
THR N   CA   sing N N 261 
THR N   H    sing N N 262 
THR N   H2   sing N N 263 
THR CA  C    sing N N 264 
THR CA  CB   sing N N 265 
THR CA  HA   sing N N 266 
THR C   O    doub N N 267 
THR C   OXT  sing N N 268 
THR CB  OG1  sing N N 269 
THR CB  CG2  sing N N 270 
THR CB  HB   sing N N 271 
THR OG1 HG1  sing N N 272 
THR CG2 HG21 sing N N 273 
THR CG2 HG22 sing N N 274 
THR CG2 HG23 sing N N 275 
THR OXT HXT  sing N N 276 
TYR N   CA   sing N N 277 
TYR N   H    sing N N 278 
TYR N   H2   sing N N 279 
TYR CA  C    sing N N 280 
TYR CA  CB   sing N N 281 
TYR CA  HA   sing N N 282 
TYR C   O    doub N N 283 
TYR C   OXT  sing N N 284 
TYR CB  CG   sing N N 285 
TYR CB  HB2  sing N N 286 
TYR CB  HB3  sing N N 287 
TYR CG  CD1  doub Y N 288 
TYR CG  CD2  sing Y N 289 
TYR CD1 CE1  sing Y N 290 
TYR CD1 HD1  sing N N 291 
TYR CD2 CE2  doub Y N 292 
TYR CD2 HD2  sing N N 293 
TYR CE1 CZ   doub Y N 294 
TYR CE1 HE1  sing N N 295 
TYR CE2 CZ   sing Y N 296 
TYR CE2 HE2  sing N N 297 
TYR CZ  OH   sing N N 298 
TYR OH  HH   sing N N 299 
TYR OXT HXT  sing N N 300 
VAL N   CA   sing N N 301 
VAL N   H    sing N N 302 
VAL N   H2   sing N N 303 
VAL CA  C    sing N N 304 
VAL CA  CB   sing N N 305 
VAL CA  HA   sing N N 306 
VAL C   O    doub N N 307 
VAL C   OXT  sing N N 308 
VAL CB  CG1  sing N N 309 
VAL CB  CG2  sing N N 310 
VAL CB  HB   sing N N 311 
VAL CG1 HG11 sing N N 312 
VAL CG1 HG12 sing N N 313 
VAL CG1 HG13 sing N N 314 
VAL CG2 HG21 sing N N 315 
VAL CG2 HG22 sing N N 316 
VAL CG2 HG23 sing N N 317 
VAL OXT HXT  sing N N 318 
# 
_atom_sites.entry_id                    4JM1 
_atom_sites.fract_transf_matrix[1][1]   -0.02186085 
_atom_sites.fract_transf_matrix[1][2]   -0.00368123 
_atom_sites.fract_transf_matrix[1][3]   0.01494184 
_atom_sites.fract_transf_matrix[2][1]   -0.00104686 
_atom_sites.fract_transf_matrix[2][2]   0.02154159 
_atom_sites.fract_transf_matrix[2][3]   0.00377558 
_atom_sites.fract_transf_matrix[3][1]   -0.01192464 
_atom_sites.fract_transf_matrix[3][2]   0.00237574 
_atom_sites.fract_transf_matrix[3][3]   -0.01686119 
_atom_sites.fract_transf_vector[1]      0.980689 
_atom_sites.fract_transf_vector[2]      0.321060 
_atom_sites.fract_transf_vector[3]      0.202480 
# 
loop_
_atom_type.symbol 
C  
N  
O  
S  
SE 
# 
loop_
_atom_site.group_PDB 
_atom_site.id 
_atom_site.type_symbol 
_atom_site.label_atom_id 
_atom_site.label_alt_id 
_atom_site.label_comp_id 
_atom_site.label_asym_id 
_atom_site.label_entity_id 
_atom_site.label_seq_id 
_atom_site.pdbx_PDB_ins_code 
_atom_site.Cartn_x 
_atom_site.Cartn_y 
_atom_site.Cartn_z 
_atom_site.occupancy 
_atom_site.B_iso_or_equiv 
_atom_site.pdbx_formal_charge 
_atom_site.auth_seq_id 
_atom_site.auth_comp_id 
_atom_site.auth_asym_id 
_atom_site.auth_atom_id 
_atom_site.pdbx_PDB_model_num 
ATOM   1   N  N   . GLY A 1 1  ? 14.055  -1.716  -5.981  1.00 33.62 ? 0   GLY A N   1 
ATOM   2   C  CA  . GLY A 1 1  ? 12.649  -1.219  -5.998  1.00 29.87 ? 0   GLY A CA  1 
ATOM   3   C  C   . GLY A 1 1  ? 11.748  -2.085  -5.130  1.00 26.14 ? 0   GLY A C   1 
ATOM   4   O  O   . GLY A 1 1  ? 12.207  -2.893  -4.326  1.00 27.34 ? 0   GLY A O   1 
ATOM   5   N  N   . ALA A 1 2  ? 10.449  -1.921  -5.309  1.00 21.74 ? 26  ALA A N   1 
ATOM   6   C  CA  . ALA A 1 2  ? 9.465   -2.552  -4.453  1.00 16.85 ? 26  ALA A CA  1 
ATOM   7   C  C   . ALA A 1 2  ? 8.842   -3.828  -5.022  1.00 14.74 ? 26  ALA A C   1 
ATOM   8   O  O   . ALA A 1 2  ? 8.005   -4.437  -4.357  1.00 13.77 ? 26  ALA A O   1 
ATOM   9   C  CB  . ALA A 1 2  ? 8.357   -1.539  -4.121  1.00 18.82 ? 26  ALA A CB  1 
ATOM   10  N  N   . ASP A 1 3  ? 9.196   -4.219  -6.243  1.00 14.94 ? 27  ASP A N   1 
ATOM   11  C  CA  A ASP A 1 3  ? 8.508   -5.350  -6.904  0.80 15.50 ? 27  ASP A CA  1 
ATOM   12  C  CA  B ASP A 1 3  ? 8.524   -5.347  -6.911  0.20 15.84 ? 27  ASP A CA  1 
ATOM   13  C  C   . ASP A 1 3  ? 8.587   -6.655  -6.121  1.00 14.64 ? 27  ASP A C   1 
ATOM   14  O  O   . ASP A 1 3  ? 7.611   -7.376  -6.043  1.00 14.56 ? 27  ASP A O   1 
ATOM   15  C  CB  A ASP A 1 3  ? 9.038   -5.614  -8.322  0.80 18.42 ? 27  ASP A CB  1 
ATOM   16  C  CB  B ASP A 1 3  ? 9.062   -5.565  -8.339  0.20 17.37 ? 27  ASP A CB  1 
ATOM   17  C  CG  A ASP A 1 3  ? 8.627   -4.547  -9.347  0.80 25.69 ? 27  ASP A CG  1 
ATOM   18  C  CG  B ASP A 1 3  ? 10.461  -6.179  -8.367  0.20 21.63 ? 27  ASP A CG  1 
ATOM   19  O  OD1 A ASP A 1 3  ? 7.820   -3.640  -9.045  0.80 28.69 ? 27  ASP A OD1 1 
ATOM   20  O  OD1 B ASP A 1 3  ? 11.309  -5.780  -7.543  0.20 23.13 ? 27  ASP A OD1 1 
ATOM   21  O  OD2 A ASP A 1 3  ? 9.113   -4.643  -10.495 0.80 31.99 ? 27  ASP A OD2 1 
ATOM   22  O  OD2 B ASP A 1 3  ? 10.714  -7.065  -9.214  0.20 25.94 ? 27  ASP A OD2 1 
ATOM   23  N  N   . LYS A 1 4  ? 9.746   -6.979  -5.565  1.00 14.97 ? 28  LYS A N   1 
ATOM   24  C  CA  . LYS A 1 4  ? 9.868   -8.244  -4.849  1.00 13.84 ? 28  LYS A CA  1 
ATOM   25  C  C   . LYS A 1 4  ? 9.013   -8.256  -3.589  1.00 12.81 ? 28  LYS A C   1 
ATOM   26  O  O   . LYS A 1 4  ? 8.341   -9.259  -3.290  1.00 13.88 ? 28  LYS A O   1 
ATOM   27  C  CB  . LYS A 1 4  ? 11.326  -8.582  -4.550  1.00 16.15 ? 28  LYS A CB  1 
ATOM   28  C  CG  . LYS A 1 4  ? 12.046  -8.884  -5.910  1.00 21.78 ? 28  LYS A CG  1 
ATOM   29  C  CD  . LYS A 1 4  ? 13.464  -9.333  -5.846  1.00 30.17 ? 28  LYS A CD  1 
ATOM   30  C  CE  . LYS A 1 4  ? 13.927  -9.662  -7.294  1.00 36.44 ? 28  LYS A CE  1 
ATOM   31  N  NZ  . LYS A 1 4  ? 15.362  -10.033 -7.366  1.00 43.45 ? 28  LYS A NZ  1 
ATOM   32  N  N   . TYR A 1 5  ? 9.019   -7.138  -2.874  1.00 12.12 ? 29  TYR A N   1 
ATOM   33  C  CA  . TYR A 1 5  ? 8.159   -7.019  -1.691  1.00 10.86 ? 29  TYR A CA  1 
ATOM   34  C  C   . TYR A 1 5  ? 6.674   -7.106  -2.052  1.00 10.90 ? 29  TYR A C   1 
ATOM   35  O  O   . TYR A 1 5  ? 5.934   -7.879  -1.446  1.00 11.24 ? 29  TYR A O   1 
ATOM   36  C  CB  . TYR A 1 5  ? 8.477   -5.733  -0.908  1.00 11.47 ? 29  TYR A CB  1 
ATOM   37  C  CG  . TYR A 1 5  ? 7.610   -5.557  0.316   1.00 12.13 ? 29  TYR A CG  1 
ATOM   38  C  CD1 . TYR A 1 5  ? 7.718   -6.404  1.404   1.00 11.77 ? 29  TYR A CD1 1 
ATOM   39  C  CD2 . TYR A 1 5  ? 6.629   -4.569  0.367   1.00 11.38 ? 29  TYR A CD2 1 
ATOM   40  C  CE1 . TYR A 1 5  ? 6.888   -6.270  2.511   1.00 11.08 ? 29  TYR A CE1 1 
ATOM   41  C  CE2 . TYR A 1 5  ? 5.818   -4.429  1.474   1.00 12.19 ? 29  TYR A CE2 1 
ATOM   42  C  CZ  . TYR A 1 5  ? 5.915   -5.290  2.525   1.00 10.64 ? 29  TYR A CZ  1 
ATOM   43  O  OH  . TYR A 1 5  ? 5.108   -5.154  3.619   1.00 12.63 ? 29  TYR A OH  1 
ATOM   44  N  N   . ILE A 1 6  ? 6.269   -6.342  -3.066  1.00 10.24 ? 30  ILE A N   1 
ATOM   45  C  CA  . ILE A 1 6  ? 4.876   -6.370  -3.514  1.00 10.27 ? 30  ILE A CA  1 
ATOM   46  C  C   . ILE A 1 6  ? 4.477   -7.815  -3.903  1.00 10.57 ? 30  ILE A C   1 
ATOM   47  O  O   . ILE A 1 6  ? 3.389   -8.293  -3.551  1.00 10.71 ? 30  ILE A O   1 
ATOM   48  C  CB  . ILE A 1 6  ? 4.661   -5.392  -4.695  1.00 11.76 ? 30  ILE A CB  1 
ATOM   49  C  CG1 . ILE A 1 6  ? 4.685   -3.954  -4.152  1.00 11.79 ? 30  ILE A CG1 1 
ATOM   50  C  CG2 . ILE A 1 6  ? 3.312   -5.670  -5.419  1.00 12.65 ? 30  ILE A CG2 1 
ATOM   51  C  CD1 . ILE A 1 6  ? 4.742   -2.910  -5.225  1.00 14.78 ? 30  ILE A CD1 1 
ATOM   52  N  N   . ASP A 1 7  ? 5.367   -8.484  -4.646  1.00 10.58 ? 31  ASP A N   1 
ATOM   53  C  CA  . ASP A 1 7  ? 5.059   -9.856  -5.073  1.00 12.62 ? 31  ASP A CA  1 
ATOM   54  C  C   . ASP A 1 7  ? 5.004   -10.870 -3.935  1.00 11.86 ? 31  ASP A C   1 
ATOM   55  O  O   . ASP A 1 7  ? 4.460   -11.966 -4.099  1.00 12.30 ? 31  ASP A O   1 
ATOM   56  C  CB  . ASP A 1 7  ? 5.978   -10.310 -6.214  1.00 12.93 ? 31  ASP A CB  1 
ATOM   57  C  CG  . ASP A 1 7  ? 5.785   -9.515  -7.503  1.00 16.26 ? 31  ASP A CG  1 
ATOM   58  O  OD1 . ASP A 1 7  ? 4.765   -8.787  -7.626  1.00 18.59 ? 31  ASP A OD1 1 
ATOM   59  O  OD2 . ASP A 1 7  ? 6.674   -9.629  -8.396  1.00 19.50 ? 31  ASP A OD2 1 
ATOM   60  N  N   . THR A 1 8  ? 5.567   -10.528 -2.782  1.00 11.36 ? 32  THR A N   1 
ATOM   61  C  CA  . THR A 1 8  ? 5.489   -11.369 -1.593  1.00 11.88 ? 32  THR A CA  1 
ATOM   62  C  C   . THR A 1 8  ? 4.223   -11.117 -0.774  1.00 11.40 ? 32  THR A C   1 
ATOM   63  O  O   . THR A 1 8  ? 3.661   -12.050 -0.217  1.00 11.74 ? 32  THR A O   1 
ATOM   64  C  CB  . THR A 1 8  ? 6.750   -11.228 -0.760  1.00 13.55 ? 32  THR A CB  1 
ATOM   65  O  OG1 . THR A 1 8  ? 7.870   -11.654 -1.543  1.00 17.00 ? 32  THR A OG1 1 
ATOM   66  C  CG2 . THR A 1 8  ? 6.708   -12.070 0.519   1.00 16.33 ? 32  THR A CG2 1 
ATOM   67  N  N   . ILE A 1 9  ? 3.779   -9.872  -0.693  1.00 11.07 ? 33  ILE A N   1 
ATOM   68  C  CA  . ILE A 1 9  ? 2.600   -9.569  0.110   1.00 11.13 ? 33  ILE A CA  1 
ATOM   69  C  C   . ILE A 1 9  ? 1.288   -9.757  -0.663  1.00 10.82 ? 33  ILE A C   1 
ATOM   70  O  O   . ILE A 1 9  ? 0.240   -9.912  -0.032  1.00 11.43 ? 33  ILE A O   1 
ATOM   71  C  CB  . ILE A 1 9  ? 2.645   -8.145  0.745   1.00 11.51 ? 33  ILE A CB  1 
ATOM   72  C  CG1 . ILE A 1 9  ? 2.628   -7.030  -0.310  1.00 10.99 ? 33  ILE A CG1 1 
ATOM   73  C  CG2 . ILE A 1 9  ? 3.878   -7.978  1.653   1.00 12.15 ? 33  ILE A CG2 1 
ATOM   74  C  CD1 . ILE A 1 9  ? 2.395   -5.620  0.300   1.00 13.10 ? 33  ILE A CD1 1 
ATOM   75  N  N   . THR A 1 10 ? 1.340   -9.702  -2.008  1.00 11.07 ? 34  THR A N   1 
ATOM   76  C  CA  . THR A 1 10 ? 0.122   -9.788  -2.814  1.00 10.27 ? 34  THR A CA  1 
ATOM   77  C  C   . THR A 1 10 ? -0.544  -11.152 -2.649  1.00 10.46 ? 34  THR A C   1 
ATOM   78  O  O   . THR A 1 10 ? 0.047   -12.194 -2.900  1.00 12.84 ? 34  THR A O   1 
ATOM   79  C  CB  . THR A 1 10 ? 0.418   -9.470  -4.296  1.00 12.04 ? 34  THR A CB  1 
ATOM   80  O  OG1 . THR A 1 10 ? 0.845   -8.095  -4.385  1.00 13.75 ? 34  THR A OG1 1 
ATOM   81  C  CG2 . THR A 1 10 ? -0.821  -9.659  -5.161  1.00 14.12 ? 34  THR A CG2 1 
ATOM   82  N  N   . GLY A 1 11 ? -1.812  -11.117 -2.236  1.00 10.79 ? 35  GLY A N   1 
ATOM   83  C  CA  . GLY A 1 11 ? -2.530  -12.333 -1.932  1.00 11.01 ? 35  GLY A CA  1 
ATOM   84  C  C   . GLY A 1 11 ? -2.089  -13.047 -0.683  1.00 11.57 ? 35  GLY A C   1 
ATOM   85  O  O   . GLY A 1 11 ? -2.463  -14.193 -0.468  1.00 12.41 ? 35  GLY A O   1 
ATOM   86  N  N   . PHE A 1 12 ? -1.228  -12.405 0.101   1.00 11.98 ? 36  PHE A N   1 
ATOM   87  C  CA  . PHE A 1 12 ? -0.770  -12.931 1.377   1.00 10.66 ? 36  PHE A CA  1 
ATOM   88  C  C   . PHE A 1 12 ? -1.365  -12.093 2.522   1.00 11.44 ? 36  PHE A C   1 
ATOM   89  O  O   . PHE A 1 12 ? -2.089  -12.600 3.342   1.00 15.01 ? 36  PHE A O   1 
ATOM   90  C  CB  . PHE A 1 12 ? 0.769   -12.960 1.461   1.00 11.60 ? 36  PHE A CB  1 
ATOM   91  C  CG  . PHE A 1 12 ? 1.257   -13.388 2.783   1.00 13.30 ? 36  PHE A CG  1 
ATOM   92  C  CD1 . PHE A 1 12 ? 1.153   -14.719 3.149   1.00 13.83 ? 36  PHE A CD1 1 
ATOM   93  C  CD2 . PHE A 1 12 ? 1.825   -12.480 3.667   1.00 14.74 ? 36  PHE A CD2 1 
ATOM   94  C  CE1 . PHE A 1 12 ? 1.578   -15.140 4.396   1.00 17.42 ? 36  PHE A CE1 1 
ATOM   95  C  CE2 . PHE A 1 12 ? 2.272   -12.893 4.925   1.00 15.49 ? 36  PHE A CE2 1 
ATOM   96  C  CZ  . PHE A 1 12 ? 2.156   -14.228 5.283   1.00 17.90 ? 36  PHE A CZ  1 
ATOM   97  N  N   . SER A 1 13 ? -1.044  -10.810 2.533   1.00 11.10 ? 37  SER A N   1 
ATOM   98  C  CA  . SER A 1 13 ? -1.478  -9.877  3.563   1.00 11.24 ? 37  SER A CA  1 
ATOM   99  C  C   . SER A 1 13 ? -2.308  -8.707  3.003   1.00 12.39 ? 37  SER A C   1 
ATOM   100 O  O   . SER A 1 13 ? -2.749  -7.800  3.739   1.00 13.68 ? 37  SER A O   1 
ATOM   101 C  CB  . SER A 1 13 ? -0.275  -9.357  4.333   1.00 12.34 ? 37  SER A CB  1 
ATOM   102 O  OG  . SER A 1 13 ? 0.680   -8.832  3.446   1.00 11.39 ? 37  SER A OG  1 
ATOM   103 N  N   . CYS A 1 14 ? -2.525  -8.742  1.692   1.00 11.81 ? 38  CYS A N   1 
ATOM   104 C  CA  . CYS A 1 14 ? -3.364  -7.790  1.004   1.00 12.02 ? 38  CYS A CA  1 
ATOM   105 C  C   . CYS A 1 14 ? -3.818  -8.410  -0.308  1.00 12.39 ? 38  CYS A C   1 
ATOM   106 O  O   . CYS A 1 14 ? -3.430  -9.547  -0.612  1.00 13.17 ? 38  CYS A O   1 
ATOM   107 C  CB  . CYS A 1 14 ? -2.613  -6.503  0.764   1.00 13.29 ? 38  CYS A CB  1 
ATOM   108 S  SG  . CYS A 1 14 ? -1.268  -6.646  -0.484  1.00 14.53 ? 38  CYS A SG  1 
ATOM   109 N  N   . GLU A 1 15 ? -4.690  -7.728  -1.049  1.00 11.55 ? 39  GLU A N   1 
ATOM   110 C  CA  . GLU A 1 15 ? -5.142  -8.239  -2.332  1.00 11.31 ? 39  GLU A CA  1 
ATOM   111 C  C   . GLU A 1 15 ? -4.385  -7.718  -3.531  1.00 12.80 ? 39  GLU A C   1 
ATOM   112 O  O   . GLU A 1 15 ? -4.202  -8.455  -4.490  1.00 15.33 ? 39  GLU A O   1 
ATOM   113 C  CB  . GLU A 1 15 ? -6.655  -8.073  -2.493  1.00 14.32 ? 39  GLU A CB  1 
ATOM   114 C  CG  . GLU A 1 15 ? -7.363  -8.922  -1.438  1.00 18.24 ? 39  GLU A CG  1 
ATOM   115 C  CD  . GLU A 1 15 ? -8.830  -9.175  -1.646  1.00 22.93 ? 39  GLU A CD  1 
ATOM   116 O  OE1 . GLU A 1 15 ? -9.360  -8.924  -2.746  1.00 20.90 ? 39  GLU A OE1 1 
ATOM   117 O  OE2 . GLU A 1 15 ? -9.456  -9.658  -0.656  1.00 23.80 ? 39  GLU A OE2 1 
ATOM   118 N  N   . LYS A 1 16 ? -3.921  -6.468  -3.458  1.00 13.48 ? 40  LYS A N   1 
ATOM   119 C  CA  A LYS A 1 16 ? -3.156  -5.840  -4.530  0.50 12.99 ? 40  LYS A CA  1 
ATOM   120 C  CA  B LYS A 1 16 ? -3.197  -5.792  -4.538  0.50 13.03 ? 40  LYS A CA  1 
ATOM   121 C  C   . LYS A 1 16 ? -2.353  -4.696  -3.906  1.00 12.04 ? 40  LYS A C   1 
ATOM   122 O  O   . LYS A 1 16 ? -2.747  -4.147  -2.882  1.00 12.58 ? 40  LYS A O   1 
ATOM   123 C  CB  A LYS A 1 16 ? -4.098  -5.331  -5.638  0.50 13.83 ? 40  LYS A CB  1 
ATOM   124 C  CB  B LYS A 1 16 ? -4.175  -5.130  -5.519  0.50 13.85 ? 40  LYS A CB  1 
ATOM   125 C  CG  A LYS A 1 16 ? -3.411  -4.907  -6.936  0.50 15.16 ? 40  LYS A CG  1 
ATOM   126 C  CG  B LYS A 1 16 ? -4.827  -6.056  -6.526  0.50 14.42 ? 40  LYS A CG  1 
ATOM   127 C  CD  A LYS A 1 16 ? -4.393  -4.677  -8.087  0.50 19.56 ? 40  LYS A CD  1 
ATOM   128 C  CD  B LYS A 1 16 ? -5.612  -5.273  -7.573  0.50 15.21 ? 40  LYS A CD  1 
ATOM   129 C  CE  A LYS A 1 16 ? -3.684  -4.075  -9.318  0.50 26.00 ? 40  LYS A CE  1 
ATOM   130 C  CE  B LYS A 1 16 ? -6.376  -6.213  -8.508  0.50 16.65 ? 40  LYS A CE  1 
ATOM   131 N  NZ  A LYS A 1 16 ? -4.445  -4.186  -10.633 0.50 28.43 ? 40  LYS A NZ  1 
ATOM   132 N  NZ  B LYS A 1 16 ? -7.019  -5.486  -9.615  0.50 18.07 ? 40  LYS A NZ  1 
ATOM   133 N  N   . ALA A 1 17 ? -1.210  -4.385  -4.499  1.00 10.87 ? 41  ALA A N   1 
ATOM   134 C  CA  . ALA A 1 17 ? -0.374  -3.279  -4.036  1.00 10.95 ? 41  ALA A CA  1 
ATOM   135 C  C   . ALA A 1 17 ? 0.414   -2.696  -5.195  1.00 10.13 ? 41  ALA A C   1 
ATOM   136 O  O   . ALA A 1 17 ? 0.685   -3.377  -6.187  1.00 12.46 ? 41  ALA A O   1 
ATOM   137 C  CB  . ALA A 1 17 ? 0.585   -3.738  -2.896  1.00 12.55 ? 41  ALA A CB  1 
ATOM   138 N  N   . ALA A 1 18 ? 0.828   -1.441  -5.041  1.00 11.46 ? 42  ALA A N   1 
ATOM   139 C  CA  . ALA A 1 18 ? 1.627   -0.766  -6.055  1.00 11.90 ? 42  ALA A CA  1 
ATOM   140 C  C   . ALA A 1 18 ? 2.328   0.438   -5.467  1.00 11.71 ? 42  ALA A C   1 
ATOM   141 O  O   . ALA A 1 18 ? 1.772   1.129   -4.618  1.00 13.63 ? 42  ALA A O   1 
ATOM   142 C  CB  . ALA A 1 18 ? 0.763   -0.315  -7.224  1.00 13.96 ? 42  ALA A CB  1 
ATOM   143 N  N   . VAL A 1 19 ? 3.550   0.694   -5.921  1.00 13.16 ? 43  VAL A N   1 
ATOM   144 C  CA  . VAL A 1 19 ? 4.203   1.988   -5.664  1.00 14.16 ? 43  VAL A CA  1 
ATOM   145 C  C   . VAL A 1 19 ? 3.792   2.958   -6.758  1.00 14.61 ? 43  VAL A C   1 
ATOM   146 O  O   . VAL A 1 19 ? 3.788   2.641   -7.947  1.00 17.59 ? 43  VAL A O   1 
ATOM   147 C  CB  . VAL A 1 19 ? 5.731   1.844   -5.560  1.00 15.71 ? 43  VAL A CB  1 
ATOM   148 C  CG1 . VAL A 1 19 ? 6.456   3.214   -5.479  1.00 19.03 ? 43  VAL A CG1 1 
ATOM   149 C  CG2 . VAL A 1 19 ? 6.108   0.977   -4.355  1.00 19.19 ? 43  VAL A CG2 1 
ATOM   150 N  N   . THR A 1 20 ? 3.440   4.159   -6.343  1.00 14.72 ? 44  THR A N   1 
ATOM   151 C  CA  . THR A 1 20 ? 2.948   5.172   -7.267  1.00 14.69 ? 44  THR A CA  1 
ATOM   152 C  C   . THR A 1 20 ? 4.071   6.172   -7.562  1.00 14.36 ? 44  THR A C   1 
ATOM   153 O  O   . THR A 1 20 ? 5.100   6.242   -6.849  1.00 16.30 ? 44  THR A O   1 
ATOM   154 C  CB  . THR A 1 20 ? 1.687   5.860   -6.681  1.00 15.47 ? 44  THR A CB  1 
ATOM   155 O  OG1 . THR A 1 20 ? 1.969   6.393   -5.378  1.00 16.42 ? 44  THR A OG1 1 
ATOM   156 C  CG2 . THR A 1 20 ? 0.517   4.877   -6.582  1.00 15.34 ? 44  THR A CG2 1 
ATOM   157 N  N   . ASP A 1 21 ? 3.870   6.945   -8.629  1.00 16.03 ? 45  ASP A N   1 
ATOM   158 C  CA  . ASP A 1 21 ? 4.929   7.855   -9.092  1.00 16.12 ? 45  ASP A CA  1 
ATOM   159 C  C   . ASP A 1 21 ? 5.328   8.900   -8.055  1.00 17.01 ? 45  ASP A C   1 
ATOM   160 O  O   . ASP A 1 21 ? 6.475   9.355   -8.013  1.00 17.88 ? 45  ASP A O   1 
ATOM   161 C  CB  . ASP A 1 21 ? 4.515   8.568   -10.394 1.00 20.02 ? 45  ASP A CB  1 
ATOM   162 C  CG  . ASP A 1 21 ? 4.454   7.626   -11.607 1.00 25.89 ? 45  ASP A CG  1 
ATOM   163 O  OD1 . ASP A 1 21 ? 4.979   6.476   -11.546 1.00 26.84 ? 45  ASP A OD1 1 
ATOM   164 O  OD2 . ASP A 1 21 ? 3.844   8.046   -12.624 1.00 31.87 ? 45  ASP A OD2 1 
ATOM   165 N  N   . ASN A 1 22 ? 4.388   9.254   -7.189  1.00 15.90 ? 46  ASN A N   1 
ATOM   166 C  CA  . ASN A 1 22 ? 4.647   10.245  -6.154  1.00 16.44 ? 46  ASN A CA  1 
ATOM   167 C  C   . ASN A 1 22 ? 5.279   9.659   -4.897  1.00 16.44 ? 46  ASN A C   1 
ATOM   168 O  O   . ASN A 1 22 ? 5.432   10.366  -3.902  1.00 18.33 ? 46  ASN A O   1 
ATOM   169 C  CB  . ASN A 1 22 ? 3.358   11.009  -5.816  1.00 17.08 ? 46  ASN A CB  1 
ATOM   170 C  CG  . ASN A 1 22 ? 2.287   10.133  -5.183  1.00 16.07 ? 46  ASN A CG  1 
ATOM   171 O  OD1 . ASN A 1 22 ? 2.478   8.939   -4.992  1.00 16.31 ? 46  ASN A OD1 1 
ATOM   172 N  ND2 . ASN A 1 22 ? 1.127   10.730  -4.892  1.00 16.67 ? 46  ASN A ND2 1 
ATOM   173 N  N   . GLY A 1 23 ? 5.654   8.369   -4.944  1.00 16.09 ? 47  GLY A N   1 
ATOM   174 C  CA  . GLY A 1 23 ? 6.464   7.757   -3.901  1.00 16.55 ? 47  GLY A CA  1 
ATOM   175 C  C   . GLY A 1 23 ? 5.792   7.033   -2.757  1.00 13.95 ? 47  GLY A C   1 
ATOM   176 O  O   . GLY A 1 23 ? 6.460   6.665   -1.801  1.00 16.86 ? 47  GLY A O   1 
ATOM   177 N  N   . PHE A 1 24 ? 4.482   6.831   -2.849  1.00 12.27 ? 48  PHE A N   1 
ATOM   178 C  CA  . PHE A 1 24 ? 3.768   6.075   -1.827  1.00 11.37 ? 48  PHE A CA  1 
ATOM   179 C  C   . PHE A 1 24 ? 3.596   4.619   -2.243  1.00 12.29 ? 48  PHE A C   1 
ATOM   180 O  O   . PHE A 1 24 ? 3.449   4.297   -3.424  1.00 15.41 ? 48  PHE A O   1 
ATOM   181 C  CB  . PHE A 1 24 ? 2.399   6.700   -1.519  1.00 12.44 ? 48  PHE A CB  1 
ATOM   182 C  CG  . PHE A 1 24 ? 2.490   8.029   -0.807  1.00 11.49 ? 48  PHE A CG  1 
ATOM   183 C  CD1 . PHE A 1 24 ? 2.576   9.207   -1.514  1.00 13.61 ? 48  PHE A CD1 1 
ATOM   184 C  CD2 . PHE A 1 24 ? 2.508   8.095   0.556   1.00 12.82 ? 48  PHE A CD2 1 
ATOM   185 C  CE1 . PHE A 1 24 ? 2.672   10.442  -0.863  1.00 15.16 ? 48  PHE A CE1 1 
ATOM   186 C  CE2 . PHE A 1 24 ? 2.603   9.324   1.224   1.00 15.69 ? 48  PHE A CE2 1 
ATOM   187 C  CZ  . PHE A 1 24 ? 2.668   10.487  0.517   1.00 14.92 ? 48  PHE A CZ  1 
ATOM   188 N  N   . LEU A 1 25 ? 3.570   3.757   -1.241  1.00 11.92 ? 49  LEU A N   1 
ATOM   189 C  CA  . LEU A 1 25 ? 3.187   2.345   -1.424  1.00 10.77 ? 49  LEU A CA  1 
ATOM   190 C  C   . LEU A 1 25 ? 1.720   2.246   -1.051  1.00 11.50 ? 49  LEU A C   1 
ATOM   191 O  O   . LEU A 1 25 ? 1.351   2.513   0.096   1.00 11.53 ? 49  LEU A O   1 
ATOM   192 C  CB  . LEU A 1 25 ? 4.038   1.411   -0.556  1.00 12.29 ? 49  LEU A CB  1 
ATOM   193 C  CG  . LEU A 1 25 ? 3.630   -0.064  -0.532  1.00 13.60 ? 49  LEU A CG  1 
ATOM   194 C  CD1 . LEU A 1 25 ? 3.577   -0.681  -1.923  1.00 15.71 ? 49  LEU A CD1 1 
ATOM   195 C  CD2 . LEU A 1 25 ? 4.601   -0.834  0.389   1.00 14.21 ? 49  LEU A CD2 1 
ATOM   196 N  N   . VAL A 1 26 ? 0.906   1.898   -2.038  1.00 10.82 ? 50  VAL A N   1 
ATOM   197 C  CA  . VAL A 1 26 ? -0.538  1.780   -1.889  1.00 10.31 ? 50  VAL A CA  1 
ATOM   198 C  C   . VAL A 1 26 ? -0.911  0.300   -1.798  1.00 10.36 ? 50  VAL A C   1 
ATOM   199 O  O   . VAL A 1 26 ? -0.490  -0.509  -2.654  1.00 12.77 ? 50  VAL A O   1 
ATOM   200 C  CB  . VAL A 1 26 ? -1.294  2.430   -3.043  1.00 10.57 ? 50  VAL A CB  1 
ATOM   201 C  CG1 . VAL A 1 26 ? -2.812  2.274   -2.846  1.00 12.71 ? 50  VAL A CG1 1 
ATOM   202 C  CG2 . VAL A 1 26 ? -0.906  3.920   -3.190  1.00 12.38 ? 50  VAL A CG2 1 
ATOM   203 N  N   . ILE A 1 27 ? -1.621  -0.038  -0.723  1.00 11.02 ? 51  ILE A N   1 
ATOM   204 C  CA  . ILE A 1 27 ? -1.993  -1.403  -0.415  1.00 11.06 ? 51  ILE A CA  1 
ATOM   205 C  C   . ILE A 1 27 ? -3.512  -1.503  -0.307  1.00 10.66 ? 51  ILE A C   1 
ATOM   206 O  O   . ILE A 1 27 ? -4.125  -0.799  0.501   1.00 11.49 ? 51  ILE A O   1 
ATOM   207 C  CB  . ILE A 1 27 ? -1.279  -1.883  0.860   1.00 11.53 ? 51  ILE A CB  1 
ATOM   208 C  CG1 . ILE A 1 27 ? 0.266   -1.809  0.641   1.00 14.51 ? 51  ILE A CG1 1 
ATOM   209 C  CG2 . ILE A 1 27 ? -1.718  -3.289  1.226   1.00 12.90 ? 51  ILE A CG2 1 
ATOM   210 C  CD1 . ILE A 1 27 ? 1.130   -2.096  1.835   1.00 15.62 ? 51  ILE A CD1 1 
ATOM   211 N  N   . ALA A 1 28 ? -4.088  -2.401  -1.112  1.00 11.10 ? 52  ALA A N   1 
ATOM   212 C  CA  . ALA A 1 28 ? -5.537  -2.596  -1.179  1.00 10.15 ? 52  ALA A CA  1 
ATOM   213 C  C   . ALA A 1 28 ? -5.908  -3.853  -0.390  1.00 11.59 ? 52  ALA A C   1 
ATOM   214 O  O   . ALA A 1 28 ? -5.376  -4.934  -0.649  1.00 12.47 ? 52  ALA A O   1 
ATOM   215 C  CB  . ALA A 1 28 ? -6.002  -2.711  -2.631  1.00 11.67 ? 52  ALA A CB  1 
ATOM   216 N  N   . ILE A 1 29 ? -6.834  -3.686  0.553   1.00 12.12 ? 53  ILE A N   1 
ATOM   217 C  CA  . ILE A 1 29 ? -7.331  -4.752  1.412   1.00 12.19 ? 53  ILE A CA  1 
ATOM   218 C  C   . ILE A 1 29 ? -8.856  -4.902  1.281   1.00 12.92 ? 53  ILE A C   1 
ATOM   219 O  O   . ILE A 1 29 ? -9.561  -4.006  0.775   1.00 12.31 ? 53  ILE A O   1 
ATOM   220 C  CB  . ILE A 1 29 ? -6.965  -4.500  2.918   1.00 12.37 ? 53  ILE A CB  1 
ATOM   221 C  CG1 . ILE A 1 29 ? -7.626  -3.211  3.432   1.00 11.93 ? 53  ILE A CG1 1 
ATOM   222 C  CG2 . ILE A 1 29 ? -5.450  -4.453  3.092   1.00 13.16 ? 53  ILE A CG2 1 
ATOM   223 C  CD1 . ILE A 1 29 ? -7.662  -3.123  4.944   1.00 14.72 ? 53  ILE A CD1 1 
ATOM   224 N  N   . ASP A 1 30 ? -9.358  -6.068  1.705   1.00 14.82 ? 54  ASP A N   1 
ATOM   225 C  CA  . ASP A 1 30 ? -10.798 -6.286  1.738   1.00 16.78 ? 54  ASP A CA  1 
ATOM   226 C  C   . ASP A 1 30 ? -11.377 -5.673  3.026   1.00 17.50 ? 54  ASP A C   1 
ATOM   227 O  O   . ASP A 1 30 ? -11.640 -6.365  4.013   1.00 19.63 ? 54  ASP A O   1 
ATOM   228 C  CB  . ASP A 1 30 ? -11.115 -7.780  1.632   1.00 19.71 ? 54  ASP A CB  1 
ATOM   229 C  CG  . ASP A 1 30 ? -12.590 -8.051  1.397   1.00 26.89 ? 54  ASP A CG  1 
ATOM   230 O  OD1 . ASP A 1 30 ? -13.350 -7.120  1.027   1.00 24.33 ? 54  ASP A OD1 1 
ATOM   231 O  OD2 . ASP A 1 30 ? -12.983 -9.225  1.589   1.00 32.59 ? 54  ASP A OD2 1 
ATOM   232 N  N   . ALA A 1 31 ? -11.553 -4.360  3.011   1.00 15.18 ? 55  ALA A N   1 
ATOM   233 C  CA  . ALA A 1 31 ? -11.886 -3.605  4.211   1.00 16.02 ? 55  ALA A CA  1 
ATOM   234 C  C   . ALA A 1 31 ? -13.366 -3.710  4.558   1.00 15.86 ? 55  ALA A C   1 
ATOM   235 O  O   . ALA A 1 31 ? -14.219 -3.628  3.697   1.00 20.04 ? 55  ALA A O   1 
ATOM   236 C  CB  . ALA A 1 31 ? -11.512 -2.141  4.025   1.00 15.52 ? 55  ALA A CB  1 
ATOM   237 N  N   . ASP A 1 32 ? -13.634 -3.818  5.853   1.00 18.03 ? 56  ASP A N   1 
ATOM   238 C  CA  . ASP A 1 32 ? -15.010 -3.773  6.378   1.00 21.46 ? 56  ASP A CA  1 
ATOM   239 C  C   . ASP A 1 32 ? -15.486 -2.343  6.683   1.00 22.65 ? 56  ASP A C   1 
ATOM   240 O  O   . ASP A 1 32 ? -16.695 -2.102  6.832   1.00 24.59 ? 56  ASP A O   1 
ATOM   241 C  CB  . ASP A 1 32 ? -15.110 -4.611  7.666   1.00 24.47 ? 56  ASP A CB  1 
ATOM   242 C  CG  . ASP A 1 32 ? -14.965 -6.116  7.422   1.00 34.57 ? 56  ASP A CG  1 
ATOM   243 O  OD1 . ASP A 1 32 ? -15.082 -6.588  6.265   1.00 42.26 ? 56  ASP A OD1 1 
ATOM   244 O  OD2 . ASP A 1 32 ? -14.741 -6.842  8.411   1.00 44.68 ? 56  ASP A OD2 1 
ATOM   245 N  N   . SER A 1 33 ? -14.549 -1.404  6.782   1.00 21.08 ? 57  SER A N   1 
ATOM   246 C  CA  . SER A 1 33 ? -14.835 -0.009  7.160   1.00 21.53 ? 57  SER A CA  1 
ATOM   247 C  C   . SER A 1 33 ? -14.206 0.945   6.159   1.00 18.47 ? 57  SER A C   1 
ATOM   248 O  O   . SER A 1 33 ? -13.327 0.558   5.394   1.00 17.97 ? 57  SER A O   1 
ATOM   249 C  CB  . SER A 1 33 ? -14.288 0.284   8.572   1.00 22.13 ? 57  SER A CB  1 
ATOM   250 O  OG  . SER A 1 33 ? -14.751 -0.660  9.525   1.00 30.77 ? 57  SER A OG  1 
ATOM   251 N  N   . ASP A 1 34 ? -14.642 2.204   6.163   1.00 18.19 ? 58  ASP A N   1 
ATOM   252 C  CA  . ASP A 1 34 ? -14.143 3.193   5.175   1.00 19.45 ? 58  ASP A CA  1 
ATOM   253 C  C   . ASP A 1 34 ? -13.138 4.189   5.769   1.00 16.73 ? 58  ASP A C   1 
ATOM   254 O  O   . ASP A 1 34 ? -12.809 5.205   5.152   1.00 17.91 ? 58  ASP A O   1 
ATOM   255 C  CB  . ASP A 1 34 ? -15.311 3.932   4.492   1.00 23.19 ? 58  ASP A CB  1 
ATOM   256 C  CG  . ASP A 1 34 ? -16.095 4.841   5.438   1.00 29.85 ? 58  ASP A CG  1 
ATOM   257 O  OD1 . ASP A 1 34 ? -15.706 5.011   6.611   1.00 31.32 ? 58  ASP A OD1 1 
ATOM   258 O  OD2 . ASP A 1 34 ? -17.130 5.398   4.980   1.00 38.12 ? 58  ASP A OD2 1 
ATOM   259 N  N   . SER A 1 35 ? -12.640 3.875   6.962   1.00 16.55 ? 59  SER A N   1 
ATOM   260 C  CA  . SER A 1 35 ? -11.646 4.694   7.623   1.00 15.60 ? 59  SER A CA  1 
ATOM   261 C  C   . SER A 1 35 ? -11.057 3.897   8.778   1.00 15.27 ? 59  SER A C   1 
ATOM   262 O  O   . SER A 1 35 ? -11.557 2.816   9.122   1.00 16.00 ? 59  SER A O   1 
ATOM   263 C  CB  . SER A 1 35 ? -12.296 5.975   8.185   1.00 17.86 ? 59  SER A CB  1 
ATOM   264 O  OG  . SER A 1 35 ? -13.246 5.659   9.188   1.00 21.23 ? 59  SER A OG  1 
ATOM   265 N  N   . GLY A 1 36 ? -9.957  4.400   9.333   1.00 13.83 ? 60  GLY A N   1 
ATOM   266 C  CA  . GLY A 1 36 ? -9.418  3.866   10.560  1.00 14.77 ? 60  GLY A CA  1 
ATOM   267 C  C   . GLY A 1 36 ? -8.286  2.863   10.475  1.00 14.42 ? 60  GLY A C   1 
ATOM   268 O  O   . GLY A 1 36 ? -8.032  2.158   11.440  1.00 15.16 ? 60  GLY A O   1 
ATOM   269 N  N   . TYR A 1 37 ? -7.587  2.816   9.348   1.00 12.06 ? 61  TYR A N   1 
ATOM   270 C  CA  . TYR A 1 37 ? -6.553  1.809   9.129   1.00 11.54 ? 61  TYR A CA  1 
ATOM   271 C  C   . TYR A 1 37 ? -5.120  2.356   9.235   1.00 10.74 ? 61  TYR A C   1 
ATOM   272 O  O   . TYR A 1 37 ? -4.167  1.774   8.687   1.00 11.60 ? 61  TYR A O   1 
ATOM   273 C  CB  . TYR A 1 37 ? -6.758  1.075   7.799   1.00 12.23 ? 61  TYR A CB  1 
ATOM   274 C  CG  . TYR A 1 37 ? -8.038  0.255   7.749   1.00 11.32 ? 61  TYR A CG  1 
ATOM   275 C  CD1 . TYR A 1 37 ? -9.242  0.847   7.420   1.00 15.10 ? 61  TYR A CD1 1 
ATOM   276 C  CD2 . TYR A 1 37 ? -8.034  -1.116  8.055   1.00 12.74 ? 61  TYR A CD2 1 
ATOM   277 C  CE1 . TYR A 1 37 ? -10.422 0.112   7.370   1.00 16.83 ? 61  TYR A CE1 1 
ATOM   278 C  CE2 . TYR A 1 37 ? -9.214  -1.862  7.994   1.00 13.86 ? 61  TYR A CE2 1 
ATOM   279 C  CZ  . TYR A 1 37 ? -10.409 -1.238  7.672   1.00 14.74 ? 61  TYR A CZ  1 
ATOM   280 O  OH  . TYR A 1 37 ? -11.583 -1.964  7.604   1.00 19.85 ? 61  TYR A OH  1 
ATOM   281 N  N   . ASP A 1 38 ? -4.934  3.428   9.997   1.00 11.24 ? 62  ASP A N   1 
ATOM   282 C  CA  . ASP A 1 38 ? -3.595  3.977   10.107  1.00 11.09 ? 62  ASP A CA  1 
ATOM   283 C  C   . ASP A 1 38 ? -2.609  2.988   10.731  1.00 11.06 ? 62  ASP A C   1 
ATOM   284 O  O   . ASP A 1 38 ? -1.439  3.008   10.388  1.00 11.79 ? 62  ASP A O   1 
ATOM   285 C  CB  . ASP A 1 38 ? -3.567  5.271   10.914  1.00 11.33 ? 62  ASP A CB  1 
ATOM   286 C  CG  . ASP A 1 38 ? -4.229  6.452   10.214  1.00 15.02 ? 62  ASP A CG  1 
ATOM   287 O  OD1 . ASP A 1 38 ? -4.648  6.360   9.026   1.00 13.88 ? 62  ASP A OD1 1 
ATOM   288 O  OD2 . ASP A 1 38 ? -4.285  7.539   10.870  1.00 17.61 ? 62  ASP A OD2 1 
HETATM 289 N  N   . MSE A 1 39 ? -3.046  2.221   11.731  1.00 10.90 ? 63  MSE A N   1 
HETATM 290 C  CA  . MSE A 1 39 ? -2.096  1.302   12.383  1.00 11.73 ? 63  MSE A CA  1 
HETATM 291 C  C   . MSE A 1 39 ? -1.583  0.222   11.412  1.00 11.25 ? 63  MSE A C   1 
HETATM 292 O  O   . MSE A 1 39 ? -0.404  -0.138  11.412  1.00 11.84 ? 63  MSE A O   1 
HETATM 293 C  CB  . MSE A 1 39 ? -2.682  0.660   13.637  1.00 12.41 ? 63  MSE A CB  1 
HETATM 294 C  CG  . MSE A 1 39 ? -2.969  1.652   14.735  1.00 13.04 ? 63  MSE A CG  1 
HETATM 295 SE SE  . MSE A 1 39 ? -3.555  0.960   16.423  0.75 21.51 ? 63  MSE A SE  1 
HETATM 296 C  CE  . MSE A 1 39 ? -1.755  0.447   16.933  1.00 18.21 ? 63  MSE A CE  1 
ATOM   297 N  N   . LEU A 1 40 ? -2.479  -0.272  10.578  1.00 10.70 ? 64  LEU A N   1 
ATOM   298 C  CA  . LEU A 1 40 ? -2.107  -1.211  9.519   1.00 10.76 ? 64  LEU A CA  1 
ATOM   299 C  C   . LEU A 1 40 ? -1.109  -0.578  8.558   1.00 11.25 ? 64  LEU A C   1 
ATOM   300 O  O   . LEU A 1 40 ? -0.084  -1.196  8.227   1.00 10.38 ? 64  LEU A O   1 
ATOM   301 C  CB  . LEU A 1 40 ? -3.358  -1.694  8.777   1.00 10.66 ? 64  LEU A CB  1 
ATOM   302 C  CG  . LEU A 1 40 ? -3.117  -2.673  7.625   1.00 11.44 ? 64  LEU A CG  1 
ATOM   303 C  CD1 . LEU A 1 40 ? -2.579  -4.015  8.141   1.00 11.97 ? 64  LEU A CD1 1 
ATOM   304 C  CD2 . LEU A 1 40 ? -4.400  -2.828  6.794   1.00 12.86 ? 64  LEU A CD2 1 
ATOM   305 N  N   . ALA A 1 41 ? -1.362  0.667   8.171   1.00 10.62 ? 65  ALA A N   1 
ATOM   306 C  CA  . ALA A 1 41 ? -0.452  1.379   7.283   1.00 9.53  ? 65  ALA A CA  1 
ATOM   307 C  C   . ALA A 1 41 ? 0.937   1.478   7.886   1.00 10.60 ? 65  ALA A C   1 
ATOM   308 O  O   . ALA A 1 41 ? 1.932   1.251   7.207   1.00 11.87 ? 65  ALA A O   1 
ATOM   309 C  CB  . ALA A 1 41 ? -0.982  2.796   6.957   1.00 10.49 ? 65  ALA A CB  1 
ATOM   310 N  N   . SER A 1 42 ? 1.001   1.769   9.194   1.00 10.72 ? 66  SER A N   1 
ATOM   311 C  CA  A SER A 1 42 ? 2.299   1.919   9.843   0.50 10.23 ? 66  SER A CA  1 
ATOM   312 C  CA  B SER A 1 42 ? 2.284   1.914   9.882   0.50 11.49 ? 66  SER A CA  1 
ATOM   313 C  C   . SER A 1 42 ? 3.033   0.581   9.922   1.00 10.74 ? 66  SER A C   1 
ATOM   314 O  O   . SER A 1 42 ? 4.257   0.518   9.744   1.00 11.17 ? 66  SER A O   1 
ATOM   315 C  CB  A SER A 1 42 ? 2.152   2.542   11.233  0.50 10.84 ? 66  SER A CB  1 
ATOM   316 C  CB  B SER A 1 42 ? 2.068   2.450   11.309  0.50 13.76 ? 66  SER A CB  1 
ATOM   317 O  OG  A SER A 1 42 ? 3.418   2.608   11.866  0.50 11.05 ? 66  SER A OG  1 
ATOM   318 O  OG  B SER A 1 42 ? 1.575   3.778   11.301  0.50 18.71 ? 66  SER A OG  1 
ATOM   319 N  N   . GLN A 1 43 ? 2.297   -0.496  10.161  1.00 10.26 ? 67  GLN A N   1 
ATOM   320 C  CA  . GLN A 1 43 ? 2.920   -1.827  10.184  1.00 11.21 ? 67  GLN A CA  1 
ATOM   321 C  C   . GLN A 1 43 ? 3.480   -2.221  8.815   1.00 10.34 ? 67  GLN A C   1 
ATOM   322 O  O   . GLN A 1 43 ? 4.590   -2.764  8.729   1.00 11.17 ? 67  GLN A O   1 
ATOM   323 C  CB  . GLN A 1 43 ? 1.933   -2.881  10.695  1.00 11.71 ? 67  GLN A CB  1 
ATOM   324 C  CG  . GLN A 1 43 ? 1.525   -2.678  12.157  1.00 15.07 ? 67  GLN A CG  1 
ATOM   325 C  CD  . GLN A 1 43 ? 2.623   -3.069  13.099  1.00 24.60 ? 67  GLN A CD  1 
ATOM   326 O  OE1 . GLN A 1 43 ? 3.344   -2.231  13.659  1.00 24.38 ? 67  GLN A OE1 1 
ATOM   327 N  NE2 . GLN A 1 43 ? 2.780   -4.362  13.264  1.00 25.71 ? 67  GLN A NE2 1 
ATOM   328 N  N   . PHE A 1 44 ? 2.720   -1.962  7.761   1.00 10.28 ? 68  PHE A N   1 
ATOM   329 C  CA  . PHE A 1 44 ? 3.200   -2.220  6.427   1.00 9.75  ? 68  PHE A CA  1 
ATOM   330 C  C   . PHE A 1 44 ? 4.432   -1.360  6.088   1.00 9.76  ? 68  PHE A C   1 
ATOM   331 O  O   . PHE A 1 44 ? 5.377   -1.822  5.445   1.00 10.86 ? 68  PHE A O   1 
ATOM   332 C  CB  . PHE A 1 44 ? 2.113   -1.990  5.386   1.00 10.56 ? 68  PHE A CB  1 
ATOM   333 C  CG  . PHE A 1 44 ? 1.309   -3.214  5.051   1.00 10.38 ? 68  PHE A CG  1 
ATOM   334 C  CD1 . PHE A 1 44 ? 1.916   -4.311  4.454   1.00 12.45 ? 68  PHE A CD1 1 
ATOM   335 C  CD2 . PHE A 1 44 ? -0.062  -3.237  5.252   1.00 11.42 ? 68  PHE A CD2 1 
ATOM   336 C  CE1 . PHE A 1 44 ? 1.188   -5.439  4.114   1.00 12.58 ? 68  PHE A CE1 1 
ATOM   337 C  CE2 . PHE A 1 44 ? -0.816  -4.362  4.903   1.00 13.29 ? 68  PHE A CE2 1 
ATOM   338 C  CZ  . PHE A 1 44 ? -0.191  -5.466  4.342   1.00 13.69 ? 68  PHE A CZ  1 
ATOM   339 N  N   . LEU A 1 45 ? 4.414   -0.087  6.488   1.00 9.36  ? 69  LEU A N   1 
ATOM   340 C  CA  . LEU A 1 45 ? 5.573   0.776   6.190   1.00 10.72 ? 69  LEU A CA  1 
ATOM   341 C  C   . LEU A 1 45 ? 6.827   0.238   6.862   1.00 11.61 ? 69  LEU A C   1 
ATOM   342 O  O   . LEU A 1 45 ? 7.884   0.145   6.253   1.00 13.03 ? 69  LEU A O   1 
ATOM   343 C  CB  . LEU A 1 45 ? 5.295   2.219   6.610   1.00 11.82 ? 69  LEU A CB  1 
ATOM   344 C  CG  . LEU A 1 45 ? 6.375   3.267   6.339   1.00 11.56 ? 69  LEU A CG  1 
ATOM   345 C  CD1 . LEU A 1 45 ? 6.765   3.332   4.857   1.00 14.86 ? 69  LEU A CD1 1 
ATOM   346 C  CD2 . LEU A 1 45 ? 5.929   4.641   6.890   1.00 14.10 ? 69  LEU A CD2 1 
ATOM   347 N  N   . GLU A 1 46 ? 6.700   -0.145  8.125   1.00 10.45 ? 70  GLU A N   1 
ATOM   348 C  CA  . GLU A 1 46 ? 7.839   -0.715  8.842   1.00 11.59 ? 70  GLU A CA  1 
ATOM   349 C  C   . GLU A 1 46 ? 8.336   -2.006  8.183   1.00 11.27 ? 70  GLU A C   1 
ATOM   350 O  O   . GLU A 1 46 ? 9.551   -2.238  8.059   1.00 12.94 ? 70  GLU A O   1 
ATOM   351 C  CB  . GLU A 1 46 ? 7.459   -0.970  10.320  1.00 14.17 ? 70  GLU A CB  1 
ATOM   352 C  CG  . GLU A 1 46 ? 8.571   -1.563  11.202  1.00 23.11 ? 70  GLU A CG  1 
ATOM   353 C  CD  . GLU A 1 46 ? 8.144   -1.783  12.669  1.00 33.54 ? 70  GLU A CD  1 
ATOM   354 O  OE1 . GLU A 1 46 ? 7.241   -1.056  13.156  1.00 37.47 ? 70  GLU A OE1 1 
ATOM   355 O  OE2 . GLU A 1 46 ? 8.718   -2.686  13.332  1.00 37.35 ? 70  GLU A OE2 1 
ATOM   356 N  N   . GLU A 1 47 ? 7.413   -2.866  7.785   1.00 11.15 ? 71  GLU A N   1 
ATOM   357 C  CA  . GLU A 1 47 ? 7.793   -4.123  7.161   1.00 11.92 ? 71  GLU A CA  1 
ATOM   358 C  C   . GLU A 1 47 ? 8.467   -3.913  5.818   1.00 10.54 ? 71  GLU A C   1 
ATOM   359 O  O   . GLU A 1 47 ? 9.464   -4.560  5.534   1.00 10.95 ? 71  GLU A O   1 
ATOM   360 C  CB  . GLU A 1 47 ? 6.572   -4.986  6.980   1.00 11.40 ? 71  GLU A CB  1 
ATOM   361 C  CG  . GLU A 1 47 ? 6.874   -6.384  6.501   1.00 11.83 ? 71  GLU A CG  1 
ATOM   362 C  CD  . GLU A 1 47 ? 5.609   -7.243  6.385   1.00 12.49 ? 71  GLU A CD  1 
ATOM   363 O  OE1 . GLU A 1 47 ? 4.883   -7.144  5.349   1.00 13.98 ? 71  GLU A OE1 1 
ATOM   364 O  OE2 . GLU A 1 47 ? 5.331   -7.974  7.380   1.00 18.92 ? 71  GLU A OE2 1 
ATOM   365 N  N   . ALA A 1 48 ? 7.924   -3.019  4.986   1.00 10.55 ? 72  ALA A N   1 
ATOM   366 C  CA  . ALA A 1 48 ? 8.517   -2.724  3.691   1.00 10.14 ? 72  ALA A CA  1 
ATOM   367 C  C   . ALA A 1 48 ? 9.983   -2.266  3.910   1.00 11.28 ? 72  ALA A C   1 
ATOM   368 O  O   . ALA A 1 48 ? 10.865  -2.715  3.209   1.00 11.75 ? 72  ALA A O   1 
ATOM   369 C  CB  . ALA A 1 48 ? 7.706   -1.643  2.954   1.00 11.86 ? 72  ALA A CB  1 
ATOM   370 N  N   A LYS A 1 49 ? 10.210  -1.358  4.858   0.50 11.37 ? 73  LYS A N   1 
ATOM   371 N  N   B LYS A 1 49 ? 10.192  -1.354  4.865   0.50 11.66 ? 73  LYS A N   1 
ATOM   372 C  CA  A LYS A 1 49 ? 11.551  -0.863  5.094   0.50 12.98 ? 73  LYS A CA  1 
ATOM   373 C  CA  B LYS A 1 49 ? 11.520  -0.843  5.157   0.50 13.52 ? 73  LYS A CA  1 
ATOM   374 C  C   A LYS A 1 49 ? 12.452  -1.980  5.633   0.50 12.98 ? 73  LYS A C   1 
ATOM   375 C  C   B LYS A 1 49 ? 12.437  -1.975  5.631   0.50 13.31 ? 73  LYS A C   1 
ATOM   376 O  O   A LYS A 1 49 ? 13.639  -2.067  5.255   0.50 14.15 ? 73  LYS A O   1 
ATOM   377 O  O   B LYS A 1 49 ? 13.609  -2.067  5.210   0.50 14.39 ? 73  LYS A O   1 
ATOM   378 C  CB  A LYS A 1 49 ? 11.520  0.336   6.027   0.50 12.90 ? 73  LYS A CB  1 
ATOM   379 C  CB  B LYS A 1 49 ? 11.442  0.266   6.199   0.50 14.20 ? 73  LYS A CB  1 
ATOM   380 C  CG  A LYS A 1 49 ? 11.043  1.626   5.353   0.50 17.06 ? 73  LYS A CG  1 
ATOM   381 C  CG  B LYS A 1 49 ? 10.823  1.566   5.680   0.50 18.71 ? 73  LYS A CG  1 
ATOM   382 C  CD  A LYS A 1 49 ? 10.659  2.704   6.370   0.50 19.32 ? 73  LYS A CD  1 
ATOM   383 C  CD  B LYS A 1 49 ? 10.554  2.578   6.794   0.50 23.17 ? 73  LYS A CD  1 
ATOM   384 C  CE  A LYS A 1 49 ? 11.667  2.828   7.519   0.50 26.54 ? 73  LYS A CE  1 
ATOM   385 C  CE  B LYS A 1 49 ? 10.302  3.966   6.223   0.50 27.33 ? 73  LYS A CE  1 
ATOM   386 N  NZ  A LYS A 1 49 ? 11.075  3.538   8.706   0.50 28.67 ? 73  LYS A NZ  1 
ATOM   387 N  NZ  B LYS A 1 49 ? 10.055  5.029   7.240   0.50 29.73 ? 73  LYS A NZ  1 
ATOM   388 N  N   . LYS A 1 50 ? 11.896  -2.836  6.501   1.00 12.29 ? 74  LYS A N   1 
ATOM   389 C  CA  A LYS A 1 50 ? 12.673  -3.968  7.032   0.50 13.13 ? 74  LYS A CA  1 
ATOM   390 C  CA  B LYS A 1 50 ? 12.657  -3.990  7.030   0.50 13.23 ? 74  LYS A CA  1 
ATOM   391 C  C   . LYS A 1 50 ? 13.121  -4.919  5.904   1.00 12.59 ? 74  LYS A C   1 
ATOM   392 O  O   . LYS A 1 50 ? 14.200  -5.503  5.974   1.00 13.36 ? 74  LYS A O   1 
ATOM   393 C  CB  A LYS A 1 50 ? 11.878  -4.710  8.108   0.50 13.02 ? 74  LYS A CB  1 
ATOM   394 C  CB  B LYS A 1 50 ? 11.824  -4.763  8.062   0.50 13.51 ? 74  LYS A CB  1 
ATOM   395 C  CG  A LYS A 1 50 ? 12.647  -5.824  8.841   0.50 14.32 ? 74  LYS A CG  1 
ATOM   396 C  CG  B LYS A 1 50 ? 12.412  -6.121  8.541   0.50 14.32 ? 74  LYS A CG  1 
ATOM   397 C  CD  A LYS A 1 50 ? 11.726  -6.716  9.673   0.50 14.97 ? 74  LYS A CD  1 
ATOM   398 C  CD  B LYS A 1 50 ? 11.914  -7.322  7.731   0.50 15.90 ? 74  LYS A CD  1 
ATOM   399 C  CE  A LYS A 1 50 ? 12.424  -8.025  10.095  0.50 15.90 ? 74  LYS A CE  1 
ATOM   400 C  CE  B LYS A 1 50 ? 12.643  -8.627  8.101   0.50 17.32 ? 74  LYS A CE  1 
ATOM   401 N  NZ  A LYS A 1 50 ? 12.783  -8.897  8.940   0.50 19.16 ? 74  LYS A NZ  1 
ATOM   402 N  NZ  B LYS A 1 50 ? 11.913  -9.855  7.620   0.50 22.14 ? 74  LYS A NZ  1 
ATOM   403 N  N   . GLU A 1 51 ? 12.298  -5.049  4.871   1.00 12.02 ? 75  GLU A N   1 
ATOM   404 C  CA  . GLU A 1 51 ? 12.603  -5.885  3.718   1.00 12.40 ? 75  GLU A CA  1 
ATOM   405 C  C   . GLU A 1 51 ? 13.386  -5.129  2.651   1.00 13.24 ? 75  GLU A C   1 
ATOM   406 O  O   . GLU A 1 51 ? 13.598  -5.647  1.548   1.00 14.57 ? 75  GLU A O   1 
ATOM   407 C  CB  . GLU A 1 51 ? 11.298  -6.464  3.137   1.00 12.64 ? 75  GLU A CB  1 
ATOM   408 C  CG  . GLU A 1 51 ? 10.418  -7.305  4.102   1.00 12.47 ? 75  GLU A CG  1 
ATOM   409 C  CD  . GLU A 1 51 ? 11.009  -8.634  4.547   1.00 13.59 ? 75  GLU A CD  1 
ATOM   410 O  OE1 . GLU A 1 51 ? 12.232  -8.841  4.451   1.00 16.97 ? 75  GLU A OE1 1 
ATOM   411 O  OE2 . GLU A 1 51 ? 10.225  -9.452  5.095   1.00 20.98 ? 75  GLU A OE2 1 
ATOM   412 N  N   . GLY A 1 52 ? 13.859  -3.922  2.990   1.00 13.76 ? 76  GLY A N   1 
ATOM   413 C  CA  . GLY A 1 52 ? 14.773  -3.180  2.161   1.00 14.94 ? 76  GLY A CA  1 
ATOM   414 C  C   . GLY A 1 52 ? 14.174  -2.321  1.068   1.00 14.24 ? 76  GLY A C   1 
ATOM   415 O  O   . GLY A 1 52 ? 14.900  -1.864  0.180   1.00 14.79 ? 76  GLY A O   1 
ATOM   416 N  N   . VAL A 1 53 ? 12.877  -2.058  1.143   1.00 12.21 ? 77  VAL A N   1 
ATOM   417 C  CA  . VAL A 1 53 ? 12.268  -1.124  0.207   1.00 12.42 ? 77  VAL A CA  1 
ATOM   418 C  C   . VAL A 1 53 ? 12.649  0.284   0.631   1.00 13.01 ? 77  VAL A C   1 
ATOM   419 O  O   . VAL A 1 53 ? 12.279  0.707   1.703   1.00 18.49 ? 77  VAL A O   1 
ATOM   420 C  CB  . VAL A 1 53 ? 10.728  -1.297  0.135   1.00 11.74 ? 77  VAL A CB  1 
ATOM   421 C  CG1 . VAL A 1 53 ? 10.114  -0.372  -0.914  1.00 14.87 ? 77  VAL A CG1 1 
ATOM   422 C  CG2 . VAL A 1 53 ? 10.350  -2.783  -0.156  1.00 15.05 ? 77  VAL A CG2 1 
ATOM   423 N  N   . SER A 1 54 ? 13.350  0.981   -0.243  1.00 16.02 ? 78  SER A N   1 
ATOM   424 C  CA  . SER A 1 54 ? 13.841  2.327   0.039   1.00 17.10 ? 78  SER A CA  1 
ATOM   425 C  C   . SER A 1 54 ? 13.003  3.356   -0.692  1.00 18.66 ? 78  SER A C   1 
ATOM   426 O  O   . SER A 1 54 ? 12.299  3.049   -1.650  1.00 20.92 ? 78  SER A O   1 
ATOM   427 C  CB  . SER A 1 54 ? 15.336  2.449   -0.346  1.00 19.96 ? 78  SER A CB  1 
ATOM   428 O  OG  . SER A 1 54 ? 15.536  2.252   -1.714  1.00 26.11 ? 78  SER A OG  1 
ATOM   429 N  N   . GLY A 1 55 ? 13.069  4.577   -0.187  1.00 19.87 ? 79  GLY A N   1 
ATOM   430 C  CA  . GLY A 1 55 ? 12.519  5.738   -0.848  1.00 20.72 ? 79  GLY A CA  1 
ATOM   431 C  C   . GLY A 1 55 ? 11.033  5.963   -0.681  1.00 18.76 ? 79  GLY A C   1 
ATOM   432 O  O   . GLY A 1 55 ? 10.472  6.824   -1.373  1.00 21.54 ? 79  GLY A O   1 
ATOM   433 N  N   . LEU A 1 56 ? 10.373  5.204   0.191   1.00 15.20 ? 80  LEU A N   1 
ATOM   434 C  CA  . LEU A 1 56 ? 8.936   5.364   0.321   1.00 14.80 ? 80  LEU A CA  1 
ATOM   435 C  C   . LEU A 1 56 ? 8.642   6.613   1.135   1.00 15.08 ? 80  LEU A C   1 
ATOM   436 O  O   . LEU A 1 56 ? 9.220   6.824   2.186   1.00 18.13 ? 80  LEU A O   1 
ATOM   437 C  CB  . LEU A 1 56 ? 8.304   4.172   1.014   1.00 14.06 ? 80  LEU A CB  1 
ATOM   438 C  CG  . LEU A 1 56 ? 8.385   2.850   0.276   1.00 15.27 ? 80  LEU A CG  1 
ATOM   439 C  CD1 . LEU A 1 56 ? 7.738   1.762   1.152   1.00 15.33 ? 80  LEU A CD1 1 
ATOM   440 C  CD2 . LEU A 1 56 ? 7.723   2.939   -1.076  1.00 17.24 ? 80  LEU A CD2 1 
ATOM   441 N  N   . LYS A 1 57 ? 7.704   7.410   0.655   1.00 14.14 ? 81  LYS A N   1 
ATOM   442 C  CA  . LYS A 1 57 ? 7.162   8.526   1.442   1.00 15.09 ? 81  LYS A CA  1 
ATOM   443 C  C   . LYS A 1 57 ? 6.181   8.064   2.497   1.00 14.27 ? 81  LYS A C   1 
ATOM   444 O  O   . LYS A 1 57 ? 5.950   8.753   3.485   1.00 15.86 ? 81  LYS A O   1 
ATOM   445 C  CB  . LYS A 1 57 ? 6.485   9.536   0.524   1.00 16.79 ? 81  LYS A CB  1 
ATOM   446 C  CG  . LYS A 1 57 ? 7.495   10.270  -0.321  1.00 19.99 ? 81  LYS A CG  1 
ATOM   447 C  CD  . LYS A 1 57 ? 6.856   11.391  -1.069  1.00 21.97 ? 81  LYS A CD  1 
ATOM   448 C  CE  . LYS A 1 57 ? 7.883   12.091  -1.916  1.00 28.08 ? 81  LYS A CE  1 
ATOM   449 N  NZ  . LYS A 1 57 ? 7.201   12.918  -2.941  1.00 35.48 ? 81  LYS A NZ  1 
ATOM   450 N  N   . GLY A 1 58 ? 5.586   6.887   2.282   1.00 13.46 ? 82  GLY A N   1 
ATOM   451 C  CA  . GLY A 1 58 ? 4.628   6.389   3.233   1.00 11.87 ? 82  GLY A CA  1 
ATOM   452 C  C   . GLY A 1 58 ? 3.881   5.220   2.628   1.00 11.56 ? 82  GLY A C   1 
ATOM   453 O  O   . GLY A 1 58 ? 4.164   4.825   1.499   1.00 12.47 ? 82  GLY A O   1 
ATOM   454 N  N   . VAL A 1 59 ? 2.943   4.674   3.397   1.00 11.28 ? 83  VAL A N   1 
ATOM   455 C  CA  . VAL A 1 59 ? 1.983   3.665   2.952   1.00 10.83 ? 83  VAL A CA  1 
ATOM   456 C  C   . VAL A 1 59 ? 0.582   4.251   3.043   1.00 11.39 ? 83  VAL A C   1 
ATOM   457 O  O   . VAL A 1 59 ? 0.238   4.939   4.034   1.00 11.10 ? 83  VAL A O   1 
ATOM   458 C  CB  . VAL A 1 59 ? 2.084   2.390   3.801   1.00 10.52 ? 83  VAL A CB  1 
ATOM   459 C  CG1 . VAL A 1 59 ? 0.819   1.488   3.674   1.00 11.09 ? 83  VAL A CG1 1 
ATOM   460 C  CG2 . VAL A 1 59 ? 3.367   1.650   3.408   1.00 10.60 ? 83  VAL A CG2 1 
ATOM   461 N  N   . LEU A 1 60 ? -0.213  3.949   2.013   1.00 9.41  ? 84  LEU A N   1 
ATOM   462 C  CA  . LEU A 1 60 ? -1.615  4.308   1.940   1.00 9.14  ? 84  LEU A CA  1 
ATOM   463 C  C   . LEU A 1 60 ? -2.406  3.015   1.847   1.00 9.82  ? 84  LEU A C   1 
ATOM   464 O  O   . LEU A 1 60 ? -2.080  2.159   1.017   1.00 11.70 ? 84  LEU A O   1 
ATOM   465 C  CB  . LEU A 1 60 ? -1.923  5.225   0.734   1.00 9.95  ? 84  LEU A CB  1 
ATOM   466 C  CG  . LEU A 1 60 ? -1.012  6.446   0.643   1.00 10.40 ? 84  LEU A CG  1 
ATOM   467 C  CD1 . LEU A 1 60 ? -1.240  7.126   -0.723  1.00 11.62 ? 84  LEU A CD1 1 
ATOM   468 C  CD2 . LEU A 1 60 ? -1.205  7.409   1.832   1.00 11.53 ? 84  LEU A CD2 1 
ATOM   469 N  N   . ILE A 1 61 ? -3.454  2.888   2.665   1.00 10.14 ? 85  ILE A N   1 
ATOM   470 C  CA  . ILE A 1 61 ? -4.386  1.773   2.578   1.00 9.45  ? 85  ILE A CA  1 
ATOM   471 C  C   . ILE A 1 61 ? -5.638  2.211   1.839   1.00 9.36  ? 85  ILE A C   1 
ATOM   472 O  O   . ILE A 1 61 ? -6.165  3.285   2.098   1.00 10.71 ? 85  ILE A O   1 
ATOM   473 C  CB  . ILE A 1 61 ? -4.771  1.212   3.969   1.00 9.41  ? 85  ILE A CB  1 
ATOM   474 C  CG1 . ILE A 1 61 ? -3.508  0.941   4.821   1.00 11.30 ? 85  ILE A CG1 1 
ATOM   475 C  CG2 . ILE A 1 61 ? -5.688  -0.048  3.816   1.00 10.54 ? 85  ILE A CG2 1 
ATOM   476 C  CD1 . ILE A 1 61 ? -2.575  -0.169  4.347   1.00 13.18 ? 85  ILE A CD1 1 
ATOM   477 N  N   . VAL A 1 62 ? -6.055  1.392   0.877   1.00 10.01 ? 86  VAL A N   1 
ATOM   478 C  CA  . VAL A 1 62 ? -7.300  1.585   0.173   1.00 9.59  ? 86  VAL A CA  1 
ATOM   479 C  C   . VAL A 1 62 ? -8.123  0.279   0.202   1.00 10.84 ? 86  VAL A C   1 
ATOM   480 O  O   . VAL A 1 62 ? -7.608  -0.797  0.538   1.00 11.47 ? 86  VAL A O   1 
ATOM   481 C  CB  . VAL A 1 62 ? -7.034  2.012   -1.328  1.00 10.57 ? 86  VAL A CB  1 
ATOM   482 C  CG1 . VAL A 1 62 ? -6.283  3.372   -1.404  1.00 10.75 ? 86  VAL A CG1 1 
ATOM   483 C  CG2 . VAL A 1 62 ? -6.341  0.924   -2.142  1.00 11.54 ? 86  VAL A CG2 1 
ATOM   484 N  N   . ASP A 1 63 ? -9.425  0.410   -0.088  1.00 11.24 ? 87  ASP A N   1 
ATOM   485 C  CA  . ASP A 1 63 ? -10.325 -0.753  -0.159  1.00 12.65 ? 87  ASP A CA  1 
ATOM   486 C  C   . ASP A 1 63 ? -10.251 -1.318  -1.567  1.00 12.66 ? 87  ASP A C   1 
ATOM   487 O  O   . ASP A 1 63 ? -10.530 -0.609  -2.533  1.00 13.07 ? 87  ASP A O   1 
ATOM   488 C  CB  . ASP A 1 63 ? -11.742 -0.324  0.212   1.00 13.69 ? 87  ASP A CB  1 
ATOM   489 C  CG  . ASP A 1 63 ? -12.722 -1.492  0.366   1.00 15.44 ? 87  ASP A CG  1 
ATOM   490 O  OD1 . ASP A 1 63 ? -12.442 -2.632  -0.078  1.00 16.00 ? 87  ASP A OD1 1 
ATOM   491 O  OD2 . ASP A 1 63 ? -13.789 -1.246  0.971   1.00 19.62 ? 87  ASP A OD2 1 
ATOM   492 N  N   . ILE A 1 64 ? -9.904  -2.606  -1.672  1.00 12.28 ? 88  ILE A N   1 
ATOM   493 C  CA  . ILE A 1 64 ? -9.896  -3.309  -2.958  1.00 13.05 ? 88  ILE A CA  1 
ATOM   494 C  C   . ILE A 1 64 ? -11.238 -3.188  -3.721  1.00 14.36 ? 88  ILE A C   1 
ATOM   495 O  O   . ILE A 1 64 ? -11.267 -3.208  -4.957  1.00 15.63 ? 88  ILE A O   1 
ATOM   496 C  CB  . ILE A 1 64 ? -9.541  -4.814  -2.764  1.00 13.67 ? 88  ILE A CB  1 
ATOM   497 C  CG1 . ILE A 1 64 ? -9.179  -5.498  -4.093  1.00 15.81 ? 88  ILE A CG1 1 
ATOM   498 C  CG2 . ILE A 1 64 ? -10.694 -5.594  -2.033  1.00 15.11 ? 88  ILE A CG2 1 
ATOM   499 C  CD1 . ILE A 1 64 ? -7.837  -5.048  -4.698  1.00 15.81 ? 88  ILE A CD1 1 
ATOM   500 N  N   . LYS A 1 65 ? -12.323 -3.019  -2.977  1.00 14.33 ? 89  LYS A N   1 
ATOM   501 C  CA  . LYS A 1 65 ? -13.654 -2.960  -3.576  1.00 16.14 ? 89  LYS A CA  1 
ATOM   502 C  C   . LYS A 1 65 ? -13.962 -1.639  -4.257  1.00 17.63 ? 89  LYS A C   1 
ATOM   503 O  O   . LYS A 1 65 ? -14.962 -1.544  -4.988  1.00 22.02 ? 89  LYS A O   1 
ATOM   504 C  CB  . LYS A 1 65 ? -14.734 -3.251  -2.538  1.00 17.18 ? 89  LYS A CB  1 
ATOM   505 C  CG  . LYS A 1 65 ? -14.663 -4.685  -1.963  1.00 20.02 ? 89  LYS A CG  1 
ATOM   506 C  CD  . LYS A 1 65 ? -15.756 -4.978  -0.967  1.00 21.74 ? 89  LYS A CD  1 
ATOM   507 C  CE  . LYS A 1 65 ? -15.632 -4.189  0.331   1.00 20.92 ? 89  LYS A CE  1 
ATOM   508 N  NZ  . LYS A 1 65 ? -14.285 -4.401  1.008   1.00 19.94 ? 89  LYS A NZ  1 
ATOM   509 N  N   . ASN A 1 66 ? -13.158 -0.603  -4.042  1.00 19.66 ? 90  ASN A N   1 
ATOM   510 C  CA  A ASN A 1 66 ? -13.428 0.736   -4.568  0.30 20.61 ? 90  ASN A CA  1 
ATOM   511 C  CA  B ASN A 1 66 ? -13.441 0.623   -4.783  0.70 19.71 ? 90  ASN A CA  1 
ATOM   512 C  C   . ASN A 1 66 ? -12.251 1.351   -5.380  1.00 20.45 ? 90  ASN A C   1 
ATOM   513 O  O   . ASN A 1 66 ? -12.427 2.234   -6.215  1.00 24.28 ? 90  ASN A O   1 
ATOM   514 C  CB  A ASN A 1 66 ? -13.789 1.646   -3.379  0.30 21.79 ? 90  ASN A CB  1 
ATOM   515 C  CB  B ASN A 1 66 ? -14.288 1.574   -3.949  0.70 19.42 ? 90  ASN A CB  1 
ATOM   516 C  CG  A ASN A 1 66 ? -15.122 1.265   -2.710  0.30 22.36 ? 90  ASN A CG  1 
ATOM   517 C  CG  B ASN A 1 66 ? -13.602 1.980   -2.683  0.70 12.39 ? 90  ASN A CG  1 
ATOM   518 O  OD1 A ASN A 1 66 ? -16.173 1.270   -3.349  0.30 24.26 ? 90  ASN A OD1 1 
ATOM   519 O  OD1 B ASN A 1 66 ? -12.449 2.457   -2.724  0.70 17.66 ? 90  ASN A OD1 1 
ATOM   520 N  ND2 A ASN A 1 66 ? -15.077 0.972   -1.413  0.30 22.14 ? 90  ASN A ND2 1 
ATOM   521 N  ND2 B ASN A 1 66 ? -14.264 1.789   -1.560  0.70 17.00 ? 90  ASN A ND2 1 
ATOM   522 N  N   . ALA A 1 67 ? -11.048 0.927   -5.072  1.00 16.48 ? 91  ALA A N   1 
ATOM   523 C  CA  . ALA A 1 67 ? -9.855  1.545   -5.597  1.00 15.84 ? 91  ALA A CA  1 
ATOM   524 C  C   . ALA A 1 67 ? -9.663  1.205   -7.072  1.00 14.25 ? 91  ALA A C   1 
ATOM   525 O  O   . ALA A 1 67 ? -9.960  0.074   -7.496  1.00 17.73 ? 91  ALA A O   1 
ATOM   526 C  CB  . ALA A 1 67 ? -8.653  1.081   -4.790  1.00 16.31 ? 91  ALA A CB  1 
ATOM   527 N  N   . LYS A 1 68 ? -9.096  2.149   -7.827  1.00 15.06 ? 92  LYS A N   1 
ATOM   528 C  CA  . LYS A 1 68 ? -8.744  1.915   -9.231  1.00 16.54 ? 92  LYS A CA  1 
ATOM   529 C  C   . LYS A 1 68 ? -7.256  2.089   -9.435  1.00 15.68 ? 92  LYS A C   1 
ATOM   530 O  O   . LYS A 1 68 ? -6.738  3.197   -9.339  1.00 16.47 ? 92  LYS A O   1 
ATOM   531 C  CB  . LYS A 1 68 ? -9.523  2.856   -10.131 1.00 19.87 ? 92  LYS A CB  1 
ATOM   532 C  CG  . LYS A 1 68 ? -11.037 2.676   -10.041 1.00 27.90 ? 92  LYS A CG  1 
ATOM   533 N  N   . PHE A 1 69 ? -6.569  0.985   -9.705  1.00 15.54 ? 93  PHE A N   1 
ATOM   534 C  CA  . PHE A 1 69 ? -5.127  1.004   -9.948  1.00 14.65 ? 93  PHE A CA  1 
ATOM   535 C  C   . PHE A 1 69 ? -4.915  1.382   -11.408 1.00 16.84 ? 93  PHE A C   1 
ATOM   536 O  O   . PHE A 1 69 ? -5.543  0.783   -12.312 1.00 21.02 ? 93  PHE A O   1 
ATOM   537 C  CB  . PHE A 1 69 ? -4.509  -0.379  -9.685  1.00 15.46 ? 93  PHE A CB  1 
ATOM   538 C  CG  . PHE A 1 69 ? -4.366  -0.709  -8.224  1.00 13.96 ? 93  PHE A CG  1 
ATOM   539 C  CD1 . PHE A 1 69 ? -5.460  -1.094  -7.478  1.00 15.93 ? 93  PHE A CD1 1 
ATOM   540 C  CD2 . PHE A 1 69 ? -3.121  -0.649  -7.603  1.00 14.84 ? 93  PHE A CD2 1 
ATOM   541 C  CE1 . PHE A 1 69 ? -5.346  -1.366  -6.118  1.00 16.24 ? 93  PHE A CE1 1 
ATOM   542 C  CE2 . PHE A 1 69 ? -3.003  -0.906  -6.240  1.00 15.50 ? 93  PHE A CE2 1 
ATOM   543 C  CZ  . PHE A 1 69 ? -4.108  -1.306  -5.513  1.00 16.31 ? 93  PHE A CZ  1 
ATOM   544 N  N   . GLU A 1 70 ? -4.054  2.365   -11.625 1.00 17.25 ? 94  GLU A N   1 
ATOM   545 C  CA  A GLU A 1 70 ? -3.667  2.853   -12.949 0.50 19.32 ? 94  GLU A CA  1 
ATOM   546 C  CA  B GLU A 1 70 ? -3.647  2.684   -12.997 0.50 19.20 ? 94  GLU A CA  1 
ATOM   547 C  C   . GLU A 1 70 ? -2.145  2.853   -13.044 1.00 20.76 ? 94  GLU A C   1 
ATOM   548 O  O   . GLU A 1 70 ? -1.478  2.633   -12.059 1.00 19.54 ? 94  GLU A O   1 
ATOM   549 C  CB  A GLU A 1 70 ? -4.215  4.274   -13.119 0.50 21.44 ? 94  GLU A CB  1 
ATOM   550 C  CB  B GLU A 1 70 ? -4.401  3.905   -13.520 0.50 21.70 ? 94  GLU A CB  1 
ATOM   551 C  CG  A GLU A 1 70 ? -5.729  4.347   -12.951 0.50 22.57 ? 94  GLU A CG  1 
ATOM   552 C  CG  B GLU A 1 70 ? -4.112  5.193   -12.774 0.50 22.14 ? 94  GLU A CG  1 
ATOM   553 C  CD  A GLU A 1 70 ? -6.277  5.757   -13.010 0.50 27.89 ? 94  GLU A CD  1 
ATOM   554 C  CD  B GLU A 1 70 ? -4.756  6.412   -13.432 0.50 26.35 ? 94  GLU A CD  1 
ATOM   555 O  OE1 A GLU A 1 70 ? -5.487  6.727   -12.923 0.50 31.44 ? 94  GLU A OE1 1 
ATOM   556 O  OE1 B GLU A 1 70 ? -6.000  6.555   -13.349 0.50 28.44 ? 94  GLU A OE1 1 
ATOM   557 O  OE2 A GLU A 1 70 ? -7.510  5.881   -13.130 0.50 28.40 ? 94  GLU A OE2 1 
ATOM   558 O  OE2 B GLU A 1 70 ? -4.009  7.221   -14.029 0.50 33.66 ? 94  GLU A OE2 1 
ATOM   559 N  N   . GLN A 1 71 ? -1.584  3.155   -14.211 1.00 24.53 ? 95  GLN A N   1 
ATOM   560 C  CA  A GLN A 1 71 ? -0.131  3.278   -14.297 0.70 25.80 ? 95  GLN A CA  1 
ATOM   561 C  CA  B GLN A 1 71 ? -0.133  3.314   -14.322 0.30 25.72 ? 95  GLN A CA  1 
ATOM   562 C  C   . GLN A 1 71 ? 0.308   4.500   -13.470 1.00 24.23 ? 95  GLN A C   1 
ATOM   563 O  O   . GLN A 1 71 ? -0.108  5.632   -13.712 1.00 25.44 ? 95  GLN A O   1 
ATOM   564 C  CB  A GLN A 1 71 ? 0.370   3.374   -15.757 0.70 28.64 ? 95  GLN A CB  1 
ATOM   565 C  CB  B GLN A 1 71 ? 0.307   3.523   -15.783 0.30 27.78 ? 95  GLN A CB  1 
ATOM   566 C  CG  A GLN A 1 71 ? 1.914   3.346   -15.912 0.70 36.21 ? 95  GLN A CG  1 
ATOM   567 C  CG  B GLN A 1 71 ? 1.808   3.826   -15.949 0.30 33.21 ? 95  GLN A CG  1 
ATOM   568 C  CD  A GLN A 1 71 ? 2.574   2.049   -15.404 0.70 45.26 ? 95  GLN A CD  1 
ATOM   569 C  CD  B GLN A 1 71 ? 2.312   3.608   -17.369 0.30 37.67 ? 95  GLN A CD  1 
ATOM   570 O  OE1 A GLN A 1 71 ? 3.386   2.079   -14.472 0.70 51.08 ? 95  GLN A OE1 1 
ATOM   571 O  OE1 B GLN A 1 71 ? 1.815   2.747   -18.092 0.30 40.14 ? 95  GLN A OE1 1 
ATOM   572 N  NE2 A GLN A 1 71 ? 2.234   0.915   -16.020 0.70 46.67 ? 95  GLN A NE2 1 
ATOM   573 N  NE2 B GLN A 1 71 ? 3.302   4.397   -17.773 0.30 38.40 ? 95  GLN A NE2 1 
ATOM   574 N  N   . GLY A 1 72 ? 1.125   4.241   -12.457 1.00 22.33 ? 96  GLY A N   1 
ATOM   575 C  CA  . GLY A 1 72 ? 1.710   5.299   -11.641 1.00 19.84 ? 96  GLY A CA  1 
ATOM   576 C  C   . GLY A 1 72 ? 0.839   5.941   -10.569 1.00 16.15 ? 96  GLY A C   1 
ATOM   577 O  O   . GLY A 1 72 ? 1.312   6.830   -9.896  1.00 16.81 ? 96  GLY A O   1 
ATOM   578 N  N   . ALA A 1 73 ? -0.416  5.496   -10.434 1.00 15.46 ? 97  ALA A N   1 
ATOM   579 C  CA  . ALA A 1 73 ? -1.371  6.114   -9.485  1.00 14.24 ? 97  ALA A CA  1 
ATOM   580 C  C   . ALA A 1 73 ? -2.481  5.153   -9.084  1.00 15.35 ? 97  ALA A C   1 
ATOM   581 O  O   . ALA A 1 73 ? -2.795  4.199   -9.807  1.00 15.70 ? 97  ALA A O   1 
ATOM   582 C  CB  . ALA A 1 73 ? -1.972  7.377   -10.119 1.00 15.94 ? 97  ALA A CB  1 
ATOM   583 N  N   . VAL A 1 74 ? -3.045  5.382   -7.905  1.00 13.94 ? 98  VAL A N   1 
ATOM   584 C  CA  . VAL A 1 74 ? -4.215  4.641   -7.467  1.00 13.28 ? 98  VAL A CA  1 
ATOM   585 C  C   . VAL A 1 74 ? -5.294  5.635   -7.045  1.00 13.40 ? 98  VAL A C   1 
ATOM   586 O  O   . VAL A 1 74 ? -5.085  6.482   -6.156  1.00 13.65 ? 98  VAL A O   1 
ATOM   587 C  CB  . VAL A 1 74 ? -3.921  3.661   -6.321  1.00 13.14 ? 98  VAL A CB  1 
ATOM   588 C  CG1 . VAL A 1 74 ? -5.197  2.875   -5.945  1.00 14.22 ? 98  VAL A CG1 1 
ATOM   589 C  CG2 . VAL A 1 74 ? -2.750  2.727   -6.694  1.00 15.43 ? 98  VAL A CG2 1 
ATOM   590 N  N   . VAL A 1 75 ? -6.448  5.534   -7.680  1.00 12.67 ? 99  VAL A N   1 
ATOM   591 C  CA  . VAL A 1 75 ? -7.564  6.436   -7.413  1.00 13.48 ? 99  VAL A CA  1 
ATOM   592 C  C   . VAL A 1 75 ? -8.523  5.812   -6.392  1.00 14.09 ? 99  VAL A C   1 
ATOM   593 O  O   . VAL A 1 75 ? -8.940  4.653   -6.528  1.00 17.00 ? 99  VAL A O   1 
ATOM   594 C  CB  . VAL A 1 75 ? -8.328  6.737   -8.710  1.00 14.34 ? 99  VAL A CB  1 
ATOM   595 C  CG1 . VAL A 1 75 ? -9.556  7.643   -8.441  1.00 16.82 ? 99  VAL A CG1 1 
ATOM   596 C  CG2 . VAL A 1 75 ? -7.408  7.360   -9.732  1.00 18.42 ? 99  VAL A CG2 1 
ATOM   597 N  N   . GLY A 1 76 ? -8.868  6.562   -5.353  1.00 13.77 ? 100 GLY A N   1 
ATOM   598 C  CA  . GLY A 1 76 ? -9.849  6.117   -4.371  1.00 14.98 ? 100 GLY A CA  1 
ATOM   599 C  C   . GLY A 1 76 ? -9.582  6.646   -2.981  1.00 13.96 ? 100 GLY A C   1 
ATOM   600 O  O   . GLY A 1 76 ? -8.495  7.177   -2.683  1.00 14.78 ? 100 GLY A O   1 
ATOM   601 N  N   . LYS A 1 77 ? -10.553 6.451   -2.107  1.00 12.68 ? 101 LYS A N   1 
ATOM   602 C  CA  . LYS A 1 77 ? -10.410 6.943   -0.749  1.00 13.14 ? 101 LYS A CA  1 
ATOM   603 C  C   . LYS A 1 77 ? -9.281  6.182   -0.031  1.00 11.19 ? 101 LYS A C   1 
ATOM   604 O  O   . LYS A 1 77 ? -9.213  4.955   -0.069  1.00 12.03 ? 101 LYS A O   1 
ATOM   605 C  CB  . LYS A 1 77 ? -11.685 6.760   0.040   1.00 15.20 ? 101 LYS A CB  1 
ATOM   606 C  CG  . LYS A 1 77 ? -11.687 7.501   1.385   1.00 18.83 ? 101 LYS A CG  1 
ATOM   607 C  CD  . LYS A 1 77 ? -12.894 7.146   2.244   1.00 19.59 ? 101 LYS A CD  1 
ATOM   608 C  CE  . LYS A 1 77 ? -12.871 7.906   3.493   1.00 20.43 ? 101 LYS A CE  1 
ATOM   609 N  NZ  . LYS A 1 77 ? -13.966 7.491   4.354   1.00 20.77 ? 101 LYS A NZ  1 
ATOM   610 N  N   . ARG A 1 78 ? -8.393  6.934   0.611   1.00 11.04 ? 102 ARG A N   1 
ATOM   611 C  CA  . ARG A 1 78 ? -7.379  6.376   1.488   1.00 10.48 ? 102 ARG A CA  1 
ATOM   612 C  C   . ARG A 1 78 ? -8.027  6.163   2.854   1.00 11.12 ? 102 ARG A C   1 
ATOM   613 O  O   . ARG A 1 78 ? -8.417  7.122   3.537   1.00 13.37 ? 102 ARG A O   1 
ATOM   614 C  CB  . ARG A 1 78 ? -6.153  7.285   1.599   1.00 11.01 ? 102 ARG A CB  1 
ATOM   615 C  CG  . ARG A 1 78 ? -5.296  7.330   0.348   1.00 10.93 ? 102 ARG A CG  1 
ATOM   616 C  CD  . ARG A 1 78 ? -5.862  8.109   -0.861  1.00 12.06 ? 102 ARG A CD  1 
ATOM   617 N  NE  . ARG A 1 78 ? -4.815  8.236   -1.869  1.00 11.72 ? 102 ARG A NE  1 
ATOM   618 C  CZ  . ARG A 1 78 ? -4.769  7.632   -3.061  1.00 11.25 ? 102 ARG A CZ  1 
ATOM   619 N  NH1 . ARG A 1 78 ? -5.805  6.960   -3.531  1.00 12.24 ? 102 ARG A NH1 1 
ATOM   620 N  NH2 . ARG A 1 78 ? -3.698  7.759   -3.835  1.00 12.01 ? 102 ARG A NH2 1 
ATOM   621 N  N   . ILE A 1 79 ? -8.124  4.894   3.240   1.00 9.98  ? 103 ILE A N   1 
ATOM   622 C  CA  . ILE A 1 79 ? -8.746  4.477   4.490   1.00 10.73 ? 103 ILE A CA  1 
ATOM   623 C  C   . ILE A 1 79 ? -7.778  4.367   5.657   1.00 9.78  ? 103 ILE A C   1 
ATOM   624 O  O   . ILE A 1 79 ? -8.175  4.140   6.809   1.00 11.73 ? 103 ILE A O   1 
ATOM   625 C  CB  . ILE A 1 79 ? -9.599  3.197   4.285   1.00 11.49 ? 103 ILE A CB  1 
ATOM   626 C  CG1 . ILE A 1 79 ? -8.751  1.959   4.008   1.00 11.28 ? 103 ILE A CG1 1 
ATOM   627 C  CG2 . ILE A 1 79 ? -10.676 3.436   3.156   1.00 15.32 ? 103 ILE A CG2 1 
ATOM   628 C  CD1 . ILE A 1 79 ? -9.512  0.673   3.809   1.00 13.64 ? 103 ILE A CD1 1 
ATOM   629 N  N   . GLY A 1 80 ? -6.487  4.492   5.362   1.00 10.42 ? 104 GLY A N   1 
ATOM   630 C  CA  . GLY A 1 80 ? -5.451  4.548   6.373   1.00 12.50 ? 104 GLY A CA  1 
ATOM   631 C  C   . GLY A 1 80 ? -4.176  5.078   5.734   1.00 10.34 ? 104 GLY A C   1 
ATOM   632 O  O   . GLY A 1 80 ? -3.998  4.989   4.521   1.00 10.75 ? 104 GLY A O   1 
ATOM   633 N  N   . LYS A 1 81 ? -3.274  5.628   6.555   1.00 10.94 ? 105 LYS A N   1 
ATOM   634 C  CA  . LYS A 1 81 ? -2.038  6.178   6.064   1.00 11.61 ? 105 LYS A CA  1 
ATOM   635 C  C   . LYS A 1 81 ? -0.981  6.163   7.141   1.00 10.78 ? 105 LYS A C   1 
ATOM   636 O  O   . LYS A 1 81 ? -1.307  6.173   8.345   1.00 12.99 ? 105 LYS A O   1 
ATOM   637 C  CB  . LYS A 1 81 ? -2.263  7.600   5.519   1.00 13.50 ? 105 LYS A CB  1 
ATOM   638 C  CG  . LYS A 1 81 ? -2.564  8.677   6.535   1.00 17.11 ? 105 LYS A CG  1 
ATOM   639 C  CD  . LYS A 1 81 ? -2.792  10.000  5.788   1.00 18.98 ? 105 LYS A CD  1 
ATOM   640 C  CE  . LYS A 1 81 ? -3.001  11.165  6.723   1.00 24.82 ? 105 LYS A CE  1 
ATOM   641 N  NZ  . LYS A 1 81 ? -4.433  11.328  7.092   1.00 22.75 ? 105 LYS A NZ  1 
ATOM   642 N  N   . ALA A 1 82 ? 0.271   6.170   6.704   1.00 10.81 ? 106 ALA A N   1 
ATOM   643 C  CA  . ALA A 1 82 ? 1.455   6.284   7.568   1.00 11.75 ? 106 ALA A CA  1 
ATOM   644 C  C   . ALA A 1 82 ? 2.570   6.922   6.754   1.00 11.54 ? 106 ALA A C   1 
ATOM   645 O  O   . ALA A 1 82 ? 2.819   6.525   5.615   1.00 13.82 ? 106 ALA A O   1 
ATOM   646 C  CB  . ALA A 1 82 ? 1.902   4.911   8.066   1.00 13.39 ? 106 ALA A CB  1 
ATOM   647 N  N   . TYR A 1 83 ? 3.263   7.900   7.351   1.00 13.64 ? 107 TYR A N   1 
ATOM   648 C  CA  . TYR A 1 83 ? 4.377   8.587   6.706   1.00 14.17 ? 107 TYR A CA  1 
ATOM   649 C  C   . TYR A 1 83 ? 5.726   8.141   7.234   1.00 16.59 ? 107 TYR A C   1 
ATOM   650 O  O   . TYR A 1 83 ? 5.842   7.770   8.395   1.00 18.79 ? 107 TYR A O   1 
ATOM   651 C  CB  . TYR A 1 83 ? 4.245   10.103  6.936   1.00 13.77 ? 107 TYR A CB  1 
ATOM   652 C  CG  . TYR A 1 83 ? 2.975   10.715  6.341   1.00 12.88 ? 107 TYR A CG  1 
ATOM   653 C  CD1 . TYR A 1 83 ? 2.957   11.145  5.027   1.00 13.74 ? 107 TYR A CD1 1 
ATOM   654 C  CD2 . TYR A 1 83 ? 1.837   10.874  7.092   1.00 16.96 ? 107 TYR A CD2 1 
ATOM   655 C  CE1 . TYR A 1 83 ? 1.816   11.722  4.467   1.00 14.61 ? 107 TYR A CE1 1 
ATOM   656 C  CE2 . TYR A 1 83 ? 0.690   11.452  6.561   1.00 16.71 ? 107 TYR A CE2 1 
ATOM   657 C  CZ  . TYR A 1 83 ? 0.699   11.863  5.222   1.00 14.63 ? 107 TYR A CZ  1 
ATOM   658 O  OH  . TYR A 1 83 ? -0.442  12.430  4.684   1.00 17.23 ? 107 TYR A OH  1 
ATOM   659 N  N   . LYS A 1 84 ? 6.716   8.221   6.361   1.00 19.78 ? 108 LYS A N   1 
ATOM   660 C  CA  . LYS A 1 84 ? 8.150   7.976   6.673   1.00 27.08 ? 108 LYS A CA  1 
ATOM   661 C  C   . LYS A 1 84 ? 8.642   8.767   7.888   1.00 31.74 ? 108 LYS A C   1 
ATOM   662 O  O   . LYS A 1 84 ? 8.216   9.902   8.119   1.00 33.23 ? 108 LYS A O   1 
ATOM   663 C  CB  . LYS A 1 84 ? 8.997   8.340   5.438   1.00 30.19 ? 108 LYS A CB  1 
ATOM   664 C  CG  . LYS A 1 84 ? 10.469  8.753   5.701   1.00 38.67 ? 108 LYS A CG  1 
ATOM   665 C  CD  . LYS A 1 84 ? 11.178  9.081   4.405   1.00 44.70 ? 108 LYS A CD  1 
ATOM   666 C  CE  . LYS A 1 84 ? 10.788  10.453  3.891   1.00 50.45 ? 108 LYS A CE  1 
ATOM   667 N  NZ  . LYS A 1 84 ? 10.978  10.579  2.403   1.00 55.44 ? 108 LYS A NZ  1 
ATOM   668 O  OXT . LYS A 1 84 ? 9.469   8.259   8.670   1.00 35.01 ? 108 LYS A OXT 1 
HETATM 669 C  C1  . EDO B 2 .  ? 7.471   -10.113 4.128   1.00 34.00 ? 200 EDO A C1  1 
HETATM 670 O  O1  . EDO B 2 .  ? 7.624   -9.344  5.331   1.00 31.31 ? 200 EDO A O1  1 
HETATM 671 C  C2  . EDO B 2 .  ? 6.133   -9.820  3.492   1.00 30.33 ? 200 EDO A C2  1 
HETATM 672 O  O2  . EDO B 2 .  ? 5.168   -10.793 3.874   1.00 22.38 ? 200 EDO A O2  1 
HETATM 673 C  C1  . EDO C 2 .  ? 0.653   -6.043  8.248   1.00 31.67 ? 201 EDO A C1  1 
HETATM 674 O  O1  . EDO C 2 .  ? 0.038   -7.306  7.934   1.00 35.72 ? 201 EDO A O1  1 
HETATM 675 C  C2  . EDO C 2 .  ? 2.138   -6.054  7.950   1.00 32.85 ? 201 EDO A C2  1 
HETATM 676 O  O2  . EDO C 2 .  ? 2.742   -7.196  8.590   1.00 38.65 ? 201 EDO A O2  1 
HETATM 677 O  O   . HOH D 3 .  ? 6.741   11.347  3.855   1.00 19.39 ? 301 HOH A O   1 
HETATM 678 O  O   . HOH D 3 .  ? -1.933  7.593   -6.374  1.00 13.54 ? 302 HOH A O   1 
HETATM 679 O  O   . HOH D 3 .  ? -10.829 2.888   -0.699  1.00 12.95 ? 303 HOH A O   1 
HETATM 680 O  O   . HOH D 3 .  ? -7.149  -7.920  2.367   1.00 23.79 ? 304 HOH A O   1 
HETATM 681 O  O   . HOH D 3 .  ? -0.141  -6.449  -6.385  1.00 14.35 ? 305 HOH A O   1 
HETATM 682 O  O   . HOH D 3 .  ? -7.843  9.318   -5.201  1.00 14.46 ? 306 HOH A O   1 
HETATM 683 O  O   . HOH D 3 .  ? 1.383   9.156   -8.318  1.00 17.21 ? 307 HOH A O   1 
HETATM 684 O  O   . HOH D 3 .  ? 11.156  -5.167  -3.038  1.00 17.12 ? 308 HOH A O   1 
HETATM 685 O  O   . HOH D 3 .  ? -5.712  2.009   12.904  1.00 16.05 ? 309 HOH A O   1 
HETATM 686 O  O   . HOH D 3 .  ? 12.371  -6.399  -0.881  1.00 15.46 ? 310 HOH A O   1 
HETATM 687 O  O   . HOH D 3 .  ? -2.893  -16.903 -0.505  1.00 15.36 ? 311 HOH A O   1 
HETATM 688 O  O   . HOH D 3 .  ? 6.510   -12.114 -9.589  1.00 18.62 ? 312 HOH A O   1 
HETATM 689 O  O   . HOH D 3 .  ? -12.903 5.230   -3.240  1.00 20.65 ? 313 HOH A O   1 
HETATM 690 O  O   . HOH D 3 .  ? -2.357  -15.323 3.732   1.00 14.96 ? 314 HOH A O   1 
HETATM 691 O  O   . HOH D 3 .  ? -9.132  -2.284  -6.395  1.00 17.59 ? 315 HOH A O   1 
HETATM 692 O  O   . HOH D 3 .  ? 4.577   -1.036  -8.058  1.00 20.21 ? 316 HOH A O   1 
HETATM 693 O  O   . HOH D 3 .  ? 5.663   -4.382  10.774  1.00 19.12 ? 317 HOH A O   1 
HETATM 694 O  O   . HOH D 3 .  ? -0.037  5.874   10.860  1.00 20.52 ? 318 HOH A O   1 
HETATM 695 O  O   . HOH D 3 .  ? 4.554   -6.145  -8.752  1.00 33.91 ? 319 HOH A O   1 
HETATM 696 O  O   . HOH D 3 .  ? 11.274  3.256   2.171   1.00 19.24 ? 320 HOH A O   1 
HETATM 697 O  O   . HOH D 3 .  ? -7.990  -1.428  -10.357 1.00 21.01 ? 321 HOH A O   1 
HETATM 698 O  O   . HOH D 3 .  ? -0.971  1.386   -9.685  1.00 22.02 ? 322 HOH A O   1 
HETATM 699 O  O   . HOH D 3 .  ? 10.716  1.419   10.499  1.00 27.74 ? 323 HOH A O   1 
HETATM 700 O  O   . HOH D 3 .  ? 3.018   -9.162  4.918   1.00 15.61 ? 324 HOH A O   1 
HETATM 701 O  O   . HOH D 3 .  ? -8.997  -9.027  -5.368  1.00 22.01 ? 325 HOH A O   1 
HETATM 702 O  O   . HOH D 3 .  ? -13.731 0.914   2.663   1.00 20.57 ? 326 HOH A O   1 
HETATM 703 O  O   . HOH D 3 .  ? 11.603  -1.032  9.574   1.00 20.87 ? 327 HOH A O   1 
HETATM 704 O  O   . HOH D 3 .  ? -11.968 -8.857  -3.192  1.00 27.92 ? 328 HOH A O   1 
HETATM 705 O  O   . HOH D 3 .  ? -15.242 4.669   0.528   1.00 26.54 ? 329 HOH A O   1 
HETATM 706 O  O   . HOH D 3 .  ? -13.201 3.010   0.838   1.00 16.43 ? 330 HOH A O   1 
HETATM 707 O  O   . HOH D 3 .  ? 0.869   0.213   13.927  1.00 15.62 ? 331 HOH A O   1 
HETATM 708 O  O   . HOH D 3 .  ? 5.915   2.745   10.514  1.00 24.73 ? 332 HOH A O   1 
HETATM 709 O  O   . HOH D 3 .  ? -2.961  -7.722  6.473   1.00 26.53 ? 333 HOH A O   1 
HETATM 710 O  O   . HOH D 3 .  ? 13.110  -11.109 10.502  1.00 24.48 ? 334 HOH A O   1 
HETATM 711 O  O   . HOH D 3 .  ? -3.256  1.819   -16.611 1.00 44.95 ? 335 HOH A O   1 
HETATM 712 O  O   . HOH D 3 .  ? -0.742  -1.302  -10.610 1.00 29.05 ? 336 HOH A O   1 
HETATM 713 O  O   . HOH D 3 .  ? 1.567   -6.115  -8.688  1.00 28.14 ? 337 HOH A O   1 
HETATM 714 O  O   . HOH D 3 .  ? 14.250  -0.323  8.477   1.00 28.47 ? 338 HOH A O   1 
HETATM 715 O  O   . HOH D 3 .  ? -5.571  -0.678  11.020  1.00 20.35 ? 339 HOH A O   1 
HETATM 716 O  O   . HOH D 3 .  ? 2.165   -9.586  -7.482  1.00 22.70 ? 340 HOH A O   1 
HETATM 717 O  O   . HOH D 3 .  ? -8.495  -3.589  -8.728  1.00 28.10 ? 341 HOH A O   1 
HETATM 718 O  O   . HOH D 3 .  ? 2.542   -10.120 7.305   1.00 26.13 ? 342 HOH A O   1 
HETATM 719 O  O   . HOH D 3 .  ? -11.810 4.663   -7.373  1.00 24.47 ? 343 HOH A O   1 
HETATM 720 O  O   . HOH D 3 .  ? 8.350   -5.555  10.191  1.00 28.05 ? 344 HOH A O   1 
HETATM 721 O  O   . HOH D 3 .  ? 2.246   11.542  -9.618  1.00 29.14 ? 345 HOH A O   1 
HETATM 722 O  O   . HOH D 3 .  ? -15.751 -7.966  1.509   1.00 48.01 ? 346 HOH A O   1 
HETATM 723 O  O   . HOH D 3 .  ? 9.350   -9.565  -8.389  1.00 27.41 ? 347 HOH A O   1 
HETATM 724 O  O   . HOH D 3 .  ? -5.139  -11.050 1.893   1.00 25.30 ? 348 HOH A O   1 
HETATM 725 O  O   . HOH D 3 .  ? 1.609   2.544   -9.719  1.00 22.32 ? 349 HOH A O   1 
HETATM 726 O  O   . HOH D 3 .  ? -15.255 5.432   -1.879  1.00 30.27 ? 350 HOH A O   1 
HETATM 727 O  O   . HOH D 3 .  ? -4.630  9.389   -11.776 1.00 37.88 ? 351 HOH A O   1 
HETATM 728 O  O   . HOH D 3 .  ? -1.546  -15.189 6.391   1.00 25.69 ? 352 HOH A O   1 
HETATM 729 O  O   . HOH D 3 .  ? 14.588  0.112   3.636   1.00 27.38 ? 353 HOH A O   1 
HETATM 730 O  O   . HOH D 3 .  ? 2.126   1.690   -12.200 1.00 32.35 ? 354 HOH A O   1 
HETATM 731 O  O   . HOH D 3 .  ? 3.435   -7.272  13.474  1.00 28.40 ? 355 HOH A O   1 
HETATM 732 O  O   . HOH D 3 .  ? -7.565  9.980   -11.975 1.00 34.15 ? 356 HOH A O   1 
HETATM 733 O  O   . HOH D 3 .  ? 10.092  2.306   -4.194  1.00 40.94 ? 357 HOH A O   1 
HETATM 734 O  O   . HOH D 3 .  ? -1.592  -12.529 6.328   1.00 27.88 ? 358 HOH A O   1 
HETATM 735 O  O   . HOH D 3 .  ? 3.537   0.185   13.426  1.00 34.86 ? 359 HOH A O   1 
HETATM 736 O  O   . HOH D 3 .  ? 3.469   4.000   14.216  1.00 27.75 ? 360 HOH A O   1 
HETATM 737 O  O   . HOH D 3 .  ? 12.464  -2.814  11.232  1.00 29.01 ? 361 HOH A O   1 
HETATM 738 O  O   . HOH D 3 .  ? 0.031   -11.316 7.882   1.00 31.61 ? 362 HOH A O   1 
HETATM 739 O  O   . HOH D 3 .  ? 2.374   -3.229  -8.567  1.00 31.72 ? 363 HOH A O   1 
HETATM 740 O  O   . HOH D 3 .  ? 9.633   -9.738  8.089   1.00 38.54 ? 364 HOH A O   1 
HETATM 741 O  O   . HOH D 3 .  ? -7.438  2.067   15.869  1.00 29.29 ? 365 HOH A O   1 
HETATM 742 O  O   . HOH D 3 .  ? 5.449   4.121   -9.918  1.00 32.81 ? 366 HOH A O   1 
HETATM 743 O  O   . HOH D 3 .  ? 10.253  -4.458  11.780  1.00 31.72 ? 367 HOH A O   1 
HETATM 744 O  O   . HOH D 3 .  ? -14.011 -8.398  -1.655  1.00 35.79 ? 368 HOH A O   1 
HETATM 745 O  O   . HOH D 3 .  ? 8.055   6.127   -6.891  1.00 32.50 ? 369 HOH A O   1 
HETATM 746 O  O   . HOH D 3 .  ? -13.494 6.072   -5.799  1.00 29.30 ? 370 HOH A O   1 
HETATM 747 O  O   . HOH D 3 .  ? -5.011  -11.091 4.423   1.00 44.10 ? 371 HOH A O   1 
HETATM 748 O  O   . HOH D 3 .  ? -16.558 0.940   3.105   1.00 34.52 ? 372 HOH A O   1 
HETATM 749 O  O   . HOH D 3 .  ? 8.927   12.309  2.389   1.00 26.72 ? 373 HOH A O   1 
HETATM 750 O  O   . HOH D 3 .  ? 7.225   -1.724  -7.487  1.00 31.41 ? 374 HOH A O   1 
HETATM 751 O  O   . HOH D 3 .  ? -9.207  2.879   13.956  1.00 28.92 ? 375 HOH A O   1 
HETATM 752 O  O   . HOH D 3 .  ? 12.393  -5.392  -5.694  1.00 35.20 ? 376 HOH A O   1 
HETATM 753 O  O   . HOH D 3 .  ? 9.202   0.026   -7.232  1.00 34.55 ? 377 HOH A O   1 
HETATM 754 O  O   . HOH D 3 .  ? -12.125 5.800   -9.937  1.00 43.40 ? 378 HOH A O   1 
HETATM 755 O  O   A HOH D 3 .  ? -7.825  -10.405 1.607   0.80 24.79 ? 379 HOH A O   1 
HETATM 756 O  O   B HOH D 3 .  ? -8.532  -11.661 0.550   0.20 13.79 ? 379 HOH A O   1 
HETATM 757 O  O   . HOH D 3 .  ? 4.734   12.369  -8.984  1.00 42.31 ? 380 HOH A O   1 
HETATM 758 O  O   . HOH D 3 .  ? -13.374 8.806   -5.392  1.00 44.52 ? 381 HOH A O   1 
HETATM 759 O  O   . HOH D 3 .  ? 8.376   10.715  -5.967  1.00 42.51 ? 382 HOH A O   1 
HETATM 760 O  O   . HOH D 3 .  ? 11.429  -3.391  -7.896  1.00 38.51 ? 383 HOH A O   1 
HETATM 761 O  O   . HOH D 3 .  ? 9.279   5.141   -3.976  1.00 44.02 ? 384 HOH A O   1 
HETATM 762 O  O   . HOH D 3 .  ? 5.340   -5.031  -10.986 1.00 50.25 ? 385 HOH A O   1 
HETATM 763 O  O   . HOH D 3 .  ? 16.859  -0.462  -2.847  1.00 43.96 ? 386 HOH A O   1 
HETATM 764 O  O   . HOH D 3 .  ? 4.113   5.596   -14.285 1.00 39.99 ? 387 HOH A O   1 
HETATM 765 O  O   . HOH D 3 .  ? 4.147   -12.235 8.171   1.00 34.01 ? 388 HOH A O   1 
HETATM 766 O  O   . HOH D 3 .  ? -18.059 -7.310  0.545   1.00 38.85 ? 389 HOH A O   1 
HETATM 767 O  O   . HOH D 3 .  ? 11.637  -6.288  13.140  1.00 43.37 ? 390 HOH A O   1 
HETATM 768 O  O   . HOH D 3 .  ? -9.472  -7.092  -7.179  1.00 37.66 ? 391 HOH A O   1 
HETATM 769 O  O   . HOH D 3 .  ? 2.581   6.487   11.424  1.00 32.62 ? 392 HOH A O   1 
HETATM 770 O  O   . HOH D 3 .  ? -3.469  -10.546 6.543   1.00 37.12 ? 393 HOH A O   1 
HETATM 771 O  O   . HOH D 3 .  ? -5.441  -6.857  7.520   1.00 31.74 ? 394 HOH A O   1 
HETATM 772 O  O   . HOH D 3 .  ? -18.755 -3.731  5.913   1.00 42.04 ? 395 HOH A O   1 
HETATM 773 O  O   . HOH D 3 .  ? -0.778  0.551   -17.552 1.00 47.73 ? 396 HOH A O   1 
HETATM 774 O  O   . HOH D 3 .  ? -9.320  -6.949  5.634   1.00 39.81 ? 397 HOH A O   1 
HETATM 775 O  O   . HOH D 3 .  ? 10.606  5.092   3.779   1.00 37.61 ? 398 HOH A O   1 
HETATM 776 O  O   . HOH D 3 .  ? 6.326   -8.354  -10.724 1.00 32.38 ? 399 HOH A O   1 
HETATM 777 O  O   . HOH D 3 .  ? 4.777   5.319   10.362  1.00 39.76 ? 400 HOH A O   1 
HETATM 778 O  O   . HOH D 3 .  ? -9.313  -5.770  7.862   1.00 25.69 ? 401 HOH A O   1 
HETATM 779 O  O   . HOH D 3 .  ? 0.848   2.846   14.775  1.00 20.21 ? 402 HOH A O   1 
HETATM 780 O  O   . HOH D 3 .  ? 2.528   -12.046 -8.651  1.00 18.68 ? 403 HOH A O   1 
HETATM 781 O  O   . HOH D 3 .  ? 5.362   -11.971 -12.162 1.00 20.09 ? 404 HOH A O   1 
HETATM 782 O  O   . HOH D 3 .  ? 2.805   -11.485 -11.364 1.00 19.92 ? 405 HOH A O   1 
HETATM 783 O  O   . HOH D 3 .  ? -6.875  -4.610  8.241   1.00 21.51 ? 406 HOH A O   1 
HETATM 784 O  O   . HOH D 3 .  ? -7.227  3.476   18.258  1.00 26.38 ? 407 HOH A O   1 
HETATM 785 O  O   . HOH D 3 .  ? 5.450   -14.103 6.377   1.00 23.88 ? 408 HOH A O   1 
HETATM 786 O  O   . HOH D 3 .  ? -9.436  -11.442 3.404   1.00 33.93 ? 409 HOH A O   1 
HETATM 787 O  O   . HOH D 3 .  ? 6.242   -9.736  -13.406 1.00 37.54 ? 410 HOH A O   1 
HETATM 788 O  O   . HOH D 3 .  ? 3.204   -8.733  -11.300 1.00 33.20 ? 411 HOH A O   1 
HETATM 789 O  O   . HOH D 3 .  ? 0.018   -9.238  -12.447 1.00 37.06 ? 412 HOH A O   1 
HETATM 790 O  O   . HOH D 3 .  ? -9.061  3.643   -14.137 1.00 44.85 ? 413 HOH A O   1 
HETATM 791 O  O   . HOH D 3 .  ? 3.156   -9.762  -14.580 1.00 44.11 ? 414 HOH A O   1 
HETATM 792 O  O   . HOH D 3 .  ? 5.620   -13.446 3.646   1.00 17.32 ? 415 HOH A O   1 
HETATM 793 O  O   . HOH D 3 .  ? -11.584 -4.545  7.915   1.00 22.64 ? 416 HOH A O   1 
HETATM 794 O  O   . HOH D 3 .  ? 7.304   11.879  6.443   1.00 26.52 ? 417 HOH A O   1 
HETATM 795 O  O   . HOH D 3 .  ? 8.499   2.831   9.435   1.00 28.65 ? 418 HOH A O   1 
HETATM 796 O  O   . HOH D 3 .  ? -16.803 2.443   8.069   1.00 37.76 ? 419 HOH A O   1 
HETATM 797 O  O   . HOH D 3 .  ? -15.776 -6.361  3.603   1.00 44.91 ? 420 HOH A O   1 
HETATM 798 O  O   . HOH D 3 .  ? -1.493  -6.018  -10.300 1.00 42.30 ? 421 HOH A O   1 
HETATM 799 O  O   . HOH D 3 .  ? 12.247  1.511   -3.712  1.00 50.18 ? 422 HOH A O   1 
HETATM 800 O  O   . HOH D 3 .  ? -6.691  5.175   11.576  1.00 20.88 ? 423 HOH A O   1 
HETATM 801 O  O   . HOH D 3 .  ? 2.479   8.711   10.055  1.00 22.59 ? 424 HOH A O   1 
HETATM 802 O  O   . HOH D 3 .  ? -0.661  4.612   13.294  1.00 23.03 ? 425 HOH A O   1 
HETATM 803 O  O   . HOH D 3 .  ? 0.572   3.750   17.292  1.00 24.69 ? 426 HOH A O   1 
HETATM 804 O  O   . HOH D 3 .  ? -2.875  5.363   14.562  1.00 25.57 ? 427 HOH A O   1 
HETATM 805 O  O   . HOH D 3 .  ? -3.639  7.794   13.427  1.00 27.20 ? 428 HOH A O   1 
HETATM 806 O  O   . HOH D 3 .  ? -13.234 8.962   -2.777  1.00 27.42 ? 429 HOH A O   1 
HETATM 807 O  O   . HOH D 3 .  ? -5.542  4.317   14.612  1.00 27.24 ? 430 HOH A O   1 
HETATM 808 O  O   . HOH D 3 .  ? -1.535  5.145   16.971  1.00 30.87 ? 431 HOH A O   1 
HETATM 809 O  O   . HOH D 3 .  ? -6.921  -7.819  4.941   1.00 34.80 ? 432 HOH A O   1 
HETATM 810 O  O   . HOH D 3 .  ? -16.382 7.233   2.693   1.00 33.86 ? 433 HOH A O   1 
HETATM 811 O  O   . HOH D 3 .  ? -12.643 -0.826  -8.152  1.00 43.67 ? 434 HOH A O   1 
HETATM 812 O  O   . HOH D 3 .  ? -9.011  8.040   -13.290 1.00 42.24 ? 435 HOH A O   1 
HETATM 813 O  O   . HOH D 3 .  ? -9.990  6.079   -12.086 1.00 39.39 ? 436 HOH A O   1 
HETATM 814 O  O   . HOH D 3 .  ? 5.649   13.324  7.839   1.00 37.80 ? 437 HOH A O   1 
HETATM 815 O  O   . HOH D 3 .  ? 3.790   13.107  9.598   1.00 36.05 ? 438 HOH A O   1 
HETATM 816 O  O   . HOH D 3 .  ? 3.860   10.976  10.554  1.00 32.30 ? 439 HOH A O   1 
HETATM 817 O  O   . HOH D 3 .  ? -3.138  -9.507  -12.732 1.00 40.31 ? 440 HOH A O   1 
HETATM 818 O  O   A HOH D 3 .  ? -12.710 4.986   11.810  0.50 24.78 ? 441 HOH A O   1 
HETATM 819 O  O   B HOH D 3 .  ? -11.901 6.389   11.671  0.50 28.71 ? 441 HOH A O   1 
HETATM 820 O  O   . HOH D 3 .  ? -15.410 8.117   6.788   1.00 49.63 ? 442 HOH A O   1 
HETATM 821 O  O   A HOH D 3 .  ? 2.778   6.665   14.226  0.50 27.12 ? 443 HOH A O   1 
HETATM 822 O  O   B HOH D 3 .  ? 1.078   6.735   14.619  0.50 26.45 ? 443 HOH A O   1 
HETATM 823 O  O   . HOH D 3 .  ? 5.838   1.387   13.240  1.00 44.09 ? 444 HOH A O   1 
HETATM 824 O  O   . HOH D 3 .  ? 9.477   13.153  6.629   1.00 39.59 ? 445 HOH A O   1 
HETATM 825 O  O   . HOH D 3 .  ? 14.598  2.111   6.802   1.00 40.06 ? 446 HOH A O   1 
HETATM 826 O  O   . HOH D 3 .  ? 14.825  5.031   2.216   1.00 40.26 ? 447 HOH A O   1 
HETATM 827 O  O   . HOH D 3 .  ? -9.220  5.476   17.153  1.00 35.69 ? 448 HOH A O   1 
# 
loop_
_atom_site_anisotrop.id 
_atom_site_anisotrop.type_symbol 
_atom_site_anisotrop.pdbx_label_atom_id 
_atom_site_anisotrop.pdbx_label_alt_id 
_atom_site_anisotrop.pdbx_label_comp_id 
_atom_site_anisotrop.pdbx_label_asym_id 
_atom_site_anisotrop.pdbx_label_seq_id 
_atom_site_anisotrop.pdbx_PDB_ins_code 
_atom_site_anisotrop.U[1][1] 
_atom_site_anisotrop.U[2][2] 
_atom_site_anisotrop.U[3][3] 
_atom_site_anisotrop.U[1][2] 
_atom_site_anisotrop.U[1][3] 
_atom_site_anisotrop.U[2][3] 
_atom_site_anisotrop.pdbx_auth_seq_id 
_atom_site_anisotrop.pdbx_auth_comp_id 
_atom_site_anisotrop.pdbx_auth_asym_id 
_atom_site_anisotrop.pdbx_auth_atom_id 
1   N  N   . GLY A 1  ? 0.3824 0.4546 0.4403 0.0050  0.0073  0.0189  0   GLY A N   
2   C  CA  . GLY A 1  ? 0.3648 0.3861 0.3837 -0.0108 0.0068  0.0207  0   GLY A CA  
3   C  C   . GLY A 1  ? 0.3062 0.3356 0.3512 -0.0059 -0.0078 0.0271  0   GLY A C   
4   O  O   . GLY A 1  ? 0.2909 0.3879 0.3599 -0.0157 -0.0342 0.0411  0   GLY A O   
5   N  N   . ALA A 2  ? 0.2724 0.2665 0.2868 -0.0202 -0.0077 0.0373  26  ALA A N   
6   C  CA  . ALA A 2  ? 0.2210 0.2078 0.2112 -0.0087 -0.0189 0.0024  26  ALA A CA  
7   C  C   . ALA A 2  ? 0.1817 0.1754 0.2027 -0.0018 -0.0200 0.0073  26  ALA A C   
8   O  O   . ALA A 2  ? 0.1799 0.1693 0.1738 -0.0018 0.0027  0.0045  26  ALA A O   
9   C  CB  . ALA A 2  ? 0.2321 0.1949 0.2879 0.0093  -0.0335 -0.0011 26  ALA A CB  
10  N  N   . ASP A 3  ? 0.1718 0.1896 0.2062 -0.0017 0.0022  0.0097  27  ASP A N   
11  C  CA  A ASP A 3  ? 0.1924 0.2008 0.1955 -0.0086 -0.0126 0.0031  27  ASP A CA  
12  C  CA  B ASP A 3  ? 0.1975 0.2023 0.2016 -0.0042 -0.0029 0.0022  27  ASP A CA  
13  C  C   . ASP A 3  ? 0.1840 0.1984 0.1736 -0.0036 0.0029  -0.0097 27  ASP A C   
14  O  O   . ASP A 3  ? 0.1842 0.2009 0.1680 -0.0185 0.0099  0.0110  27  ASP A O   
15  C  CB  A ASP A 3  ? 0.2492 0.2316 0.2188 -0.0055 0.0022  -0.0101 27  ASP A CB  
16  C  CB  B ASP A 3  ? 0.2325 0.2174 0.2099 -0.0049 0.0005  -0.0001 27  ASP A CB  
17  C  CG  A ASP A 3  ? 0.3382 0.3353 0.3025 0.0170  -0.0162 0.0224  27  ASP A CG  
18  C  CG  B ASP A 3  ? 0.2557 0.2895 0.2764 0.0059  0.0085  0.0063  27  ASP A CG  
19  O  OD1 A ASP A 3  ? 0.3789 0.3659 0.3450 0.0341  -0.0159 0.0261  27  ASP A OD1 
20  O  OD1 B ASP A 3  ? 0.2923 0.2916 0.2947 0.0005  0.0066  -0.0048 27  ASP A OD1 
21  O  OD2 A ASP A 3  ? 0.4110 0.4372 0.3670 0.0091  0.0290  0.0095  27  ASP A OD2 
22  O  OD2 B ASP A 3  ? 0.3417 0.3161 0.3274 -0.0020 0.0028  -0.0122 27  ASP A OD2 
23  N  N   . LYS A 4  ? 0.1944 0.1961 0.1782 -0.0004 0.0114  0.0169  28  LYS A N   
24  C  CA  . LYS A 4  ? 0.1873 0.1763 0.1620 -0.0062 0.0041  0.0093  28  LYS A CA  
25  C  C   . LYS A 4  ? 0.1642 0.1869 0.1354 -0.0084 -0.0109 -0.0057 28  LYS A C   
26  O  O   . LYS A 4  ? 0.1596 0.1904 0.1773 -0.0066 -0.0098 0.0062  28  LYS A O   
27  C  CB  . LYS A 4  ? 0.2037 0.2093 0.2005 0.0261  0.0044  0.0021  28  LYS A CB  
28  C  CG  . LYS A 4  ? 0.2773 0.3068 0.2434 -0.0030 0.0398  0.0146  28  LYS A CG  
29  C  CD  . LYS A 4  ? 0.3398 0.4038 0.4027 0.0044  0.0167  0.0158  28  LYS A CD  
30  C  CE  . LYS A 4  ? 0.4851 0.4599 0.4394 -0.0053 0.0190  -0.0091 28  LYS A CE  
31  N  NZ  . LYS A 4  ? 0.5248 0.5555 0.5706 0.0012  0.0097  0.0048  28  LYS A NZ  
32  N  N   . TYR A 5  ? 0.1528 0.1557 0.1519 -0.0039 0.0018  0.0006  29  TYR A N   
33  C  CA  . TYR A 5  ? 0.1502 0.1369 0.1252 0.0046  -0.0123 0.0122  29  TYR A CA  
34  C  C   . TYR A 5  ? 0.1598 0.1180 0.1361 0.0010  -0.0227 0.0097  29  TYR A C   
35  O  O   . TYR A 5  ? 0.1464 0.1381 0.1426 -0.0080 -0.0088 0.0037  29  TYR A O   
36  C  CB  . TYR A 5  ? 0.1444 0.1420 0.1494 -0.0170 -0.0271 -0.0110 29  TYR A CB  
37  C  CG  . TYR A 5  ? 0.1569 0.1557 0.1481 0.0029  -0.0263 0.0019  29  TYR A CG  
38  C  CD1 . TYR A 5  ? 0.1444 0.1455 0.1573 -0.0061 0.0081  0.0103  29  TYR A CD1 
39  C  CD2 . TYR A 5  ? 0.1495 0.1406 0.1420 -0.0004 -0.0274 -0.0042 29  TYR A CD2 
40  C  CE1 . TYR A 5  ? 0.1342 0.1605 0.1261 0.0169  -0.0183 0.0014  29  TYR A CE1 
41  C  CE2 . TYR A 5  ? 0.1470 0.1418 0.1745 0.0204  -0.0242 -0.0086 29  TYR A CE2 
42  C  CZ  . TYR A 5  ? 0.1126 0.1482 0.1434 -0.0042 -0.0033 -0.0131 29  TYR A CZ  
43  O  OH  . TYR A 5  ? 0.1538 0.1593 0.1667 -0.0009 0.0110  -0.0190 29  TYR A OH  
44  N  N   . ILE A 6  ? 0.1365 0.1390 0.1134 -0.0002 -0.0180 0.0059  30  ILE A N   
45  C  CA  . ILE A 6  ? 0.1267 0.1307 0.1324 -0.0007 -0.0126 -0.0077 30  ILE A CA  
46  C  C   . ILE A 6  ? 0.1355 0.1380 0.1280 -0.0011 0.0014  0.0020  30  ILE A C   
47  O  O   . ILE A 6  ? 0.1287 0.1293 0.1489 -0.0119 -0.0123 -0.0165 30  ILE A O   
48  C  CB  . ILE A 6  ? 0.1481 0.1170 0.1814 -0.0057 -0.0180 0.0110  30  ILE A CB  
49  C  CG1 . ILE A 6  ? 0.1250 0.1435 0.1793 -0.0192 -0.0277 0.0065  30  ILE A CG1 
50  C  CG2 . ILE A 6  ? 0.1221 0.1795 0.1789 -0.0098 -0.0153 0.0124  30  ILE A CG2 
51  C  CD1 . ILE A 6  ? 0.2197 0.1391 0.2025 0.0050  -0.0137 0.0404  30  ILE A CD1 
52  N  N   . ASP A 7  ? 0.1396 0.1204 0.1419 -0.0092 0.0156  -0.0033 31  ASP A N   
53  C  CA  . ASP A 7  ? 0.1823 0.1389 0.1580 -0.0100 0.0024  -0.0161 31  ASP A CA  
54  C  C   . ASP A 7  ? 0.1745 0.1242 0.1518 -0.0148 -0.0156 -0.0190 31  ASP A C   
55  O  O   . ASP A 7  ? 0.1715 0.1366 0.1591 -0.0125 -0.0166 -0.0142 31  ASP A O   
56  C  CB  . ASP A 7  ? 0.1935 0.1481 0.1497 -0.0246 0.0041  -0.0214 31  ASP A CB  
57  C  CG  . ASP A 7  ? 0.2265 0.1749 0.2163 -0.0258 -0.0119 -0.0075 31  ASP A CG  
58  O  OD1 . ASP A 7  ? 0.2633 0.2632 0.1798 0.0220  -0.0130 -0.0091 31  ASP A OD1 
59  O  OD2 . ASP A 7  ? 0.2648 0.2390 0.2372 -0.0026 0.0000  -0.0195 31  ASP A OD2 
60  N  N   . THR A 8  ? 0.1856 0.1042 0.1418 -0.0197 -0.0098 -0.0050 32  THR A N   
61  C  CA  . THR A 8  ? 0.1636 0.1354 0.1522 -0.0057 -0.0147 -0.0008 32  THR A CA  
62  C  C   . THR A 8  ? 0.1741 0.1316 0.1274 -0.0083 -0.0155 -0.0042 32  THR A C   
63  O  O   . THR A 8  ? 0.1499 0.1458 0.1500 -0.0137 -0.0091 0.0063  32  THR A O   
64  C  CB  . THR A 8  ? 0.1808 0.1818 0.1519 -0.0077 -0.0227 0.0027  32  THR A CB  
65  O  OG1 . THR A 8  ? 0.1704 0.2446 0.2309 -0.0040 0.0007  -0.0181 32  THR A OG1 
66  C  CG2 . THR A 8  ? 0.2151 0.2088 0.1963 0.0061  -0.0211 0.0461  32  THR A CG2 
67  N  N   . ILE A 9  ? 0.1523 0.1242 0.1440 -0.0064 0.0030  0.0076  33  ILE A N   
68  C  CA  . ILE A 9  ? 0.1381 0.1406 0.1441 0.0035  -0.0110 0.0080  33  ILE A CA  
69  C  C   . ILE A 9  ? 0.1569 0.1134 0.1405 -0.0094 0.0029  -0.0046 33  ILE A C   
70  O  O   . ILE A 9  ? 0.1704 0.1294 0.1345 -0.0128 0.0103  -0.0064 33  ILE A O   
71  C  CB  . ILE A 9  ? 0.1627 0.1520 0.1223 0.0124  -0.0071 -0.0044 33  ILE A CB  
72  C  CG1 . ILE A 9  ? 0.1342 0.1345 0.1485 -0.0179 -0.0022 -0.0023 33  ILE A CG1 
73  C  CG2 . ILE A 9  ? 0.1356 0.1765 0.1495 -0.0274 -0.0209 -0.0060 33  ILE A CG2 
74  C  CD1 . ILE A 9  ? 0.1696 0.1405 0.1874 -0.0238 -0.0124 -0.0233 33  ILE A CD1 
75  N  N   . THR A 10 ? 0.1178 0.1449 0.1578 -0.0124 -0.0230 0.0077  34  THR A N   
76  C  CA  . THR A 10 ? 0.1164 0.1350 0.1386 -0.0030 -0.0191 -0.0071 34  THR A CA  
77  C  C   . THR A 10 ? 0.1276 0.1188 0.1508 0.0078  -0.0072 0.0025  34  THR A C   
78  O  O   . THR A 10 ? 0.1810 0.1470 0.1596 0.0300  -0.0195 -0.0121 34  THR A O   
79  C  CB  . THR A 10 ? 0.1728 0.1585 0.1259 0.0020  -0.0299 0.0135  34  THR A CB  
80  O  OG1 . THR A 10 ? 0.2003 0.1663 0.1557 -0.0144 -0.0182 0.0216  34  THR A OG1 
81  C  CG2 . THR A 10 ? 0.1624 0.2077 0.1663 -0.0139 -0.0376 0.0152  34  THR A CG2 
82  N  N   . GLY A 11 ? 0.1306 0.1085 0.1708 0.0113  -0.0089 -0.0144 35  GLY A N   
83  C  CA  . GLY A 11 ? 0.1433 0.1250 0.1499 -0.0123 -0.0111 -0.0146 35  GLY A CA  
84  C  C   . GLY A 11 ? 0.1421 0.1305 0.1670 -0.0194 -0.0161 0.0010  35  GLY A C   
85  O  O   . GLY A 11 ? 0.1576 0.1346 0.1792 -0.0416 -0.0023 -0.0062 35  GLY A O   
86  N  N   . PHE A 12 ? 0.1669 0.1385 0.1496 -0.0276 -0.0099 -0.0026 36  PHE A N   
87  C  CA  . PHE A 12 ? 0.1261 0.1520 0.1266 -0.0112 0.0090  -0.0127 36  PHE A CA  
88  C  C   . PHE A 12 ? 0.1516 0.1260 0.1569 0.0055  -0.0095 -0.0175 36  PHE A C   
89  O  O   . PHE A 12 ? 0.2268 0.1469 0.1966 -0.0373 0.0294  -0.0165 36  PHE A O   
90  C  CB  . PHE A 12 ? 0.1466 0.1330 0.1609 0.0008  0.0002  -0.0193 36  PHE A CB  
91  C  CG  . PHE A 12 ? 0.1597 0.1379 0.2077 0.0158  -0.0367 -0.0142 36  PHE A CG  
92  C  CD1 . PHE A 12 ? 0.1582 0.1499 0.2172 -0.0115 -0.0073 0.0023  36  PHE A CD1 
93  C  CD2 . PHE A 12 ? 0.2091 0.1632 0.1877 -0.0004 -0.0457 -0.0096 36  PHE A CD2 
94  C  CE1 . PHE A 12 ? 0.2454 0.1990 0.2174 -0.0114 -0.0254 0.0166  36  PHE A CE1 
95  C  CE2 . PHE A 12 ? 0.2142 0.1880 0.1864 0.0040  -0.0550 -0.0075 36  PHE A CE2 
96  C  CZ  . PHE A 12 ? 0.2498 0.2115 0.2186 0.0195  -0.0693 0.0135  36  PHE A CZ  
97  N  N   . SER A 13 ? 0.1607 0.1136 0.1472 -0.0149 -0.0069 -0.0136 37  SER A N   
98  C  CA  . SER A 13 ? 0.1406 0.1382 0.1482 -0.0039 0.0161  -0.0115 37  SER A CA  
99  C  C   . SER A 13 ? 0.1701 0.1636 0.1367 0.0040  -0.0175 -0.0017 37  SER A C   
100 O  O   . SER A 13 ? 0.1830 0.1882 0.1483 0.0035  -0.0013 -0.0140 37  SER A O   
101 C  CB  . SER A 13 ? 0.1759 0.1446 0.1484 0.0044  0.0015  -0.0091 37  SER A CB  
102 O  OG  . SER A 13 ? 0.1649 0.1289 0.1389 -0.0087 -0.0057 -0.0176 37  SER A OG  
103 N  N   . CYS A 14 ? 0.1771 0.1437 0.1279 0.0144  -0.0127 -0.0162 38  CYS A N   
104 C  CA  . CYS A 14 ? 0.1660 0.1360 0.1547 0.0132  -0.0070 -0.0024 38  CYS A CA  
105 C  C   . CYS A 14 ? 0.1713 0.1370 0.1622 0.0109  -0.0261 -0.0027 38  CYS A C   
106 O  O   . CYS A 14 ? 0.1912 0.1298 0.1794 0.0153  -0.0290 -0.0236 38  CYS A O   
107 C  CB  . CYS A 14 ? 0.1966 0.1526 0.1556 -0.0098 -0.0126 -0.0051 38  CYS A CB  
108 S  SG  . CYS A 14 ? 0.1846 0.1591 0.2083 0.0051  0.0130  0.0010  38  CYS A SG  
109 N  N   . GLU A 15 ? 0.1682 0.1147 0.1557 0.0188  -0.0096 -0.0119 39  GLU A N   
110 C  CA  . GLU A 15 ? 0.1515 0.1365 0.1417 0.0064  -0.0162 0.0027  39  GLU A CA  
111 C  C   . GLU A 15 ? 0.1658 0.1457 0.1746 0.0092  -0.0041 0.0036  39  GLU A C   
112 O  O   . GLU A 15 ? 0.2280 0.1678 0.1865 0.0109  -0.0031 -0.0352 39  GLU A O   
113 C  CB  . GLU A 15 ? 0.1727 0.1955 0.1761 0.0081  -0.0086 0.0026  39  GLU A CB  
114 C  CG  . GLU A 15 ? 0.2352 0.2604 0.1970 -0.0128 0.0176  0.0168  39  GLU A CG  
115 C  CD  . GLU A 15 ? 0.2948 0.2782 0.2981 -0.0176 -0.0006 -0.0017 39  GLU A CD  
116 O  OE1 . GLU A 15 ? 0.2760 0.2212 0.2966 -0.0036 0.0039  -0.0050 39  GLU A OE1 
117 O  OE2 . GLU A 15 ? 0.3236 0.2601 0.3203 -0.0411 0.0098  -0.0202 39  GLU A OE2 
118 N  N   . LYS A 16 ? 0.1753 0.1507 0.1860 -0.0152 0.0004  -0.0236 40  LYS A N   
119 C  CA  A LYS A 16 ? 0.1688 0.1571 0.1677 0.0029  -0.0139 -0.0067 40  LYS A CA  
120 C  CA  B LYS A 16 ? 0.1693 0.1573 0.1681 0.0036  -0.0150 -0.0060 40  LYS A CA  
121 C  C   . LYS A 16 ? 0.1589 0.1501 0.1482 -0.0054 -0.0060 -0.0061 40  LYS A C   
122 O  O   . LYS A 16 ? 0.1704 0.1513 0.1562 -0.0083 0.0058  -0.0243 40  LYS A O   
123 C  CB  A LYS A 16 ? 0.1830 0.1629 0.1795 0.0041  -0.0245 -0.0022 40  LYS A CB  
124 C  CB  B LYS A 16 ? 0.1761 0.1700 0.1800 0.0032  -0.0230 0.0045  40  LYS A CB  
125 C  CG  A LYS A 16 ? 0.1938 0.1848 0.1973 0.0028  0.0087  -0.0108 40  LYS A CG  
126 C  CG  B LYS A 16 ? 0.1944 0.1643 0.1891 0.0141  -0.0132 -0.0067 40  LYS A CG  
127 C  CD  A LYS A 16 ? 0.2483 0.2578 0.2368 -0.0090 -0.0243 -0.0152 40  LYS A CD  
128 C  CD  B LYS A 16 ? 0.1880 0.1978 0.1921 0.0034  -0.0234 0.0069  40  LYS A CD  
129 C  CE  A LYS A 16 ? 0.3399 0.3328 0.3150 -0.0058 0.0068  0.0052  40  LYS A CE  
130 C  CE  B LYS A 16 ? 0.2513 0.1999 0.1811 0.0194  -0.0256 0.0016  40  LYS A CE  
131 N  NZ  A LYS A 16 ? 0.3816 0.3566 0.3417 0.0042  -0.0210 -0.0168 40  LYS A NZ  
132 N  NZ  B LYS A 16 ? 0.2483 0.2478 0.1902 0.0523  -0.0542 -0.0006 40  LYS A NZ  
133 N  N   . ALA A 17 ? 0.1527 0.1453 0.1150 -0.0042 -0.0087 -0.0255 41  ALA A N   
134 C  CA  . ALA A 17 ? 0.1431 0.1401 0.1327 -0.0054 0.0070  -0.0035 41  ALA A CA  
135 C  C   . ALA A 17 ? 0.1229 0.1356 0.1262 0.0002  -0.0041 -0.0013 41  ALA A C   
136 O  O   . ALA A 17 ? 0.1810 0.1612 0.1312 -0.0027 0.0045  -0.0185 41  ALA A O   
137 C  CB  . ALA A 17 ? 0.1696 0.1876 0.1194 0.0119  -0.0240 -0.0059 41  ALA A CB  
138 N  N   . ALA A 18 ? 0.1724 0.1193 0.1436 -0.0078 0.0042  0.0037  42  ALA A N   
139 C  CA  . ALA A 18 ? 0.1781 0.1380 0.1360 0.0084  -0.0001 0.0025  42  ALA A CA  
140 C  C   . ALA A 18 ? 0.1573 0.1223 0.1652 0.0038  -0.0009 0.0032  42  ALA A C   
141 O  O   . ALA A 18 ? 0.1844 0.1580 0.1754 0.0032  0.0137  -0.0299 42  ALA A O   
142 C  CB  . ALA A 18 ? 0.2001 0.1626 0.1677 0.0226  -0.0163 0.0066  42  ALA A CB  
143 N  N   . VAL A 19 ? 0.1792 0.1538 0.1668 0.0224  0.0267  -0.0077 43  VAL A N   
144 C  CA  . VAL A 19 ? 0.1834 0.1731 0.1815 -0.0006 0.0232  0.0036  43  VAL A CA  
145 C  C   . VAL A 19 ? 0.1914 0.1678 0.1960 0.0211  0.0164  -0.0056 43  VAL A C   
146 O  O   . VAL A 19 ? 0.2868 0.1743 0.2071 0.0482  0.0230  0.0057  43  VAL A O   
147 C  CB  . VAL A 19 ? 0.1892 0.2031 0.2042 -0.0021 0.0171  -0.0128 43  VAL A CB  
148 C  CG1 . VAL A 19 ? 0.2016 0.2303 0.2909 -0.0157 -0.0265 -0.0034 43  VAL A CG1 
149 C  CG2 . VAL A 19 ? 0.2442 0.2198 0.2650 0.0168  -0.0013 0.0110  43  VAL A CG2 
150 N  N   . THR A 20 ? 0.2199 0.1717 0.1675 0.0133  -0.0041 0.0043  44  THR A N   
151 C  CA  . THR A 20 ? 0.2056 0.1795 0.1727 0.0064  0.0070  0.0120  44  THR A CA  
152 C  C   . THR A 20 ? 0.1771 0.1798 0.1884 0.0091  0.0116  0.0068  44  THR A C   
153 O  O   . THR A 20 ? 0.2180 0.1736 0.2275 -0.0066 0.0006  0.0235  44  THR A O   
154 C  CB  . THR A 20 ? 0.2186 0.1807 0.1885 0.0142  -0.0074 0.0012  44  THR A CB  
155 O  OG1 . THR A 20 ? 0.2575 0.2002 0.1662 0.0240  0.0062  0.0087  44  THR A OG1 
156 C  CG2 . THR A 20 ? 0.1938 0.2038 0.1853 -0.0007 0.0138  -0.0019 44  THR A CG2 
157 N  N   . ASP A 21 ? 0.2030 0.2062 0.1997 -0.0042 0.0270  0.0100  45  ASP A N   
158 C  CA  . ASP A 21 ? 0.1932 0.2131 0.2062 -0.0099 0.0341  0.0080  45  ASP A CA  
159 C  C   . ASP A 21 ? 0.2126 0.2199 0.2135 -0.0056 0.0316  0.0156  45  ASP A C   
160 O  O   . ASP A 21 ? 0.2170 0.2058 0.2565 -0.0147 0.0443  0.0089  45  ASP A O   
161 C  CB  . ASP A 21 ? 0.2765 0.2527 0.2313 0.0035  0.0209  0.0243  45  ASP A CB  
162 C  CG  . ASP A 21 ? 0.3441 0.3279 0.3117 0.0003  0.0107  -0.0125 45  ASP A CG  
163 O  OD1 . ASP A 21 ? 0.3539 0.3553 0.3105 0.0056  0.0509  -0.0298 45  ASP A OD1 
164 O  OD2 . ASP A 21 ? 0.4464 0.4055 0.3590 0.0018  0.0081  0.0253  45  ASP A OD2 
165 N  N   . ASN A 22 ? 0.2029 0.2028 0.1984 0.0117  0.0317  0.0197  46  ASN A N   
166 C  CA  . ASN A 22 ? 0.2054 0.1964 0.2229 0.0078  0.0176  0.0151  46  ASN A CA  
167 C  C   . ASN A 22 ? 0.2070 0.1943 0.2230 -0.0015 0.0053  0.0082  46  ASN A C   
168 O  O   . ASN A 22 ? 0.2390 0.2123 0.2450 0.0009  -0.0197 0.0067  46  ASN A O   
169 C  CB  . ASN A 22 ? 0.2055 0.1964 0.2469 0.0100  0.0164  0.0179  46  ASN A CB  
170 C  CG  . ASN A 22 ? 0.2152 0.1974 0.1978 0.0023  0.0203  -0.0040 46  ASN A CG  
171 O  OD1 . ASN A 22 ? 0.2302 0.1651 0.2242 0.0008  0.0022  0.0032  46  ASN A OD1 
172 N  ND2 . ASN A 22 ? 0.2105 0.2022 0.2206 0.0118  0.0046  -0.0079 46  ASN A ND2 
173 N  N   . GLY A 23 ? 0.1840 0.2037 0.2232 -0.0056 0.0039  0.0067  47  GLY A N   
174 C  CA  . GLY A 23 ? 0.1768 0.2174 0.2345 -0.0031 0.0216  0.0201  47  GLY A CA  
175 C  C   . GLY A 23 ? 0.1618 0.1746 0.1936 -0.0006 -0.0033 0.0216  47  GLY A C   
176 O  O   . GLY A 23 ? 0.1823 0.2218 0.2364 -0.0041 -0.0376 0.0316  47  GLY A O   
177 N  N   . PHE A 24 ? 0.1480 0.1581 0.1601 -0.0023 0.0186  0.0101  48  PHE A N   
178 C  CA  . PHE A 24 ? 0.1465 0.1393 0.1459 0.0003  0.0089  0.0191  48  PHE A CA  
179 C  C   . PHE A 24 ? 0.1488 0.1485 0.1693 0.0029  0.0206  0.0000  48  PHE A C   
180 O  O   . PHE A 24 ? 0.2559 0.1416 0.1880 0.0306  -0.0125 0.0036  48  PHE A O   
181 C  CB  . PHE A 24 ? 0.1560 0.1637 0.1527 0.0008  0.0189  0.0265  48  PHE A CB  
182 C  CG  . PHE A 24 ? 0.1225 0.1583 0.1556 0.0114  -0.0093 0.0044  48  PHE A CG  
183 C  CD1 . PHE A 24 ? 0.1685 0.1709 0.1775 0.0152  -0.0020 0.0296  48  PHE A CD1 
184 C  CD2 . PHE A 24 ? 0.1805 0.1487 0.1579 0.0035  -0.0009 0.0171  48  PHE A CD2 
185 C  CE1 . PHE A 24 ? 0.2099 0.1601 0.2059 0.0250  -0.0163 0.0111  48  PHE A CE1 
186 C  CE2 . PHE A 24 ? 0.1976 0.1815 0.2167 0.0029  0.0100  -0.0071 48  PHE A CE2 
187 C  CZ  . PHE A 24 ? 0.1592 0.1790 0.2287 -0.0085 -0.0310 -0.0073 48  PHE A CZ  
188 N  N   . LEU A 25 ? 0.1546 0.1455 0.1529 -0.0056 0.0102  0.0081  49  LEU A N   
189 C  CA  . LEU A 25 ? 0.1420 0.1410 0.1262 0.0075  0.0064  -0.0110 49  LEU A CA  
190 C  C   . LEU A 25 ? 0.1462 0.1469 0.1437 0.0089  -0.0033 0.0078  49  LEU A C   
191 O  O   . LEU A 25 ? 0.1320 0.1706 0.1354 0.0008  0.0021  0.0014  49  LEU A O   
192 C  CB  . LEU A 25 ? 0.1316 0.1585 0.1769 0.0073  0.0155  0.0157  49  LEU A CB  
193 C  CG  . LEU A 25 ? 0.1369 0.1658 0.2139 0.0110  0.0099  0.0185  49  LEU A CG  
194 C  CD1 . LEU A 25 ? 0.1808 0.1892 0.2267 0.0018  -0.0047 -0.0069 49  LEU A CD1 
195 C  CD2 . LEU A 25 ? 0.1526 0.1626 0.2246 0.0230  -0.0133 0.0113  49  LEU A CD2 
196 N  N   . VAL A 26 ? 0.1446 0.1503 0.1162 0.0134  0.0067  -0.0044 50  VAL A N   
197 C  CA  . VAL A 26 ? 0.1510 0.1234 0.1174 0.0093  0.0032  -0.0115 50  VAL A CA  
198 C  C   . VAL A 26 ? 0.1254 0.1279 0.1402 0.0072  -0.0013 -0.0064 50  VAL A C   
199 O  O   . VAL A 26 ? 0.1832 0.1405 0.1614 0.0014  0.0124  -0.0319 50  VAL A O   
200 C  CB  . VAL A 26 ? 0.1406 0.1452 0.1159 -0.0013 -0.0212 -0.0114 50  VAL A CB  
201 C  CG1 . VAL A 26 ? 0.1123 0.1771 0.1932 0.0059  -0.0101 0.0292  50  VAL A CG1 
202 C  CG2 . VAL A 26 ? 0.1694 0.1224 0.1785 0.0074  0.0168  0.0185  50  VAL A CG2 
203 N  N   . ILE A 27 ? 0.1603 0.1146 0.1435 0.0048  0.0033  -0.0150 51  ILE A N   
204 C  CA  . ILE A 27 ? 0.1482 0.1319 0.1401 0.0123  -0.0194 -0.0061 51  ILE A CA  
205 C  C   . ILE A 27 ? 0.1432 0.1288 0.1330 -0.0022 -0.0002 0.0096  51  ILE A C   
206 O  O   . ILE A 27 ? 0.1404 0.1360 0.1599 0.0099  -0.0156 -0.0156 51  ILE A O   
207 C  CB  . ILE A 27 ? 0.1703 0.1144 0.1532 0.0202  -0.0112 0.0063  51  ILE A CB  
208 C  CG1 . ILE A 27 ? 0.1572 0.1830 0.2110 -0.0204 -0.0350 0.0135  51  ILE A CG1 
209 C  CG2 . ILE A 27 ? 0.2024 0.1124 0.1753 -0.0026 -0.0266 0.0214  51  ILE A CG2 
210 C  CD1 . ILE A 27 ? 0.2072 0.2023 0.1838 -0.0146 -0.0343 0.0123  51  ILE A CD1 
211 N  N   . ALA A 28 ? 0.1433 0.1458 0.1325 0.0113  -0.0051 0.0038  52  ALA A N   
212 C  CA  . ALA A 28 ? 0.1346 0.1247 0.1261 0.0123  -0.0181 -0.0035 52  ALA A CA  
213 C  C   . ALA A 28 ? 0.1615 0.1228 0.1557 0.0104  -0.0181 -0.0074 52  ALA A C   
214 O  O   . ALA A 28 ? 0.1583 0.1215 0.1939 0.0284  -0.0114 -0.0155 52  ALA A O   
215 C  CB  . ALA A 28 ? 0.1537 0.1692 0.1204 0.0058  -0.0318 -0.0094 52  ALA A CB  
216 N  N   . ILE A 29 ? 0.1677 0.1404 0.1522 0.0060  -0.0144 0.0065  53  ILE A N   
217 C  CA  . ILE A 29 ? 0.1547 0.1505 0.1577 0.0047  -0.0068 -0.0022 53  ILE A CA  
218 C  C   . ILE A 29 ? 0.1614 0.1513 0.1781 -0.0044 -0.0046 0.0064  53  ILE A C   
219 O  O   . ILE A 29 ? 0.1341 0.1509 0.1827 -0.0130 -0.0013 0.0005  53  ILE A O   
220 C  CB  . ILE A 29 ? 0.1616 0.1537 0.1546 0.0013  -0.0029 0.0020  53  ILE A CB  
221 C  CG1 . ILE A 29 ? 0.1730 0.1189 0.1612 -0.0006 -0.0092 -0.0016 53  ILE A CG1 
222 C  CG2 . ILE A 29 ? 0.1413 0.2132 0.1453 0.0022  -0.0205 0.0086  53  ILE A CG2 
223 C  CD1 . ILE A 29 ? 0.2209 0.1779 0.1601 -0.0146 -0.0160 0.0105  53  ILE A CD1 
224 N  N   . ASP A 30 ? 0.2105 0.1622 0.1901 -0.0093 -0.0142 -0.0027 54  ASP A N   
225 C  CA  . ASP A 30 ? 0.2320 0.1772 0.2281 -0.0202 0.0111  -0.0029 54  ASP A CA  
226 C  C   . ASP A 30 ? 0.2326 0.2016 0.2307 -0.0047 0.0209  0.0012  54  ASP A C   
227 O  O   . ASP A 30 ? 0.3068 0.1949 0.2441 0.0049  0.0215  0.0161  54  ASP A O   
228 C  CB  . ASP A 30 ? 0.2778 0.1779 0.2932 -0.0086 0.0096  -0.0154 54  ASP A CB  
229 C  CG  . ASP A 30 ? 0.3257 0.3192 0.3767 -0.0158 -0.0206 -0.0043 54  ASP A CG  
230 O  OD1 . ASP A 30 ? 0.2670 0.2770 0.3803 -0.0550 -0.0043 -0.0018 54  ASP A OD1 
231 O  OD2 . ASP A 30 ? 0.4409 0.3245 0.4728 -0.0456 -0.0097 -0.0110 54  ASP A OD2 
232 N  N   . ALA A 31 ? 0.1747 0.1781 0.2235 -0.0267 0.0250  0.0062  55  ALA A N   
233 C  CA  . ALA A 31 ? 0.1852 0.1932 0.2301 -0.0104 0.0109  0.0024  55  ALA A CA  
234 C  C   . ALA A 31 ? 0.1884 0.1920 0.2222 -0.0110 0.0068  -0.0106 55  ALA A C   
235 O  O   . ALA A 31 ? 0.2244 0.2833 0.2536 -0.0020 0.0002  -0.0122 55  ALA A O   
236 C  CB  . ALA A 31 ? 0.1699 0.1748 0.2450 -0.0240 0.0272  0.0084  55  ALA A CB  
237 N  N   . ASP A 32 ? 0.2177 0.2296 0.2375 -0.0268 0.0118  -0.0137 56  ASP A N   
238 C  CA  . ASP A 32 ? 0.2384 0.2842 0.2927 -0.0097 0.0145  -0.0067 56  ASP A CA  
239 C  C   . ASP A 32 ? 0.2557 0.2897 0.3150 -0.0051 0.0109  -0.0124 56  ASP A C   
240 O  O   . ASP A 32 ? 0.2434 0.3291 0.3615 -0.0099 0.0205  -0.0186 56  ASP A O   
241 C  CB  . ASP A 32 ? 0.3049 0.3266 0.2980 -0.0056 0.0186  0.0066  56  ASP A CB  
242 C  CG  . ASP A 32 ? 0.4410 0.3963 0.4759 0.0027  0.0150  -0.0060 56  ASP A CG  
243 O  OD1 . ASP A 32 ? 0.5846 0.5067 0.5144 -0.0090 -0.0191 -0.0110 56  ASP A OD1 
244 O  OD2 . ASP A 32 ? 0.5770 0.5897 0.5308 0.0081  -0.0187 0.0374  56  ASP A OD2 
245 N  N   . SER A 33 ? 0.2466 0.2661 0.2881 -0.0010 0.0289  0.0074  57  SER A N   
246 C  CA  . SER A 33 ? 0.2664 0.2777 0.2739 -0.0096 0.0136  -0.0048 57  SER A CA  
247 C  C   . SER A 33 ? 0.2131 0.2370 0.2515 0.0036  0.0069  -0.0058 57  SER A C   
248 O  O   . SER A 33 ? 0.2095 0.2313 0.2418 0.0100  0.0311  0.0005  57  SER A O   
249 C  CB  . SER A 33 ? 0.2779 0.2920 0.2708 -0.0187 0.0064  -0.0074 57  SER A CB  
250 O  OG  . SER A 33 ? 0.4274 0.3646 0.3769 -0.0260 0.0149  0.0196  57  SER A OG  
251 N  N   . ASP A 34 ? 0.1775 0.2410 0.2725 -0.0033 0.0127  -0.0001 58  ASP A N   
252 C  CA  . ASP A 34 ? 0.2393 0.2474 0.2520 0.0051  -0.0064 0.0048  58  ASP A CA  
253 C  C   . ASP A 34 ? 0.2095 0.2140 0.2121 0.0116  0.0062  -0.0024 58  ASP A C   
254 O  O   . ASP A 34 ? 0.2199 0.2234 0.2371 0.0306  -0.0118 0.0071  58  ASP A O   
255 C  CB  . ASP A 34 ? 0.2775 0.3076 0.2959 -0.0030 -0.0350 0.0044  58  ASP A CB  
256 C  CG  . ASP A 34 ? 0.3638 0.3826 0.3876 0.0105  0.0200  -0.0063 58  ASP A CG  
257 O  OD1 . ASP A 34 ? 0.3539 0.4170 0.4190 0.0451  0.0069  -0.0291 58  ASP A OD1 
258 O  OD2 . ASP A 34 ? 0.4541 0.4702 0.5240 0.0356  -0.0130 0.0241  58  ASP A OD2 
259 N  N   . SER A 35 ? 0.2211 0.1950 0.2126 0.0065  0.0064  -0.0067 59  SER A N   
260 C  CA  . SER A 35 ? 0.1812 0.2113 0.2002 0.0026  0.0125  -0.0037 59  SER A CA  
261 C  C   . SER A 35 ? 0.2025 0.1948 0.1827 -0.0057 0.0156  -0.0006 59  SER A C   
262 O  O   . SER A 35 ? 0.1917 0.1947 0.2215 0.0001  0.0344  0.0032  59  SER A O   
263 C  CB  . SER A 35 ? 0.2261 0.2107 0.2418 0.0112  -0.0063 0.0034  59  SER A CB  
264 O  OG  . SER A 35 ? 0.2276 0.2979 0.2808 0.0293  0.0118  -0.0097 59  SER A OG  
265 N  N   . GLY A 36 ? 0.1926 0.1783 0.1546 0.0211  0.0321  -0.0065 60  GLY A N   
266 C  CA  . GLY A 36 ? 0.1949 0.1944 0.1718 0.0122  0.0147  0.0111  60  GLY A CA  
267 C  C   . GLY A 36 ? 0.1797 0.1891 0.1790 0.0154  0.0048  0.0128  60  GLY A C   
268 O  O   . GLY A 36 ? 0.1994 0.1993 0.1770 0.0178  0.0140  0.0238  60  GLY A O   
269 N  N   . TYR A 37 ? 0.1698 0.1460 0.1424 0.0095  0.0053  0.0229  61  TYR A N   
270 C  CA  . TYR A 37 ? 0.1562 0.1528 0.1293 -0.0017 -0.0082 0.0101  61  TYR A CA  
271 C  C   . TYR A 37 ? 0.1517 0.1279 0.1281 -0.0068 0.0009  0.0033  61  TYR A C   
272 O  O   . TYR A 37 ? 0.1639 0.1500 0.1265 0.0194  -0.0004 0.0047  61  TYR A O   
273 C  CB  . TYR A 37 ? 0.1598 0.1574 0.1473 0.0158  0.0058  -0.0055 61  TYR A CB  
274 C  CG  . TYR A 37 ? 0.1872 0.1517 0.0913 -0.0054 0.0015  0.0007  61  TYR A CG  
275 C  CD1 . TYR A 37 ? 0.1978 0.1926 0.1833 0.0001  0.0004  0.0115  61  TYR A CD1 
276 C  CD2 . TYR A 37 ? 0.1698 0.1575 0.1566 -0.0026 0.0121  -0.0107 61  TYR A CD2 
277 C  CE1 . TYR A 37 ? 0.2133 0.2151 0.2108 0.0111  -0.0246 0.0144  61  TYR A CE1 
278 C  CE2 . TYR A 37 ? 0.2075 0.1790 0.1401 -0.0109 0.0056  0.0028  61  TYR A CE2 
279 C  CZ  . TYR A 37 ? 0.2014 0.1954 0.1632 -0.0106 0.0090  0.0044  61  TYR A CZ  
280 O  OH  . TYR A 37 ? 0.2453 0.2619 0.2471 -0.0427 0.0028  0.0085  61  TYR A OH  
281 N  N   . ASP A 38 ? 0.1589 0.1388 0.1291 0.0106  -0.0126 -0.0020 62  ASP A N   
282 C  CA  . ASP A 38 ? 0.1533 0.1485 0.1194 0.0069  -0.0023 0.0058  62  ASP A CA  
283 C  C   . ASP A 38 ? 0.1572 0.1464 0.1165 0.0000  0.0047  0.0055  62  ASP A C   
284 O  O   . ASP A 38 ? 0.1698 0.1546 0.1234 0.0015  0.0006  0.0029  62  ASP A O   
285 C  CB  . ASP A 38 ? 0.1583 0.1491 0.1229 0.0126  0.0035  -0.0050 62  ASP A CB  
286 C  CG  . ASP A 38 ? 0.2086 0.1818 0.1802 0.0097  -0.0051 0.0028  62  ASP A CG  
287 O  OD1 . ASP A 38 ? 0.1996 0.1688 0.1591 0.0124  0.0089  -0.0057 62  ASP A OD1 
288 O  OD2 . ASP A 38 ? 0.2851 0.2055 0.1782 0.0358  -0.0160 -0.0302 62  ASP A OD2 
289 N  N   . MSE A 39 ? 0.1683 0.1515 0.0941 0.0087  0.0042  0.0096  63  MSE A N   
290 C  CA  . MSE A 39 ? 0.1726 0.1365 0.1365 0.0114  -0.0012 0.0055  63  MSE A CA  
291 C  C   . MSE A 39 ? 0.1730 0.1490 0.1053 -0.0006 0.0028  0.0185  63  MSE A C   
292 O  O   . MSE A 39 ? 0.1849 0.1484 0.1166 0.0229  -0.0106 0.0027  63  MSE A O   
293 C  CB  . MSE A 39 ? 0.1901 0.1547 0.1267 0.0139  0.0118  0.0019  63  MSE A CB  
294 C  CG  . MSE A 39 ? 0.2016 0.1694 0.1241 0.0183  0.0077  0.0148  63  MSE A CG  
295 SE SE  . MSE A 39 ? 0.3511 0.2823 0.1838 -0.0144 0.0167  -0.0032 63  MSE A SE  
296 C  CE  . MSE A 39 ? 0.2575 0.2939 0.1405 0.0356  0.0308  0.0162  63  MSE A CE  
297 N  N   . LEU A 40 ? 0.1351 0.1502 0.1210 -0.0101 0.0064  -0.0097 64  LEU A N   
298 C  CA  . LEU A 40 ? 0.1392 0.1317 0.1378 0.0129  0.0026  0.0009  64  LEU A CA  
299 C  C   . LEU A 40 ? 0.1557 0.1415 0.1299 0.0048  -0.0103 0.0002  64  LEU A C   
300 O  O   . LEU A 40 ? 0.1382 0.1333 0.1230 -0.0032 0.0077  0.0220  64  LEU A O   
301 C  CB  . LEU A 40 ? 0.1340 0.1399 0.1312 0.0069  0.0082  0.0064  64  LEU A CB  
302 C  CG  . LEU A 40 ? 0.1370 0.1487 0.1487 -0.0065 0.0021  -0.0051 64  LEU A CG  
303 C  CD1 . LEU A 40 ? 0.1795 0.1262 0.1492 0.0173  0.0008  -0.0142 64  LEU A CD1 
304 C  CD2 . LEU A 40 ? 0.1582 0.1634 0.1668 -0.0050 -0.0257 0.0050  64  LEU A CD2 
305 N  N   . ALA A 41 ? 0.1490 0.1307 0.1236 0.0026  0.0057  -0.0082 65  ALA A N   
306 C  CA  . ALA A 41 ? 0.1251 0.1232 0.1135 -0.0104 -0.0006 -0.0003 65  ALA A CA  
307 C  C   . ALA A 41 ? 0.1481 0.1406 0.1141 -0.0105 -0.0173 -0.0067 65  ALA A C   
308 O  O   . ALA A 41 ? 0.1663 0.1434 0.1411 0.0015  -0.0081 0.0027  65  ALA A O   
309 C  CB  . ALA A 41 ? 0.1507 0.1139 0.1340 0.0083  0.0007  0.0043  65  ALA A CB  
310 N  N   . SER A 42 ? 0.1301 0.1665 0.1105 -0.0075 -0.0015 0.0033  66  SER A N   
311 C  CA  A SER A 42 ? 0.1311 0.1362 0.1212 -0.0078 -0.0124 0.0038  66  SER A CA  
312 C  CA  B SER A 42 ? 0.1444 0.1522 0.1397 -0.0062 -0.0108 0.0052  66  SER A CA  
313 C  C   . SER A 42 ? 0.1277 0.1420 0.1381 -0.0073 0.0014  0.0067  66  SER A C   
314 O  O   . SER A 42 ? 0.1293 0.1577 0.1373 0.0010  0.0037  0.0096  66  SER A O   
315 C  CB  A SER A 42 ? 0.1510 0.1264 0.1343 -0.0017 -0.0212 -0.0065 66  SER A CB  
316 C  CB  B SER A 42 ? 0.1837 0.1804 0.1587 -0.0076 -0.0115 -0.0060 66  SER A CB  
317 O  OG  A SER A 42 ? 0.1262 0.1649 0.1285 -0.0140 -0.0318 -0.0146 66  SER A OG  
318 O  OG  B SER A 42 ? 0.2409 0.2245 0.2454 0.0001  0.0158  0.0039  66  SER A OG  
319 N  N   . GLN A 43 ? 0.1348 0.1399 0.1147 0.0008  0.0059  -0.0076 67  GLN A N   
320 C  CA  . GLN A 43 ? 0.1316 0.1537 0.1406 0.0150  0.0030  0.0068  67  GLN A CA  
321 C  C   . GLN A 43 ? 0.1287 0.1404 0.1235 0.0167  -0.0033 0.0138  67  GLN A C   
322 O  O   . GLN A 43 ? 0.1178 0.1543 0.1521 0.0182  -0.0094 0.0137  67  GLN A O   
323 C  CB  . GLN A 43 ? 0.1702 0.1253 0.1493 0.0086  -0.0008 0.0111  67  GLN A CB  
324 C  CG  . GLN A 43 ? 0.2101 0.1830 0.1792 0.0000  0.0219  0.0008  67  GLN A CG  
325 C  CD  . GLN A 43 ? 0.3312 0.3038 0.2993 0.0127  -0.0361 -0.0014 67  GLN A CD  
326 O  OE1 . GLN A 43 ? 0.3115 0.3570 0.2575 -0.0393 -0.0275 0.0604  67  GLN A OE1 
327 N  NE2 . GLN A 43 ? 0.3673 0.2595 0.3500 0.0258  -0.0764 0.0227  67  GLN A NE2 
328 N  N   . PHE A 44 ? 0.1244 0.1456 0.1204 0.0064  -0.0089 0.0052  68  PHE A N   
329 C  CA  . PHE A 44 ? 0.1226 0.1096 0.1379 0.0017  -0.0107 -0.0004 68  PHE A CA  
330 C  C   . PHE A 44 ? 0.1288 0.1240 0.1182 0.0065  -0.0079 0.0052  68  PHE A C   
331 O  O   . PHE A 44 ? 0.1349 0.1343 0.1432 0.0097  -0.0005 -0.0046 68  PHE A O   
332 C  CB  . PHE A 44 ? 0.1603 0.1138 0.1270 -0.0069 -0.0176 0.0165  68  PHE A CB  
333 C  CG  . PHE A 44 ? 0.1403 0.1238 0.1300 -0.0023 0.0043  -0.0094 68  PHE A CG  
334 C  CD1 . PHE A 44 ? 0.1629 0.1549 0.1549 -0.0119 0.0029  -0.0222 68  PHE A CD1 
335 C  CD2 . PHE A 44 ? 0.1517 0.1620 0.1202 -0.0090 -0.0034 0.0104  68  PHE A CD2 
336 C  CE1 . PHE A 44 ? 0.1614 0.1585 0.1579 -0.0110 -0.0335 0.0057  68  PHE A CE1 
337 C  CE2 . PHE A 44 ? 0.1549 0.1913 0.1587 -0.0216 0.0048  -0.0049 68  PHE A CE2 
338 C  CZ  . PHE A 44 ? 0.1795 0.1799 0.1604 -0.0151 -0.0153 0.0106  68  PHE A CZ  
339 N  N   . LEU A 45 ? 0.1247 0.1003 0.1306 -0.0039 0.0143  -0.0072 69  LEU A N   
340 C  CA  . LEU A 45 ? 0.1440 0.1251 0.1383 -0.0080 -0.0040 -0.0001 69  LEU A CA  
341 C  C   . LEU A 45 ? 0.1603 0.1262 0.1542 0.0013  -0.0092 -0.0100 69  LEU A C   
342 O  O   . LEU A 45 ? 0.1557 0.1412 0.1981 -0.0103 -0.0381 -0.0286 69  LEU A O   
343 C  CB  . LEU A 45 ? 0.1666 0.1263 0.1561 -0.0104 0.0042  -0.0044 69  LEU A CB  
344 C  CG  . LEU A 45 ? 0.1424 0.1352 0.1616 -0.0085 -0.0351 0.0034  69  LEU A CG  
345 C  CD1 . LEU A 45 ? 0.1974 0.1955 0.1716 -0.0247 -0.0140 0.0166  69  LEU A CD1 
346 C  CD2 . LEU A 45 ? 0.1720 0.1223 0.2413 -0.0082 -0.0084 -0.0148 69  LEU A CD2 
347 N  N   . GLU A 46 ? 0.1196 0.1459 0.1312 0.0084  0.0060  -0.0175 70  GLU A N   
348 C  CA  . GLU A 46 ? 0.1456 0.1327 0.1619 0.0058  -0.0163 -0.0084 70  GLU A CA  
349 C  C   . GLU A 46 ? 0.1636 0.1394 0.1250 -0.0076 -0.0063 0.0061  70  GLU A C   
350 O  O   . GLU A 46 ? 0.1483 0.1657 0.1777 0.0138  -0.0281 -0.0055 70  GLU A O   
351 C  CB  . GLU A 46 ? 0.1858 0.1591 0.1933 0.0200  -0.0071 -0.0091 70  GLU A CB  
352 C  CG  . GLU A 46 ? 0.2921 0.2918 0.2941 0.0294  -0.0448 -0.0013 70  GLU A CG  
353 C  CD  . GLU A 46 ? 0.4416 0.4504 0.3822 0.0134  0.0111  0.0200  70  GLU A CD  
354 O  OE1 . GLU A 46 ? 0.4932 0.5067 0.4235 0.0235  0.0155  -0.0167 70  GLU A OE1 
355 O  OE2 . GLU A 46 ? 0.4927 0.4815 0.4448 0.0326  -0.0194 0.0184  70  GLU A OE2 
356 N  N   . GLU A 47 ? 0.1355 0.1577 0.1303 0.0034  0.0057  -0.0041 71  GLU A N   
357 C  CA  . GLU A 47 ? 0.1469 0.1700 0.1359 0.0169  -0.0276 -0.0076 71  GLU A CA  
358 C  C   . GLU A 47 ? 0.1196 0.1491 0.1315 0.0029  -0.0186 0.0043  71  GLU A C   
359 O  O   . GLU A 47 ? 0.1149 0.1437 0.1572 0.0119  -0.0127 0.0043  71  GLU A O   
360 C  CB  . GLU A 47 ? 0.1543 0.1625 0.1163 0.0087  0.0059  0.0017  71  GLU A CB  
361 C  CG  . GLU A 47 ? 0.1487 0.1620 0.1388 0.0155  -0.0210 -0.0135 71  GLU A CG  
362 C  CD  . GLU A 47 ? 0.1804 0.1383 0.1554 -0.0254 -0.0039 -0.0092 71  GLU A CD  
363 O  OE1 . GLU A 47 ? 0.1900 0.1680 0.1728 -0.0097 -0.0094 0.0106  71  GLU A OE1 
364 O  OE2 . GLU A 47 ? 0.2881 0.2289 0.2018 -0.0543 0.0078  0.0382  71  GLU A OE2 
365 N  N   . ALA A 48 ? 0.1271 0.1333 0.1402 0.0078  0.0086  0.0081  72  ALA A N   
366 C  CA  . ALA A 48 ? 0.1228 0.1247 0.1377 0.0039  -0.0050 -0.0009 72  ALA A CA  
367 C  C   . ALA A 48 ? 0.1284 0.1450 0.1552 0.0059  -0.0052 -0.0052 72  ALA A C   
368 O  O   . ALA A 48 ? 0.1287 0.1607 0.1570 0.0038  -0.0092 0.0048  72  ALA A O   
369 C  CB  . ALA A 48 ? 0.1418 0.1530 0.1557 0.0167  -0.0318 -0.0011 72  ALA A CB  
370 N  N   A LYS A 49 ? 0.1311 0.1465 0.1541 -0.0050 -0.0099 0.0043  73  LYS A N   
371 N  N   B LYS A 49 ? 0.1360 0.1490 0.1576 -0.0049 -0.0091 0.0037  73  LYS A N   
372 C  CA  A LYS A 49 ? 0.1543 0.1647 0.1740 -0.0087 -0.0188 0.0081  73  LYS A CA  
373 C  CA  B LYS A 49 ? 0.1576 0.1742 0.1816 -0.0074 -0.0160 0.0087  73  LYS A CA  
374 C  C   A LYS A 49 ? 0.1568 0.1625 0.1736 -0.0054 -0.0112 0.0107  73  LYS A C   
375 C  C   B LYS A 49 ? 0.1610 0.1669 0.1777 -0.0064 -0.0111 0.0106  73  LYS A C   
376 O  O   A LYS A 49 ? 0.1516 0.1792 0.2066 -0.0100 -0.0087 0.0057  73  LYS A O   
377 O  O   B LYS A 49 ? 0.1573 0.1825 0.2069 -0.0100 -0.0102 0.0027  73  LYS A O   
378 C  CB  A LYS A 49 ? 0.1464 0.1733 0.1704 -0.0087 -0.0131 -0.0021 73  LYS A CB  
379 C  CB  B LYS A 49 ? 0.1548 0.1908 0.1939 -0.0169 -0.0121 -0.0017 73  LYS A CB  
380 C  CG  A LYS A 49 ? 0.2033 0.2188 0.2259 -0.0095 -0.0115 0.0109  73  LYS A CG  
381 C  CG  B LYS A 49 ? 0.2127 0.2423 0.2558 -0.0017 -0.0051 0.0110  73  LYS A CG  
382 C  CD  A LYS A 49 ? 0.2510 0.2225 0.2603 0.0033  0.0039  0.0035  73  LYS A CD  
383 C  CD  B LYS A 49 ? 0.2798 0.2952 0.3053 -0.0054 -0.0123 -0.0202 73  LYS A CD  
384 C  CE  A LYS A 49 ? 0.3362 0.3382 0.3337 0.0001  -0.0299 -0.0094 73  LYS A CE  
385 C  CE  B LYS A 49 ? 0.3417 0.3431 0.3535 0.0002  0.0014  0.0079  73  LYS A CE  
386 N  NZ  A LYS A 49 ? 0.3747 0.3601 0.3543 0.0015  -0.0049 -0.0066 73  LYS A NZ  
387 N  NZ  B LYS A 49 ? 0.3764 0.3488 0.4044 0.0048  -0.0013 -0.0104 73  LYS A NZ  
388 N  N   . LYS A 50 ? 0.1348 0.1637 0.1683 0.0018  0.0076  0.0055  74  LYS A N   
389 C  CA  A LYS A 50 ? 0.1386 0.1806 0.1794 0.0045  -0.0093 0.0064  74  LYS A CA  
390 C  CA  B LYS A 50 ? 0.1397 0.1816 0.1815 0.0042  -0.0082 0.0056  74  LYS A CA  
391 C  C   . LYS A 50 ? 0.1226 0.1826 0.1731 0.0139  -0.0074 0.0062  74  LYS A C   
392 O  O   . LYS A 50 ? 0.1191 0.1887 0.1996 0.0308  0.0054  0.0171  74  LYS A O   
393 C  CB  A LYS A 50 ? 0.1670 0.1791 0.1484 0.0078  -0.0121 0.0113  74  LYS A CB  
394 C  CB  B LYS A 50 ? 0.1718 0.1852 0.1563 0.0042  -0.0092 0.0107  74  LYS A CB  
395 C  CG  A LYS A 50 ? 0.1819 0.1780 0.1841 0.0177  -0.0127 0.0224  74  LYS A CG  
396 C  CG  B LYS A 50 ? 0.1753 0.1870 0.1817 0.0176  -0.0025 0.0119  74  LYS A CG  
397 C  CD  A LYS A 50 ? 0.1583 0.2091 0.2014 0.0171  0.0017  0.0199  74  LYS A CD  
398 C  CD  B LYS A 50 ? 0.1866 0.2052 0.2120 0.0084  -0.0212 0.0102  74  LYS A CD  
399 C  CE  A LYS A 50 ? 0.1889 0.1986 0.2163 -0.0023 -0.0118 0.0149  74  LYS A CE  
400 C  CE  B LYS A 50 ? 0.2161 0.2229 0.2190 0.0134  -0.0026 0.0105  74  LYS A CE  
401 N  NZ  A LYS A 50 ? 0.2322 0.2558 0.2396 0.0002  -0.0157 0.0013  74  LYS A NZ  
402 N  NZ  B LYS A 50 ? 0.3026 0.2322 0.3062 0.0148  -0.0071 -0.0001 74  LYS A NZ  
403 N  N   . GLU A 51 ? 0.1330 0.1677 0.1560 0.0092  -0.0056 0.0030  75  GLU A N   
404 C  CA  . GLU A 51 ? 0.1426 0.1558 0.1725 0.0118  -0.0096 0.0115  75  GLU A CA  
405 C  C   . GLU A 51 ? 0.1594 0.1672 0.1763 0.0264  -0.0088 0.0085  75  GLU A C   
406 O  O   . GLU A 51 ? 0.1727 0.1872 0.1934 0.0061  0.0162  0.0088  75  GLU A O   
407 C  CB  . GLU A 51 ? 0.1434 0.1809 0.1560 0.0196  -0.0044 0.0168  75  GLU A CB  
408 C  CG  . GLU A 51 ? 0.1508 0.1235 0.1995 -0.0217 -0.0012 0.0124  75  GLU A CG  
409 C  CD  . GLU A 51 ? 0.1653 0.1570 0.1938 0.0074  0.0108  0.0037  75  GLU A CD  
410 O  OE1 . GLU A 51 ? 0.1930 0.2044 0.2474 0.0204  -0.0028 0.0233  75  GLU A OE1 
411 O  OE2 . GLU A 51 ? 0.2158 0.2480 0.3330 -0.0097 0.0089  0.0463  75  GLU A OE2 
412 N  N   . GLY A 52 ? 0.1863 0.1613 0.1751 0.0161  -0.0057 0.0176  76  GLY A N   
413 C  CA  . GLY A 52 ? 0.1612 0.1870 0.2194 0.0237  -0.0047 0.0234  76  GLY A CA  
414 C  C   . GLY A 52 ? 0.1684 0.1921 0.1804 0.0068  0.0106  0.0261  76  GLY A C   
415 O  O   . GLY A 52 ? 0.1677 0.1950 0.1991 0.0241  0.0361  0.0308  76  GLY A O   
416 N  N   . VAL A 53 ? 0.1397 0.1584 0.1657 -0.0057 -0.0010 0.0312  77  VAL A N   
417 C  CA  . VAL A 53 ? 0.1425 0.1575 0.1719 0.0039  0.0127  0.0090  77  VAL A CA  
418 C  C   . VAL A 53 ? 0.1409 0.1863 0.1670 0.0053  0.0155  0.0057  77  VAL A C   
419 O  O   . VAL A 53 ? 0.3182 0.1969 0.1873 -0.0237 0.0421  0.0034  77  VAL A O   
420 C  CB  . VAL A 53 ? 0.1280 0.1652 0.1528 -0.0049 0.0068  0.0042  77  VAL A CB  
421 C  CG1 . VAL A 53 ? 0.1940 0.1740 0.1968 0.0180  -0.0245 0.0023  77  VAL A CG1 
422 C  CG2 . VAL A 53 ? 0.2082 0.1302 0.2331 -0.0039 -0.0044 -0.0024 77  VAL A CG2 
423 N  N   . SER A 54 ? 0.1859 0.1874 0.2351 -0.0142 0.0061  0.0031  78  SER A N   
424 C  CA  . SER A 54 ? 0.1803 0.2027 0.2665 -0.0013 0.0039  -0.0116 78  SER A CA  
425 C  C   . SER A 54 ? 0.2144 0.2352 0.2593 -0.0070 -0.0068 0.0010  78  SER A C   
426 O  O   . SER A 54 ? 0.2705 0.2376 0.2866 -0.0053 -0.0162 0.0297  78  SER A O   
427 C  CB  . SER A 54 ? 0.1988 0.2645 0.2948 -0.0285 0.0129  -0.0025 78  SER A CB  
428 O  OG  . SER A 54 ? 0.2830 0.3486 0.3603 -0.0150 0.0307  0.0071  78  SER A OG  
429 N  N   . GLY A 55 ? 0.2119 0.2413 0.3018 -0.0158 0.0070  0.0100  79  GLY A N   
430 C  CA  . GLY A 55 ? 0.2292 0.2537 0.3044 0.0016  0.0109  0.0140  79  GLY A CA  
431 C  C   . GLY A 55 ? 0.2065 0.2345 0.2715 0.0050  0.0171  0.0394  79  GLY A C   
432 O  O   . GLY A 55 ? 0.2425 0.2683 0.3075 0.0260  0.0049  0.0659  79  GLY A O   
433 N  N   . LEU A 56 ? 0.1651 0.1630 0.2494 0.0148  0.0138  0.0107  80  LEU A N   
434 C  CA  . LEU A 56 ? 0.1712 0.1600 0.2310 0.0146  -0.0002 0.0140  80  LEU A CA  
435 C  C   . LEU A 56 ? 0.1801 0.1828 0.2100 0.0030  0.0127  -0.0070 80  LEU A C   
436 O  O   . LEU A 56 ? 0.2387 0.1938 0.2559 0.0106  -0.0264 -0.0307 80  LEU A O   
437 C  CB  . LEU A 56 ? 0.1681 0.1532 0.2130 0.0115  0.0101  -0.0026 80  LEU A CB  
438 C  CG  . LEU A 56 ? 0.2048 0.1464 0.2289 -0.0061 0.0151  -0.0113 80  LEU A CG  
439 C  CD1 . LEU A 56 ? 0.2048 0.1578 0.2198 -0.0192 0.0191  0.0119  80  LEU A CD1 
440 C  CD2 . LEU A 56 ? 0.2313 0.1809 0.2426 -0.0223 -0.0069 -0.0040 80  LEU A CD2 
441 N  N   . LYS A 57 ? 0.1545 0.1648 0.2178 -0.0158 0.0009  -0.0072 81  LYS A N   
442 C  CA  . LYS A 57 ? 0.1875 0.1767 0.2091 -0.0102 0.0174  -0.0038 81  LYS A CA  
443 C  C   . LYS A 57 ? 0.1855 0.1577 0.1989 -0.0136 0.0131  0.0052  81  LYS A C   
444 O  O   . LYS A 57 ? 0.1914 0.1786 0.2325 -0.0282 -0.0200 -0.0001 81  LYS A O   
445 C  CB  . LYS A 57 ? 0.2062 0.2124 0.2192 -0.0011 0.0308  0.0019  81  LYS A CB  
446 C  CG  . LYS A 57 ? 0.2329 0.2667 0.2599 -0.0065 0.0387  0.0194  81  LYS A CG  
447 C  CD  . LYS A 57 ? 0.2774 0.2782 0.2790 0.0167  0.0070  0.0094  81  LYS A CD  
448 C  CE  . LYS A 57 ? 0.3501 0.3457 0.3707 -0.0169 0.0463  0.0088  81  LYS A CE  
449 N  NZ  . LYS A 57 ? 0.4570 0.4503 0.4407 0.0239  0.0037  0.0170  81  LYS A NZ  
450 N  N   . GLY A 58 ? 0.1668 0.1598 0.1847 -0.0018 -0.0063 -0.0027 82  GLY A N   
451 C  CA  . GLY A 58 ? 0.1702 0.1354 0.1451 -0.0092 -0.0192 0.0058  82  GLY A CA  
452 C  C   . GLY A 58 ? 0.1516 0.1430 0.1446 -0.0122 -0.0213 -0.0021 82  GLY A C   
453 O  O   . GLY A 58 ? 0.1820 0.1325 0.1593 -0.0076 0.0002  -0.0043 82  GLY A O   
454 N  N   . VAL A 59 ? 0.1422 0.1500 0.1363 -0.0084 -0.0160 0.0030  83  VAL A N   
455 C  CA  . VAL A 59 ? 0.1572 0.1327 0.1214 -0.0072 -0.0130 0.0097  83  VAL A CA  
456 C  C   . VAL A 59 ? 0.1606 0.1379 0.1342 -0.0067 -0.0162 0.0058  83  VAL A C   
457 O  O   . VAL A 59 ? 0.1444 0.1593 0.1180 0.0060  -0.0296 -0.0016 83  VAL A O   
458 C  CB  . VAL A 59 ? 0.1429 0.1491 0.1076 -0.0023 -0.0208 0.0130  83  VAL A CB  
459 C  CG1 . VAL A 59 ? 0.1473 0.1338 0.1402 -0.0241 -0.0155 0.0023  83  VAL A CG1 
460 C  CG2 . VAL A 59 ? 0.1226 0.1640 0.1161 0.0082  0.0258  0.0203  83  VAL A CG2 
461 N  N   . LEU A 60 ? 0.1195 0.1258 0.1121 0.0082  -0.0043 -0.0053 84  LEU A N   
462 C  CA  . LEU A 60 ? 0.1169 0.1304 0.0998 0.0059  0.0002  0.0056  84  LEU A CA  
463 C  C   . LEU A 60 ? 0.1230 0.1188 0.1312 0.0217  -0.0012 0.0028  84  LEU A C   
464 O  O   . LEU A 60 ? 0.1475 0.1380 0.1590 0.0035  0.0169  -0.0263 84  LEU A O   
465 C  CB  . LEU A 60 ? 0.1124 0.1446 0.1208 0.0034  0.0062  0.0111  84  LEU A CB  
466 C  CG  . LEU A 60 ? 0.1406 0.1499 0.1042 0.0000  0.0234  0.0048  84  LEU A CG  
467 C  CD1 . LEU A 60 ? 0.1824 0.1315 0.1275 0.0153  0.0145  0.0396  84  LEU A CD1 
468 C  CD2 . LEU A 60 ? 0.1662 0.1509 0.1209 -0.0198 -0.0118 -0.0154 84  LEU A CD2 
469 N  N   . ILE A 61 ? 0.1299 0.1255 0.1296 -0.0089 -0.0065 0.0007  85  ILE A N   
470 C  CA  . ILE A 61 ? 0.1087 0.1300 0.1200 -0.0068 -0.0053 -0.0044 85  ILE A CA  
471 C  C   . ILE A 61 ? 0.1265 0.1161 0.1126 0.0064  0.0056  -0.0090 85  ILE A C   
472 O  O   . ILE A 61 ? 0.1353 0.1027 0.1688 0.0116  -0.0171 -0.0163 85  ILE A O   
473 C  CB  . ILE A 61 ? 0.1195 0.1155 0.1223 -0.0032 -0.0002 0.0008  85  ILE A CB  
474 C  CG1 . ILE A 61 ? 0.1637 0.1336 0.1320 -0.0077 -0.0203 0.0182  85  ILE A CG1 
475 C  CG2 . ILE A 61 ? 0.1123 0.1481 0.1397 -0.0256 0.0083  -0.0112 85  ILE A CG2 
476 C  CD1 . ILE A 61 ? 0.1558 0.1601 0.1848 0.0056  0.0030  0.0021  85  ILE A CD1 
477 N  N   . VAL A 62 ? 0.1148 0.1272 0.1385 0.0102  -0.0164 -0.0130 86  VAL A N   
478 C  CA  . VAL A 62 ? 0.1028 0.1277 0.1338 0.0034  -0.0089 -0.0026 86  VAL A CA  
479 C  C   . VAL A 62 ? 0.1295 0.1492 0.1329 0.0084  -0.0113 -0.0066 86  VAL A C   
480 O  O   . VAL A 62 ? 0.1363 0.1354 0.1637 0.0160  -0.0213 -0.0003 86  VAL A O   
481 C  CB  . VAL A 62 ? 0.1304 0.1405 0.1308 0.0165  -0.0126 -0.0046 86  VAL A CB  
482 C  CG1 . VAL A 62 ? 0.1326 0.1174 0.1584 0.0038  -0.0055 0.0070  86  VAL A CG1 
483 C  CG2 . VAL A 62 ? 0.1534 0.1134 0.1715 0.0108  0.0136  -0.0103 86  VAL A CG2 
484 N  N   . ASP A 63 ? 0.1136 0.1438 0.1696 0.0088  -0.0210 -0.0212 87  ASP A N   
485 C  CA  . ASP A 63 ? 0.1502 0.1578 0.1727 0.0065  -0.0247 -0.0051 87  ASP A CA  
486 C  C   . ASP A 63 ? 0.1559 0.1513 0.1737 0.0148  -0.0253 -0.0018 87  ASP A C   
487 O  O   . ASP A 63 ? 0.1628 0.1584 0.1754 0.0002  -0.0449 0.0000  87  ASP A O   
488 C  CB  . ASP A 63 ? 0.1537 0.1643 0.2020 0.0026  -0.0145 -0.0109 87  ASP A CB  
489 C  CG  . ASP A 63 ? 0.1730 0.2064 0.2071 -0.0127 0.0080  -0.0014 87  ASP A CG  
490 O  OD1 . ASP A 63 ? 0.1765 0.2006 0.2305 -0.0008 0.0090  -0.0133 87  ASP A OD1 
491 O  OD2 . ASP A 63 ? 0.1835 0.2383 0.3237 -0.0074 0.0267  -0.0300 87  ASP A OD2 
492 N  N   . ILE A 64 ? 0.1576 0.1470 0.1618 0.0087  -0.0321 -0.0087 88  ILE A N   
493 C  CA  . ILE A 64 ? 0.1585 0.1614 0.1758 0.0081  -0.0309 -0.0214 88  ILE A CA  
494 C  C   . ILE A 64 ? 0.1840 0.1681 0.1934 -0.0044 -0.0222 -0.0125 88  ILE A C   
495 O  O   . ILE A 64 ? 0.2030 0.1942 0.1966 0.0044  -0.0399 -0.0194 88  ILE A O   
496 C  CB  . ILE A 64 ? 0.1794 0.1526 0.1873 0.0015  -0.0180 -0.0118 88  ILE A CB  
497 C  CG1 . ILE A 64 ? 0.1899 0.1983 0.2125 0.0175  -0.0156 -0.0384 88  ILE A CG1 
498 C  CG2 . ILE A 64 ? 0.1928 0.1768 0.2045 -0.0244 -0.0166 -0.0017 88  ILE A CG2 
499 C  CD1 . ILE A 64 ? 0.2243 0.1933 0.1830 -0.0076 -0.0045 -0.0279 88  ILE A CD1 
500 N  N   . LYS A 65 ? 0.1593 0.1805 0.2045 -0.0084 -0.0274 -0.0228 89  LYS A N   
501 C  CA  . LYS A 65 ? 0.1930 0.2002 0.2201 -0.0089 -0.0277 -0.0163 89  LYS A CA  
502 C  C   . LYS A 65 ? 0.2055 0.2257 0.2383 -0.0017 -0.0392 0.0129  89  LYS A C   
503 O  O   . LYS A 65 ? 0.2227 0.2784 0.3354 -0.0031 -0.0685 0.0222  89  LYS A O   
504 C  CB  . LYS A 65 ? 0.2097 0.2164 0.2263 0.0102  -0.0165 -0.0055 89  LYS A CB  
505 C  CG  . LYS A 65 ? 0.2636 0.2377 0.2592 -0.0221 -0.0207 0.0090  89  LYS A CG  
506 C  CD  . LYS A 65 ? 0.2566 0.2772 0.2920 -0.0094 -0.0110 -0.0107 89  LYS A CD  
507 C  CE  . LYS A 65 ? 0.2669 0.2894 0.2383 -0.0207 -0.0022 0.0080  89  LYS A CE  
508 N  NZ  . LYS A 65 ? 0.2334 0.2362 0.2876 -0.0294 -0.0226 -0.0020 89  LYS A NZ  
509 N  N   . ASN A 66 ? 0.2385 0.2327 0.2757 0.0021  -0.0285 0.0050  90  ASN A N   
510 C  CA  A ASN A 66 ? 0.2544 0.2545 0.2739 0.0020  -0.0144 0.0103  90  ASN A CA  
511 C  CA  B ASN A 66 ? 0.2381 0.2460 0.2646 0.0002  -0.0215 0.0093  90  ASN A CA  
512 C  C   . ASN A 66 ? 0.2488 0.2528 0.2751 0.0046  -0.0183 0.0133  90  ASN A C   
513 O  O   . ASN A 66 ? 0.3052 0.3265 0.2905 0.0027  -0.0415 0.0276  90  ASN A O   
514 C  CB  A ASN A 66 ? 0.2695 0.2755 0.2828 -0.0054 -0.0138 0.0039  90  ASN A CB  
515 C  CB  B ASN A 66 ? 0.2355 0.2602 0.2421 -0.0264 -0.0232 -0.0231 90  ASN A CB  
516 C  CG  A ASN A 66 ? 0.2876 0.2823 0.2794 -0.0037 -0.0024 0.0067  90  ASN A CG  
517 C  CG  B ASN A 66 ? 0.1740 0.1698 0.1268 0.0327  -0.0372 0.0105  90  ASN A CG  
518 O  OD1 A ASN A 66 ? 0.2800 0.3185 0.3234 -0.0072 -0.0069 0.0002  90  ASN A OD1 
519 O  OD1 B ASN A 66 ? 0.1998 0.1964 0.2746 -0.0105 -0.0657 -0.0319 90  ASN A OD1 
520 N  ND2 A ASN A 66 ? 0.2655 0.2902 0.2855 -0.0030 0.0077  -0.0054 90  ASN A ND2 
521 N  ND2 B ASN A 66 ? 0.2114 0.1837 0.2507 -0.0111 0.0133  0.0121  90  ASN A ND2 
522 N  N   . ALA A 67 ? 0.2105 0.2085 0.2071 -0.0049 -0.0448 -0.0050 91  ALA A N   
523 C  CA  . ALA A 67 ? 0.2191 0.1983 0.1842 0.0042  -0.0251 -0.0143 91  ALA A CA  
524 C  C   . ALA A 67 ? 0.2051 0.1806 0.1556 0.0035  -0.0226 -0.0077 91  ALA A C   
525 O  O   . ALA A 67 ? 0.2715 0.1826 0.2193 -0.0233 -0.0152 -0.0265 91  ALA A O   
526 C  CB  . ALA A 67 ? 0.2013 0.2437 0.1747 0.0005  -0.0337 0.0011  91  ALA A CB  
527 N  N   . LYS A 68 ? 0.2242 0.1892 0.1584 -0.0050 -0.0189 -0.0186 92  LYS A N   
528 C  CA  . LYS A 68 ? 0.2413 0.2013 0.1857 -0.0065 -0.0153 -0.0175 92  LYS A CA  
529 C  C   . LYS A 68 ? 0.2364 0.1958 0.1633 0.0097  -0.0128 0.0013  92  LYS A C   
530 O  O   . LYS A 68 ? 0.2565 0.1965 0.1726 0.0057  -0.0141 -0.0127 92  LYS A O   
531 C  CB  . LYS A 68 ? 0.2842 0.2531 0.2175 0.0124  -0.0114 -0.0070 92  LYS A CB  
532 C  CG  . LYS A 68 ? 0.3204 0.3838 0.3558 0.0011  -0.0026 0.0151  92  LYS A CG  
533 N  N   . PHE A 69 ? 0.2254 0.1979 0.1671 0.0111  -0.0141 -0.0153 93  PHE A N   
534 C  CA  . PHE A 69 ? 0.2302 0.1683 0.1579 0.0173  -0.0154 -0.0037 93  PHE A CA  
535 C  C   . PHE A 69 ? 0.2579 0.2100 0.1718 0.0026  -0.0074 -0.0098 93  PHE A C   
536 O  O   . PHE A 69 ? 0.3364 0.2763 0.1859 -0.0280 -0.0290 -0.0184 93  PHE A O   
537 C  CB  . PHE A 69 ? 0.2217 0.1792 0.1863 0.0131  -0.0158 -0.0101 93  PHE A CB  
538 C  CG  . PHE A 69 ? 0.1978 0.1739 0.1585 0.0265  -0.0013 -0.0071 93  PHE A CG  
539 C  CD1 . PHE A 69 ? 0.1866 0.2064 0.2120 -0.0034 -0.0313 0.0011  93  PHE A CD1 
540 C  CD2 . PHE A 69 ? 0.1898 0.1782 0.1956 0.0344  0.0022  -0.0069 93  PHE A CD2 
541 C  CE1 . PHE A 69 ? 0.2121 0.1999 0.2051 0.0081  -0.0175 -0.0121 93  PHE A CE1 
542 C  CE2 . PHE A 69 ? 0.1738 0.1915 0.2237 0.0211  -0.0107 0.0242  93  PHE A CE2 
543 C  CZ  . PHE A 69 ? 0.2062 0.2046 0.2088 0.0102  -0.0023 0.0041  93  PHE A CZ  
544 N  N   . GLU A 70 ? 0.2475 0.2435 0.1643 -0.0027 -0.0099 -0.0154 94  GLU A N   
545 C  CA  A GLU A 70 ? 0.2679 0.2568 0.2092 -0.0061 -0.0058 0.0013  94  GLU A CA  
546 C  CA  B GLU A 70 ? 0.2676 0.2564 0.2055 -0.0058 -0.0031 -0.0006 94  GLU A CA  
547 C  C   . GLU A 70 ? 0.2742 0.2878 0.2266 -0.0075 -0.0002 0.0000  94  GLU A C   
548 O  O   . GLU A 70 ? 0.2364 0.2737 0.2322 0.0056  -0.0017 0.0003  94  GLU A O   
549 C  CB  A GLU A 70 ? 0.2873 0.2809 0.2462 0.0065  -0.0167 0.0074  94  GLU A CB  
550 C  CB  B GLU A 70 ? 0.2858 0.2805 0.2580 0.0078  -0.0082 0.0053  94  GLU A CB  
551 C  CG  A GLU A 70 ? 0.2872 0.3109 0.2591 0.0042  -0.0036 0.0019  94  GLU A CG  
552 C  CG  B GLU A 70 ? 0.3040 0.2683 0.2686 0.0069  -0.0092 -0.0060 94  GLU A CG  
553 C  CD  A GLU A 70 ? 0.3613 0.3542 0.3440 0.0166  -0.0058 0.0064  94  GLU A CD  
554 C  CD  B GLU A 70 ? 0.3516 0.3238 0.3256 0.0265  -0.0238 0.0097  94  GLU A CD  
555 O  OE1 A GLU A 70 ? 0.4070 0.3875 0.3999 0.0045  -0.0073 0.0135  94  GLU A OE1 
556 O  OE1 B GLU A 70 ? 0.3713 0.3498 0.3593 0.0006  -0.0095 -0.0019 94  GLU A OE1 
557 O  OE2 A GLU A 70 ? 0.3479 0.3862 0.3446 0.0187  -0.0040 -0.0062 94  GLU A OE2 
558 O  OE2 B GLU A 70 ? 0.4266 0.4067 0.4454 -0.0091 0.0042  0.0213  94  GLU A OE2 
559 N  N   . GLN A 71 ? 0.3223 0.3496 0.2599 -0.0147 0.0083  0.0025  95  GLN A N   
560 C  CA  A GLN A 71 ? 0.3281 0.3526 0.2993 -0.0011 0.0105  -0.0049 95  GLN A CA  
561 C  CA  B GLN A 71 ? 0.3262 0.3428 0.3081 -0.0010 0.0064  -0.0020 95  GLN A CA  
562 C  C   . GLN A 71 ? 0.3079 0.3284 0.2841 0.0054  0.0238  -0.0014 95  GLN A C   
563 O  O   . GLN A 71 ? 0.3370 0.3494 0.2798 0.0118  0.0168  0.0217  95  GLN A O   
564 C  CB  A GLN A 71 ? 0.3846 0.3836 0.3199 -0.0045 0.0057  0.0032  95  GLN A CB  
565 C  CB  B GLN A 71 ? 0.3674 0.3645 0.3235 0.0007  0.0028  0.0037  95  GLN A CB  
566 C  CG  A GLN A 71 ? 0.4357 0.4930 0.4469 -0.0076 0.0140  -0.0116 95  GLN A CG  
567 C  CG  B GLN A 71 ? 0.4028 0.4291 0.4298 -0.0061 0.0012  0.0033  95  GLN A CG  
568 C  CD  A GLN A 71 ? 0.5794 0.5559 0.5842 0.0180  0.0006  0.0080  95  GLN A CD  
569 C  CD  B GLN A 71 ? 0.4815 0.4899 0.4599 0.0050  0.0104  0.0009  95  GLN A CD  
570 O  OE1 A GLN A 71 ? 0.6367 0.6690 0.6349 0.0048  -0.0220 -0.0012 95  GLN A OE1 
571 O  OE1 B GLN A 71 ? 0.5168 0.5058 0.5024 -0.0019 -0.0023 -0.0072 95  GLN A OE1 
572 N  NE2 A GLN A 71 ? 0.6021 0.5814 0.5894 -0.0038 -0.0071 -0.0053 95  GLN A NE2 
573 N  NE2 B GLN A 71 ? 0.4891 0.4796 0.4901 -0.0015 -0.0022 0.0024  95  GLN A NE2 
574 N  N   . GLY A 72 ? 0.2821 0.2964 0.2699 0.0052  0.0220  -0.0063 96  GLY A N   
575 C  CA  . GLY A 72 ? 0.2674 0.2580 0.2282 0.0117  0.0332  -0.0060 96  GLY A CA  
576 C  C   . GLY A 72 ? 0.2173 0.2157 0.1805 0.0136  0.0186  0.0113  96  GLY A C   
577 O  O   . GLY A 72 ? 0.2409 0.2138 0.1837 0.0175  0.0323  0.0014  96  GLY A O   
578 N  N   . ALA A 73 ? 0.2175 0.1949 0.1750 0.0132  0.0102  -0.0048 97  ALA A N   
579 C  CA  . ALA A 73 ? 0.2084 0.1916 0.1407 0.0130  -0.0059 0.0132  97  ALA A CA  
580 C  C   . ALA A 73 ? 0.2144 0.2021 0.1667 0.0136  0.0060  0.0063  97  ALA A C   
581 O  O   . ALA A 73 ? 0.2259 0.2208 0.1496 0.0100  0.0308  -0.0026 97  ALA A O   
582 C  CB  . ALA A 73 ? 0.2345 0.1795 0.1913 0.0281  -0.0078 0.0358  97  ALA A CB  
583 N  N   . VAL A 74 ? 0.1958 0.1849 0.1489 0.0043  0.0069  -0.0008 98  VAL A N   
584 C  CA  . VAL A 74 ? 0.1881 0.1891 0.1272 0.0063  -0.0038 -0.0075 98  VAL A CA  
585 C  C   . VAL A 74 ? 0.1779 0.1844 0.1466 0.0166  -0.0108 0.0032  98  VAL A C   
586 O  O   . VAL A 74 ? 0.1797 0.1878 0.1508 0.0258  -0.0066 -0.0389 98  VAL A O   
587 C  CB  . VAL A 74 ? 0.1746 0.1582 0.1664 0.0184  -0.0101 0.0107  98  VAL A CB  
588 C  CG1 . VAL A 74 ? 0.1818 0.2115 0.1470 -0.0175 -0.0001 -0.0031 98  VAL A CG1 
589 C  CG2 . VAL A 74 ? 0.1913 0.1937 0.2012 0.0395  -0.0258 0.0131  98  VAL A CG2 
590 N  N   . VAL A 75 ? 0.1753 0.1629 0.1429 -0.0045 -0.0074 -0.0108 99  VAL A N   
591 C  CA  . VAL A 75 ? 0.1864 0.1596 0.1661 0.0093  -0.0140 -0.0127 99  VAL A CA  
592 C  C   . VAL A 75 ? 0.1894 0.1699 0.1759 -0.0152 -0.0101 -0.0250 99  VAL A C   
593 O  O   . VAL A 75 ? 0.2619 0.1703 0.2136 -0.0291 -0.0078 -0.0182 99  VAL A O   
594 C  CB  . VAL A 75 ? 0.1990 0.1837 0.1623 0.0031  -0.0310 -0.0165 99  VAL A CB  
595 C  CG1 . VAL A 75 ? 0.2176 0.2184 0.2029 0.0447  -0.0073 0.0023  99  VAL A CG1 
596 C  CG2 . VAL A 75 ? 0.2620 0.2288 0.2089 -0.0004 -0.0102 0.0241  99  VAL A CG2 
597 N  N   . GLY A 76 ? 0.1857 0.1678 0.1698 -0.0137 -0.0082 -0.0182 100 GLY A N   
598 C  CA  . GLY A 76 ? 0.1805 0.2126 0.1759 0.0062  -0.0014 -0.0102 100 GLY A CA  
599 C  C   . GLY A 76 ? 0.1696 0.1946 0.1661 0.0107  -0.0097 -0.0011 100 GLY A C   
600 O  O   . GLY A 76 ? 0.1695 0.2402 0.1516 -0.0063 -0.0104 -0.0054 100 GLY A O   
601 N  N   . LYS A 77 ? 0.1485 0.1575 0.1755 0.0031  -0.0141 -0.0153 101 LYS A N   
602 C  CA  . LYS A 77 ? 0.1624 0.1675 0.1693 0.0163  -0.0052 -0.0114 101 LYS A CA  
603 C  C   . LYS A 77 ? 0.1349 0.1364 0.1538 0.0080  -0.0120 0.0041  101 LYS A C   
604 O  O   . LYS A 77 ? 0.1406 0.1346 0.1818 -0.0002 -0.0120 -0.0059 101 LYS A O   
605 C  CB  . LYS A 77 ? 0.1593 0.2094 0.2088 0.0203  -0.0072 0.0049  101 LYS A CB  
606 C  CG  . LYS A 77 ? 0.2180 0.2830 0.2143 0.0003  -0.0101 -0.0066 101 LYS A CG  
607 C  CD  . LYS A 77 ? 0.2222 0.2787 0.2434 0.0044  0.0028  0.0011  101 LYS A CD  
608 C  CE  . LYS A 77 ? 0.2207 0.3113 0.2439 0.0022  -0.0138 0.0165  101 LYS A CE  
609 N  NZ  . LYS A 77 ? 0.2404 0.3122 0.2364 0.0135  0.0257  0.0217  101 LYS A NZ  
610 N  N   . ARG A 78 ? 0.1404 0.1305 0.1486 0.0078  -0.0201 -0.0043 102 ARG A N   
611 C  CA  . ARG A 78 ? 0.1196 0.1447 0.1339 0.0049  -0.0101 -0.0132 102 ARG A CA  
612 C  C   . ARG A 78 ? 0.1306 0.1428 0.1488 -0.0121 -0.0082 -0.0111 102 ARG A C   
613 O  O   . ARG A 78 ? 0.2040 0.1397 0.1639 0.0118  0.0139  -0.0165 102 ARG A O   
614 C  CB  . ARG A 78 ? 0.1495 0.1667 0.1019 -0.0034 -0.0152 0.0182  102 ARG A CB  
615 C  CG  . ARG A 78 ? 0.1542 0.1395 0.1214 -0.0090 -0.0016 0.0023  102 ARG A CG  
616 C  CD  . ARG A 78 ? 0.1772 0.1451 0.1358 0.0072  -0.0194 -0.0058 102 ARG A CD  
617 N  NE  . ARG A 78 ? 0.1596 0.1384 0.1470 -0.0157 -0.0115 -0.0298 102 ARG A NE  
618 C  CZ  . ARG A 78 ? 0.1395 0.1533 0.1346 -0.0019 -0.0144 -0.0011 102 ARG A CZ  
619 N  NH1 . ARG A 78 ? 0.1448 0.1808 0.1394 -0.0321 -0.0159 -0.0228 102 ARG A NH1 
620 N  NH2 . ARG A 78 ? 0.1552 0.1628 0.1382 -0.0057 0.0065  -0.0110 102 ARG A NH2 
621 N  N   . ILE A 79 ? 0.1277 0.1187 0.1325 0.0138  0.0104  0.0038  103 ILE A N   
622 C  CA  . ILE A 79 ? 0.1341 0.1285 0.1450 0.0232  0.0017  0.0160  103 ILE A CA  
623 C  C   . ILE A 79 ? 0.1226 0.1105 0.1382 0.0085  0.0074  0.0042  103 ILE A C   
624 O  O   . ILE A 79 ? 0.1656 0.1451 0.1351 -0.0077 0.0229  0.0039  103 ILE A O   
625 C  CB  . ILE A 79 ? 0.1313 0.1523 0.1530 -0.0018 0.0034  0.0016  103 ILE A CB  
626 C  CG1 . ILE A 79 ? 0.1454 0.1392 0.1440 -0.0014 0.0001  0.0137  103 ILE A CG1 
627 C  CG2 . ILE A 79 ? 0.1795 0.1782 0.2241 0.0100  -0.0471 0.0079  103 ILE A CG2 
628 C  CD1 . ILE A 79 ? 0.1772 0.1332 0.2078 -0.0183 -0.0219 -0.0310 103 ILE A CD1 
629 N  N   . GLY A 80 ? 0.1293 0.1377 0.1289 0.0224  0.0168  0.0031  104 GLY A N   
630 C  CA  . GLY A 80 ? 0.1694 0.1458 0.1598 0.0056  -0.0118 -0.0130 104 GLY A CA  
631 C  C   . GLY A 80 ? 0.1457 0.1266 0.1205 0.0048  -0.0156 -0.0031 104 GLY A C   
632 O  O   . GLY A 80 ? 0.1540 0.1311 0.1232 -0.0085 -0.0134 0.0075  104 GLY A O   
633 N  N   . LYS A 81 ? 0.1344 0.1410 0.1400 -0.0021 -0.0060 -0.0060 105 LYS A N   
634 C  CA  . LYS A 81 ? 0.1683 0.1407 0.1320 -0.0120 -0.0015 -0.0050 105 LYS A CA  
635 C  C   . LYS A 81 ? 0.1556 0.1125 0.1412 -0.0101 -0.0011 -0.0073 105 LYS A C   
636 O  O   . LYS A 81 ? 0.1879 0.1796 0.1258 -0.0118 0.0011  -0.0081 105 LYS A O   
637 C  CB  . LYS A 81 ? 0.1620 0.1805 0.1704 0.0049  -0.0102 0.0110  105 LYS A CB  
638 C  CG  . LYS A 81 ? 0.2335 0.2157 0.2006 0.0026  -0.0059 -0.0014 105 LYS A CG  
639 C  CD  . LYS A 81 ? 0.2494 0.2242 0.2474 0.0130  -0.0314 0.0139  105 LYS A CD  
640 C  CE  . LYS A 81 ? 0.3003 0.3237 0.3188 0.0218  -0.0138 -0.0349 105 LYS A CE  
641 N  NZ  . LYS A 81 ? 0.2656 0.3385 0.2600 -0.0358 0.0263  -0.0258 105 LYS A NZ  
642 N  N   . ALA A 82 ? 0.1494 0.1306 0.1304 -0.0115 -0.0083 -0.0121 106 ALA A N   
643 C  CA  . ALA A 82 ? 0.1640 0.1314 0.1509 0.0008  -0.0106 -0.0092 106 ALA A CA  
644 C  C   . ALA A 82 ? 0.1498 0.1363 0.1523 0.0045  -0.0117 -0.0016 106 ALA A C   
645 O  O   . ALA A 82 ? 0.1807 0.1640 0.1802 -0.0266 -0.0102 -0.0205 106 ALA A O   
646 C  CB  . ALA A 82 ? 0.2070 0.1407 0.1609 -0.0046 -0.0319 0.0230  106 ALA A CB  
647 N  N   . TYR A 83 ? 0.2031 0.1363 0.1788 -0.0038 -0.0069 -0.0126 107 TYR A N   
648 C  CA  . TYR A 83 ? 0.2013 0.1442 0.1926 0.0017  -0.0198 -0.0075 107 TYR A CA  
649 C  C   . TYR A 83 ? 0.2470 0.1441 0.2393 0.0146  -0.0335 -0.0207 107 TYR A C   
650 O  O   . TYR A 83 ? 0.2593 0.2122 0.2422 0.0172  -0.0506 -0.0079 107 TYR A O   
651 C  CB  . TYR A 83 ? 0.2083 0.1362 0.1785 -0.0094 -0.0371 -0.0159 107 TYR A CB  
652 C  CG  . TYR A 83 ? 0.1641 0.1461 0.1792 -0.0143 -0.0182 0.0120  107 TYR A CG  
653 C  CD1 . TYR A 83 ? 0.1581 0.1894 0.1745 0.0164  0.0120  0.0111  107 TYR A CD1 
654 C  CD2 . TYR A 83 ? 0.2168 0.2420 0.1854 0.0339  -0.0294 0.0110  107 TYR A CD2 
655 C  CE1 . TYR A 83 ? 0.1954 0.1725 0.1871 0.0099  -0.0182 0.0087  107 TYR A CE1 
656 C  CE2 . TYR A 83 ? 0.1956 0.2591 0.1802 0.0360  -0.0095 0.0308  107 TYR A CE2 
657 C  CZ  . TYR A 83 ? 0.1933 0.1879 0.1749 0.0252  -0.0098 0.0124  107 TYR A CZ  
658 O  OH  . TYR A 83 ? 0.2015 0.2410 0.2120 0.0317  -0.0339 0.0471  107 TYR A OH  
659 N  N   . LYS A 84 ? 0.2578 0.2110 0.2824 0.0147  -0.0387 -0.0137 108 LYS A N   
660 C  CA  . LYS A 84 ? 0.3230 0.3393 0.3666 0.0168  -0.0347 -0.0036 108 LYS A CA  
661 C  C   . LYS A 84 ? 0.4058 0.3955 0.4045 0.0133  -0.0390 -0.0097 108 LYS A C   
662 O  O   . LYS A 84 ? 0.4323 0.3804 0.4497 0.0094  -0.0390 -0.0127 108 LYS A O   
663 C  CB  . LYS A 84 ? 0.3630 0.4006 0.3833 0.0240  -0.0103 -0.0087 108 LYS A CB  
664 C  CG  . LYS A 84 ? 0.4520 0.5008 0.5164 -0.0110 -0.0170 -0.0106 108 LYS A CG  
665 C  CD  . LYS A 84 ? 0.5553 0.5958 0.5474 -0.0158 0.0043  0.0076  108 LYS A CD  
666 C  CE  . LYS A 84 ? 0.6372 0.6188 0.6607 0.0003  -0.0021 0.0012  108 LYS A CE  
667 N  NZ  . LYS A 84 ? 0.7080 0.7079 0.6905 -0.0031 0.0059  0.0021  108 LYS A NZ  
668 O  OXT . LYS A 84 ? 0.4099 0.4703 0.4499 0.0101  -0.0601 -0.0051 108 LYS A OXT 
669 C  C1  . EDO B .  ? 0.4226 0.4233 0.4459 0.0066  -0.0121 -0.0114 200 EDO A C1  
670 O  O1  . EDO B .  ? 0.3734 0.3958 0.4205 0.0127  0.0055  -0.0227 200 EDO A O1  
671 C  C2  . EDO B .  ? 0.3923 0.3745 0.3854 -0.0139 0.0062  0.0004  200 EDO A C2  
672 O  O2  . EDO B .  ? 0.2897 0.2378 0.3225 0.0381  -0.0112 0.0060  200 EDO A O2  
673 C  C1  . EDO C .  ? 0.4117 0.3791 0.4122 0.0335  -0.0187 -0.0010 201 EDO A C1  
674 O  O1  . EDO C .  ? 0.5027 0.4198 0.4343 0.0037  -0.0476 -0.0067 201 EDO A O1  
675 C  C2  . EDO C .  ? 0.4266 0.4030 0.4184 -0.0052 0.0049  0.0161  201 EDO A C2  
676 O  O2  . EDO C .  ? 0.4725 0.5054 0.4903 0.0054  -0.0241 0.0646  201 EDO A O2  
677 O  O   . HOH D .  ? 0.2313 0.1809 0.3245 -0.0132 -0.0048 -0.0107 301 HOH A O   
678 O  O   . HOH D .  ? 0.1903 0.1732 0.1510 0.0219  0.0097  0.0011  302 HOH A O   
679 O  O   . HOH D .  ? 0.1449 0.1421 0.2050 0.0064  -0.0184 -0.0101 303 HOH A O   
680 O  O   . HOH D .  ? 0.3464 0.2185 0.3387 0.0163  -0.0437 0.0308  304 HOH A O   
681 O  O   . HOH D .  ? 0.1965 0.1587 0.1898 0.0142  -0.0103 -0.0123 305 HOH A O   
682 O  O   . HOH D .  ? 0.2264 0.1576 0.1654 0.0177  -0.0256 -0.0017 306 HOH A O   
683 O  O   . HOH D .  ? 0.2137 0.2036 0.2363 0.0335  0.0222  0.0127  307 HOH A O   
684 O  O   . HOH D .  ? 0.1656 0.2302 0.2547 0.0002  -0.0175 0.0108  308 HOH A O   
685 O  O   . HOH D .  ? 0.1902 0.2199 0.1998 0.0296  0.0322  0.0405  309 HOH A O   
686 O  O   . HOH D .  ? 0.1401 0.2243 0.2229 0.0079  -0.0321 0.0062  310 HOH A O   
687 O  O   . HOH D .  ? 0.2351 0.1907 0.1575 -0.0206 0.0118  -0.0036 311 HOH A O   
688 O  O   . HOH D .  ? 0.2689 0.2025 0.2358 -0.0131 0.0044  0.0129  312 HOH A O   
689 O  O   . HOH D .  ? 0.1938 0.2928 0.2978 -0.0396 -0.0386 0.0159  313 HOH A O   
690 O  O   . HOH D .  ? 0.2364 0.1619 0.1701 -0.0197 0.0128  0.0019  314 HOH A O   
691 O  O   . HOH D .  ? 0.2469 0.1907 0.2307 -0.0011 -0.0310 -0.0087 315 HOH A O   
692 O  O   . HOH D .  ? 0.2932 0.2559 0.2186 0.0315  0.0556  -0.0121 316 HOH A O   
693 O  O   . HOH D .  ? 0.2390 0.2998 0.1874 0.0373  -0.0055 0.0541  317 HOH A O   
694 O  O   . HOH D .  ? 0.2667 0.2642 0.2485 -0.0255 0.0047  0.0008  318 HOH A O   
695 O  O   . HOH D .  ? 0.4385 0.4457 0.4041 0.0151  0.0444  0.0161  319 HOH A O   
696 O  O   . HOH D .  ? 0.2054 0.2516 0.2739 0.0196  0.0076  0.0299  320 HOH A O   
697 O  O   . HOH D .  ? 0.3226 0.2338 0.2418 -0.0094 -0.0318 -0.0334 321 HOH A O   
698 O  O   . HOH D .  ? 0.2755 0.3182 0.2430 0.0202  0.0083  0.0350  322 HOH A O   
699 O  O   . HOH D .  ? 0.3631 0.3250 0.3658 0.0296  -0.0810 -0.0300 323 HOH A O   
700 O  O   . HOH D .  ? 0.1821 0.2198 0.1909 -0.0312 -0.0304 0.0073  324 HOH A O   
701 O  O   . HOH D .  ? 0.2758 0.2949 0.2655 -0.0021 0.0101  -0.0401 325 HOH A O   
702 O  O   . HOH D .  ? 0.2886 0.2322 0.2605 -0.0006 0.0284  0.0120  326 HOH A O   
703 O  O   . HOH D .  ? 0.2177 0.3124 0.2629 0.0117  -0.0919 -0.0153 327 HOH A O   
704 O  O   . HOH D .  ? 0.3083 0.3424 0.4102 -0.0189 -0.0051 -0.0585 328 HOH A O   
705 O  O   . HOH D .  ? 0.2929 0.3218 0.3937 0.0430  -0.0271 0.0312  329 HOH A O   
706 O  O   . HOH D .  ? 0.1567 0.2354 0.2322 0.0067  -0.0207 -0.0226 330 HOH A O   
707 O  O   . HOH D .  ? 0.2243 0.2050 0.1640 0.0025  -0.0201 0.0182  331 HOH A O   
708 O  O   . HOH D .  ? 0.2795 0.3162 0.3439 -0.0509 -0.0282 -0.0385 332 HOH A O   
709 O  O   . HOH D .  ? 0.3597 0.3517 0.2966 0.0657  0.0186  0.0012  333 HOH A O   
710 O  O   . HOH D .  ? 0.3032 0.3108 0.3162 0.0205  -0.0136 0.0300  334 HOH A O   
711 O  O   . HOH D .  ? 0.5935 0.5877 0.5265 -0.0062 -0.0191 -0.0285 335 HOH A O   
712 O  O   . HOH D .  ? 0.3722 0.3924 0.3389 -0.0042 0.0067  -0.0370 336 HOH A O   
713 O  O   . HOH D .  ? 0.4072 0.3642 0.2978 0.0136  -0.0113 -0.0062 337 HOH A O   
714 O  O   . HOH D .  ? 0.2928 0.4301 0.3589 0.0011  -0.0685 -0.0115 338 HOH A O   
715 O  O   . HOH D .  ? 0.3715 0.2258 0.1759 0.0715  -0.0026 0.0135  339 HOH A O   
716 O  O   . HOH D .  ? 0.2812 0.3180 0.2630 0.0321  -0.0460 -0.0269 340 HOH A O   
717 O  O   . HOH D .  ? 0.3989 0.3414 0.3274 0.0260  -0.0344 -0.0231 341 HOH A O   
718 O  O   . HOH D .  ? 0.4452 0.3278 0.2198 -0.0008 -0.0024 0.0127  342 HOH A O   
719 O  O   . HOH D .  ? 0.2644 0.3483 0.3167 -0.0007 -0.0533 -0.0053 343 HOH A O   
720 O  O   . HOH D .  ? 0.3680 0.4066 0.2909 0.0020  -0.0327 0.0661  344 HOH A O   
721 O  O   . HOH D .  ? 0.3825 0.3452 0.3795 0.0041  0.0205  0.0322  345 HOH A O   
722 O  O   . HOH D .  ? 0.5877 0.6213 0.6150 -0.0141 0.0118  -0.0081 346 HOH A O   
723 O  O   . HOH D .  ? 0.3309 0.3245 0.3860 -0.0125 -0.0013 -0.0416 347 HOH A O   
724 O  O   . HOH D .  ? 0.3289 0.2581 0.3742 -0.0630 0.0572  -0.0211 348 HOH A O   
725 O  O   . HOH D .  ? 0.3170 0.2787 0.2523 -0.0001 -0.0051 0.0104  349 HOH A O   
726 O  O   . HOH D .  ? 0.3321 0.3910 0.4269 0.0056  0.0049  0.0115  350 HOH A O   
727 O  O   . HOH D .  ? 0.5009 0.5067 0.4313 0.0489  -0.0490 -0.0125 351 HOH A O   
728 O  O   . HOH D .  ? 0.3912 0.3388 0.2459 -0.0010 -0.0202 -0.0144 352 HOH A O   
729 O  O   . HOH D .  ? 0.2855 0.4057 0.3490 -0.0349 -0.0365 0.0256  353 HOH A O   
730 O  O   . HOH D .  ? 0.4257 0.4081 0.3952 0.0310  -0.0006 -0.0034 354 HOH A O   
731 O  O   . HOH D .  ? 0.2828 0.3881 0.4079 0.0046  0.0027  0.0015  355 HOH A O   
732 O  O   . HOH D .  ? 0.4722 0.4503 0.3748 0.0001  -0.0204 0.0255  356 HOH A O   
733 O  O   . HOH D .  ? 0.4821 0.5276 0.5457 -0.0011 0.0166  0.0269  357 HOH A O   
734 O  O   . HOH D .  ? 0.3655 0.4135 0.2800 -0.0077 -0.0043 0.0427  358 HOH A O   
735 O  O   . HOH D .  ? 0.4305 0.4938 0.4000 -0.0061 -0.0355 -0.0022 359 HOH A O   
736 O  O   . HOH D .  ? 0.3784 0.3650 0.3108 -0.0222 -0.0188 -0.0221 360 HOH A O   
737 O  O   . HOH D .  ? 0.3564 0.3882 0.3575 0.0243  -0.0170 -0.0225 361 HOH A O   
738 O  O   . HOH D .  ? 0.3831 0.4133 0.4044 -0.0093 0.0373  0.0173  362 HOH A O   
739 O  O   . HOH D .  ? 0.4391 0.4156 0.3505 0.0260  0.0213  -0.0221 363 HOH A O   
740 O  O   . HOH D .  ? 0.5066 0.4613 0.4962 -0.0054 -0.0308 -0.0081 364 HOH A O   
741 O  O   . HOH D .  ? 0.4357 0.3432 0.3340 0.0239  -0.0029 0.0301  365 HOH A O   
742 O  O   . HOH D .  ? 0.4020 0.4296 0.4145 -0.0216 0.0691  0.0085  366 HOH A O   
743 O  O   . HOH D .  ? 0.3940 0.4486 0.3625 0.0127  -0.0280 -0.0026 367 HOH A O   
744 O  O   . HOH D .  ? 0.4357 0.4606 0.4632 0.0091  -0.0134 -0.0228 368 HOH A O   
745 O  O   . HOH D .  ? 0.3839 0.4058 0.4450 0.0065  0.0237  0.0132  369 HOH A O   
746 O  O   . HOH D .  ? 0.3574 0.4009 0.3550 0.0061  -0.0232 -0.0106 370 HOH A O   
747 O  O   . HOH D .  ? 0.5341 0.5755 0.5658 -0.0066 -0.0101 0.0221  371 HOH A O   
748 O  O   . HOH D .  ? 0.4028 0.4537 0.4550 0.0065  0.0072  -0.0046 372 HOH A O   
749 O  O   . HOH D .  ? 0.2987 0.3463 0.3701 -0.0295 -0.0134 0.0077  373 HOH A O   
750 O  O   . HOH D .  ? 0.3728 0.4327 0.3878 0.0206  0.0036  0.0349  374 HOH A O   
751 O  O   . HOH D .  ? 0.3742 0.4097 0.3146 0.0207  0.0319  0.0137  375 HOH A O   
752 O  O   . HOH D .  ? 0.4118 0.4561 0.4693 -0.0291 0.0033  0.0127  376 HOH A O   
753 O  O   . HOH D .  ? 0.4412 0.4318 0.4397 0.0225  -0.0263 0.0416  377 HOH A O   
754 O  O   . HOH D .  ? 0.5571 0.5666 0.5250 -0.0012 -0.0317 -0.0013 378 HOH A O   
755 O  O   A HOH D .  ? 0.3279 0.2901 0.3236 0.0274  -0.0195 -0.0103 379 HOH A O   
756 O  O   B HOH D .  ? 0.2018 0.1586 0.1633 -0.0036 -0.0066 0.0038  379 HOH A O   
757 O  O   . HOH D .  ? 0.5478 0.5029 0.5567 0.0012  0.0049  0.0243  380 HOH A O   
758 O  O   . HOH D .  ? 0.5796 0.5550 0.5571 -0.0255 0.0105  -0.0072 381 HOH A O   
759 O  O   . HOH D .  ? 0.4865 0.5695 0.5588 -0.0142 0.0251  0.0073  382 HOH A O   
760 O  O   . HOH D .  ? 0.4799 0.4871 0.4959 -0.0115 0.0542  -0.0016 383 HOH A O   
761 O  O   . HOH D .  ? 0.5654 0.5541 0.5528 0.0060  -0.0089 0.0202  384 HOH A O   
762 O  O   . HOH D .  ? 0.6380 0.6229 0.6484 -0.0068 -0.0010 -0.0060 385 HOH A O   
763 O  O   . HOH D .  ? 0.5545 0.5240 0.5917 0.0090  -0.0075 -0.0140 386 HOH A O   
764 O  O   . HOH D .  ? 0.4745 0.5345 0.5105 -0.0267 0.0108  -0.0099 387 HOH A O   
765 O  O   . HOH D .  ? 0.4331 0.4479 0.4110 0.0375  -0.0132 -0.0138 388 HOH A O   
766 O  O   . HOH D .  ? 0.4926 0.4878 0.4957 -0.0226 -0.0064 0.0068  389 HOH A O   
767 O  O   . HOH D .  ? 0.5359 0.5506 0.5612 0.0114  0.0065  0.0010  390 HOH A O   
768 O  O   . HOH D .  ? 0.5231 0.4548 0.4529 -0.0094 -0.0304 -0.0074 391 HOH A O   
769 O  O   . HOH D .  ? 0.3987 0.4294 0.4111 -0.0218 0.0052  -0.0166 392 HOH A O   
770 O  O   . HOH D .  ? 0.4707 0.4802 0.4595 -0.0080 0.0046  -0.0136 393 HOH A O   
771 O  O   . HOH D .  ? 0.3861 0.3736 0.4459 -0.0316 0.0557  -0.0352 394 HOH A O   
772 O  O   . HOH D .  ? 0.5326 0.5424 0.5221 -0.0073 -0.0112 -0.0119 395 HOH A O   
773 O  O   . HOH D .  ? 0.6169 0.6162 0.5802 0.0032  -0.0394 0.0000  396 HOH A O   
774 O  O   . HOH D .  ? 0.4843 0.5260 0.5023 -0.0155 -0.0105 -0.0012 397 HOH A O   
775 O  O   . HOH D .  ? 0.5001 0.4299 0.4990 0.0126  -0.0242 -0.0376 398 HOH A O   
776 O  O   . HOH D .  ? 0.4380 0.3959 0.3961 -0.0054 -0.0027 0.0371  399 HOH A O   
777 O  O   . HOH D .  ? 0.5116 0.5043 0.4947 0.0112  -0.0169 -0.0206 400 HOH A O   
778 O  O   . HOH D .  ? 0.3451 0.2839 0.3469 -0.0005 -0.0540 0.0081  401 HOH A O   
779 O  O   . HOH D .  ? 0.2903 0.2369 0.2406 -0.0013 -0.0119 0.0085  402 HOH A O   
780 O  O   . HOH D .  ? 0.2125 0.2738 0.2233 0.0143  -0.0385 0.0126  403 HOH A O   
781 O  O   . HOH D .  ? 0.2450 0.2606 0.2576 -0.0090 0.0021  -0.0176 404 HOH A O   
782 O  O   . HOH D .  ? 0.2759 0.2481 0.2328 -0.0186 -0.0362 -0.0040 405 HOH A O   
783 O  O   . HOH D .  ? 0.3088 0.2843 0.2243 0.0044  0.0050  0.0343  406 HOH A O   
784 O  O   . HOH D .  ? 0.3533 0.3334 0.3154 -0.0046 -0.0108 0.0288  407 HOH A O   
785 O  O   . HOH D .  ? 0.3209 0.3946 0.1916 -0.0019 -0.0413 0.0029  408 HOH A O   
786 O  O   . HOH D .  ? 0.3960 0.4597 0.4332 -0.0200 0.0456  -0.0221 409 HOH A O   
787 O  O   . HOH D .  ? 0.4876 0.4370 0.5016 -0.0064 -0.0065 0.0208  410 HOH A O   
788 O  O   . HOH D .  ? 0.4545 0.3370 0.4698 -0.0126 0.0203  -0.0389 411 HOH A O   
789 O  O   . HOH D .  ? 0.5080 0.4545 0.4454 0.0002  0.0141  0.0116  412 HOH A O   
790 O  O   . HOH D .  ? 0.5728 0.5825 0.5486 0.0158  -0.0185 -0.0036 413 HOH A O   
791 O  O   . HOH D .  ? 0.5392 0.5789 0.5577 -0.0172 -0.0051 0.0171  414 HOH A O   
792 O  O   . HOH D .  ? 0.2531 0.2107 0.1942 0.0052  -0.0486 -0.0098 415 HOH A O   
793 O  O   . HOH D .  ? 0.3180 0.2533 0.2890 -0.0309 -0.0014 0.0118  416 HOH A O   
794 O  O   . HOH D .  ? 0.3350 0.3456 0.3268 -0.0642 -0.0070 -0.0317 417 HOH A O   
795 O  O   . HOH D .  ? 0.3476 0.3800 0.3606 -0.0177 -0.0168 -0.0298 418 HOH A O   
796 O  O   . HOH D .  ? 0.4380 0.4954 0.5012 -0.0020 0.0791  0.0172  419 HOH A O   
797 O  O   . HOH D .  ? 0.5796 0.5446 0.5823 -0.0048 0.0088  -0.0212 420 HOH A O   
798 O  O   . HOH D .  ? 0.5759 0.5098 0.5212 -0.0044 -0.0163 0.0058  421 HOH A O   
799 O  O   . HOH D .  ? 0.6443 0.6112 0.6508 0.0033  0.0015  -0.0036 422 HOH A O   
800 O  O   . HOH D .  ? 0.2518 0.2368 0.3047 0.0178  0.0309  -0.0237 423 HOH A O   
801 O  O   . HOH D .  ? 0.3415 0.3005 0.2162 -0.0167 -0.0175 -0.0378 424 HOH A O   
802 O  O   . HOH D .  ? 0.3719 0.2664 0.2366 0.0274  -0.0526 0.0101  425 HOH A O   
803 O  O   . HOH D .  ? 0.3872 0.3000 0.2506 -0.0106 -0.0194 0.0033  426 HOH A O   
804 O  O   . HOH D .  ? 0.3892 0.3075 0.2747 0.0225  -0.0178 -0.0079 427 HOH A O   
805 O  O   . HOH D .  ? 0.4465 0.3017 0.2852 0.0122  -0.0472 -0.0184 428 HOH A O   
806 O  O   . HOH D .  ? 0.3496 0.3285 0.3637 -0.0271 -0.0791 0.0091  429 HOH A O   
807 O  O   . HOH D .  ? 0.4180 0.2726 0.3443 0.0037  0.0550  -0.0113 430 HOH A O   
808 O  O   . HOH D .  ? 0.4377 0.3849 0.3503 -0.0028 -0.0033 0.0224  431 HOH A O   
809 O  O   . HOH D .  ? 0.5121 0.4142 0.3958 0.0088  -0.0387 0.0099  432 HOH A O   
810 O  O   . HOH D .  ? 0.4024 0.4048 0.4790 -0.0093 -0.0477 0.0259  433 HOH A O   
811 O  O   . HOH D .  ? 0.5257 0.5526 0.5809 -0.0064 -0.0126 0.0022  434 HOH A O   
812 O  O   . HOH D .  ? 0.5462 0.5486 0.5098 0.0122  -0.0152 0.0069  435 HOH A O   
813 O  O   . HOH D .  ? 0.5023 0.5217 0.4724 0.0015  -0.0252 0.0048  436 HOH A O   
814 O  O   . HOH D .  ? 0.5106 0.4621 0.4634 -0.0180 0.0060  -0.0163 437 HOH A O   
815 O  O   . HOH D .  ? 0.4916 0.4266 0.4513 -0.0137 -0.0164 -0.0049 438 HOH A O   
816 O  O   . HOH D .  ? 0.4715 0.3563 0.3993 -0.0475 -0.0256 -0.0274 439 HOH A O   
817 O  O   . HOH D .  ? 0.4892 0.5420 0.5002 0.0087  -0.0143 0.0111  440 HOH A O   
818 O  O   A HOH D .  ? 0.3031 0.3335 0.3049 0.0025  0.0173  0.0013  441 HOH A O   
819 O  O   B HOH D .  ? 0.3804 0.3553 0.3549 0.0136  0.0199  -0.0131 441 HOH A O   
820 O  O   . HOH D .  ? 0.6232 0.6348 0.6275 0.0225  0.0071  -0.0084 442 HOH A O   
821 O  O   A HOH D .  ? 0.3564 0.3394 0.3345 -0.0090 -0.0065 -0.0011 443 HOH A O   
822 O  O   B HOH D .  ? 0.3442 0.3519 0.3087 -0.0005 -0.0373 -0.0098 443 HOH A O   
823 O  O   . HOH D .  ? 0.5648 0.5612 0.5490 -0.0035 0.0003  0.0095  444 HOH A O   
824 O  O   . HOH D .  ? 0.4883 0.4668 0.5490 -0.0430 0.0188  0.0115  445 HOH A O   
825 O  O   . HOH D .  ? 0.4823 0.4979 0.5417 -0.0316 0.0122  -0.0095 446 HOH A O   
826 O  O   . HOH D .  ? 0.5066 0.4814 0.5415 0.0276  -0.0322 -0.0348 447 HOH A O   
827 O  O   . HOH D .  ? 0.4766 0.4672 0.4119 0.0049  -0.0208 0.0160  448 HOH A O   
# 
